data_6J4I
#
_entry.id   6J4I
#
_entity_poly.entity_id   1
_entity_poly.type   'polypeptide(L)'
_entity_poly.pdbx_seq_one_letter_code
;RGSHHHHHHGSMSDQEAKPSTEDLGDKKEGEYIKLKVIGQDSSEIHFKVKMTTHLKKLKESYCQRQGVPMNSLRLLFEGQ
RIADNHTPKELGMEEEDVIEVYQEQTGG
;
_entity_poly.pdbx_strand_id   A
#
# COMPACT_ATOMS: atom_id res chain seq x y z
N MET A 12 20.49 10.52 13.90
CA MET A 12 21.88 10.10 13.55
C MET A 12 21.89 8.94 12.54
N SER A 13 22.52 9.17 11.38
CA SER A 13 22.61 8.16 10.32
C SER A 13 21.22 7.71 9.83
N ASP A 14 20.36 8.69 9.54
CA ASP A 14 19.01 8.40 9.06
C ASP A 14 18.90 8.61 7.55
N GLN A 15 18.03 7.82 6.92
CA GLN A 15 17.82 7.91 5.48
C GLN A 15 16.35 8.19 5.16
N GLU A 16 15.64 8.82 6.09
CA GLU A 16 14.23 9.13 5.90
C GLU A 16 14.00 10.64 5.83
N ALA A 17 13.13 11.05 4.91
CA ALA A 17 12.82 12.47 4.73
C ALA A 17 11.54 12.86 5.50
N LYS A 18 10.72 13.70 4.88
CA LYS A 18 9.47 14.15 5.51
C LYS A 18 8.27 13.33 5.01
N PRO A 19 7.55 12.67 5.93
CA PRO A 19 6.36 11.86 5.60
C PRO A 19 5.28 12.67 4.87
N SER A 20 4.95 12.22 3.65
CA SER A 20 3.94 12.91 2.85
C SER A 20 2.60 12.18 2.92
N THR A 21 1.70 12.68 3.78
CA THR A 21 0.38 12.07 3.94
C THR A 21 -0.54 12.44 2.77
N GLU A 22 -0.83 11.45 1.93
CA GLU A 22 -1.70 11.66 0.77
C GLU A 22 -3.18 11.79 1.19
N ASP A 23 -3.56 11.09 2.25
CA ASP A 23 -4.94 11.14 2.75
C ASP A 23 -4.98 10.95 4.26
N LEU A 24 -5.86 11.71 4.92
CA LEU A 24 -6.01 11.64 6.37
C LEU A 24 -7.47 11.85 6.80
N GLY A 25 -8.38 11.80 5.83
CA GLY A 25 -9.80 12.00 6.12
C GLY A 25 -10.69 11.00 5.42
N ASP A 26 -11.96 10.96 5.84
CA ASP A 26 -12.97 10.06 5.26
C ASP A 26 -12.57 8.58 5.42
N LYS A 27 -12.09 8.23 6.61
CA LYS A 27 -11.68 6.86 6.90
C LYS A 27 -12.87 5.92 7.06
N LYS A 28 -13.96 6.44 7.61
CA LYS A 28 -15.18 5.65 7.82
C LYS A 28 -16.20 5.91 6.71
N GLU A 29 -16.22 7.14 6.22
CA GLU A 29 -17.15 7.54 5.16
C GLU A 29 -16.53 7.34 3.77
N GLY A 30 -16.61 6.13 3.24
CA GLY A 30 -16.05 5.84 1.94
C GLY A 30 -16.33 4.41 1.48
N GLU A 31 -16.19 4.17 0.19
CA GLU A 31 -16.42 2.84 -0.37
C GLU A 31 -15.12 2.20 -0.84
N TYR A 32 -14.15 2.10 0.06
CA TYR A 32 -12.85 1.51 -0.26
C TYR A 32 -12.30 0.71 0.92
N ILE A 33 -11.49 -0.31 0.63
CA ILE A 33 -10.90 -1.13 1.67
C ILE A 33 -9.57 -0.55 2.16
N LYS A 34 -9.14 -0.97 3.34
CA LYS A 34 -7.88 -0.48 3.91
C LYS A 34 -6.80 -1.55 3.84
N LEU A 35 -5.74 -1.26 3.08
CA LEU A 35 -4.63 -2.20 2.91
C LEU A 35 -3.51 -1.93 3.91
N LYS A 36 -2.65 -2.93 4.12
CA LYS A 36 -1.53 -2.81 5.04
C LYS A 36 -0.23 -3.31 4.40
N VAL A 37 0.84 -2.56 4.62
CA VAL A 37 2.15 -2.94 4.07
C VAL A 37 3.12 -3.27 5.20
N ILE A 38 3.88 -4.35 5.05
CA ILE A 38 4.84 -4.77 6.07
C ILE A 38 6.27 -4.37 5.69
N GLY A 39 6.84 -3.42 6.44
CA GLY A 39 8.19 -2.98 6.18
C GLY A 39 9.23 -3.71 7.04
N GLN A 40 10.44 -3.85 6.51
CA GLN A 40 11.53 -4.54 7.23
C GLN A 40 11.92 -3.81 8.53
N ASP A 41 11.67 -2.51 8.59
CA ASP A 41 12.00 -1.72 9.76
C ASP A 41 10.87 -1.74 10.81
N SER A 42 10.07 -2.82 10.79
CA SER A 42 8.95 -2.99 11.73
C SER A 42 7.93 -1.86 11.59
N SER A 43 7.58 -1.54 10.36
CA SER A 43 6.61 -0.48 10.09
C SER A 43 5.36 -1.02 9.42
N GLU A 44 4.20 -0.61 9.93
CA GLU A 44 2.91 -1.04 9.39
C GLU A 44 2.06 0.16 8.99
N ILE A 45 1.89 0.36 7.69
CA ILE A 45 1.10 1.49 7.18
C ILE A 45 -0.26 1.02 6.63
N HIS A 46 -1.32 1.75 7.01
CA HIS A 46 -2.67 1.43 6.56
C HIS A 46 -3.20 2.55 5.66
N PHE A 47 -3.56 2.18 4.43
CA PHE A 47 -4.08 3.17 3.47
C PHE A 47 -5.35 2.65 2.79
N LYS A 48 -6.23 3.57 2.42
CA LYS A 48 -7.49 3.23 1.74
C LYS A 48 -7.31 3.16 0.23
N VAL A 49 -7.94 2.16 -0.39
CA VAL A 49 -7.86 1.99 -1.84
C VAL A 49 -8.96 1.05 -2.36
N LYS A 50 -9.25 1.13 -3.66
CA LYS A 50 -10.26 0.28 -4.27
C LYS A 50 -9.62 -0.94 -4.93
N MET A 51 -10.42 -1.99 -5.14
CA MET A 51 -9.93 -3.23 -5.74
C MET A 51 -9.67 -3.08 -7.26
N THR A 52 -10.14 -1.98 -7.86
CA THR A 52 -9.94 -1.75 -9.29
C THR A 52 -8.94 -0.61 -9.56
N THR A 53 -8.07 -0.34 -8.60
CA THR A 53 -7.07 0.73 -8.72
C THR A 53 -5.72 0.19 -9.20
N HIS A 54 -4.89 1.09 -9.76
CA HIS A 54 -3.56 0.73 -10.25
C HIS A 54 -2.62 0.38 -9.09
N LEU A 55 -1.67 -0.52 -9.33
CA LEU A 55 -0.74 -0.94 -8.28
C LEU A 55 0.33 0.10 -7.93
N LYS A 56 0.57 1.09 -8.82
CA LYS A 56 1.58 2.11 -8.55
C LYS A 56 1.16 3.00 -7.37
N LYS A 57 -0.14 3.19 -7.19
CA LYS A 57 -0.67 4.00 -6.10
C LYS A 57 -0.41 3.35 -4.75
N LEU A 58 -0.40 2.02 -4.73
CA LEU A 58 -0.15 1.27 -3.50
C LEU A 58 1.31 1.44 -3.03
N LYS A 59 2.24 1.29 -3.98
CA LYS A 59 3.66 1.44 -3.67
C LYS A 59 4.04 2.89 -3.37
N GLU A 60 3.54 3.81 -4.20
CA GLU A 60 3.83 5.25 -4.03
C GLU A 60 3.35 5.78 -2.68
N SER A 61 2.20 5.29 -2.21
CA SER A 61 1.65 5.75 -0.93
C SER A 61 2.49 5.25 0.23
N TYR A 62 2.90 3.99 0.15
CA TYR A 62 3.73 3.37 1.19
C TYR A 62 5.08 4.07 1.33
N CYS A 63 5.73 4.42 0.21
CA CYS A 63 7.03 5.08 0.25
C CYS A 63 6.90 6.54 0.68
N GLN A 64 5.76 7.13 0.35
CA GLN A 64 5.48 8.52 0.70
C GLN A 64 5.34 8.72 2.21
N ARG A 65 4.67 7.78 2.86
CA ARG A 65 4.47 7.86 4.31
C ARG A 65 5.78 7.69 5.07
N GLN A 66 6.64 6.79 4.58
CA GLN A 66 7.94 6.54 5.22
C GLN A 66 8.94 7.66 4.90
N GLY A 67 9.00 8.06 3.63
CA GLY A 67 9.92 9.11 3.22
C GLY A 67 11.27 8.56 2.80
N VAL A 68 11.26 7.42 2.13
CA VAL A 68 12.50 6.77 1.68
C VAL A 68 12.52 6.62 0.15
N PRO A 69 13.73 6.49 -0.44
CA PRO A 69 13.89 6.35 -1.90
C PRO A 69 13.23 5.07 -2.43
N MET A 70 12.69 5.17 -3.64
CA MET A 70 12.03 4.03 -4.28
C MET A 70 13.01 2.91 -4.63
N ASN A 71 14.26 3.28 -4.88
CA ASN A 71 15.31 2.31 -5.23
C ASN A 71 16.03 1.79 -3.98
N SER A 72 15.30 1.72 -2.86
CA SER A 72 15.88 1.24 -1.61
C SER A 72 15.12 0.02 -1.08
N LEU A 73 13.83 -0.07 -1.40
CA LEU A 73 13.01 -1.19 -0.95
C LEU A 73 12.22 -1.81 -2.11
N ARG A 74 12.22 -3.13 -2.18
CA ARG A 74 11.50 -3.85 -3.24
C ARG A 74 10.22 -4.48 -2.72
N LEU A 75 9.11 -4.17 -3.36
CA LEU A 75 7.80 -4.71 -2.97
C LEU A 75 7.41 -5.88 -3.86
N LEU A 76 7.11 -7.02 -3.23
CA LEU A 76 6.72 -8.23 -3.98
C LEU A 76 5.59 -8.99 -3.29
N PHE A 77 4.86 -9.79 -4.06
CA PHE A 77 3.75 -10.57 -3.53
C PHE A 77 3.76 -12.00 -4.08
N GLU A 78 3.89 -12.98 -3.16
CA GLU A 78 3.92 -14.41 -3.48
C GLU A 78 5.01 -14.80 -4.51
N GLY A 79 5.99 -13.92 -4.69
CA GLY A 79 7.07 -14.20 -5.63
C GLY A 79 6.94 -13.46 -6.95
N GLN A 80 5.86 -12.72 -7.14
CA GLN A 80 5.65 -11.98 -8.38
C GLN A 80 6.00 -10.49 -8.23
N ARG A 81 6.35 -9.87 -9.35
CA ARG A 81 6.72 -8.46 -9.37
C ARG A 81 5.48 -7.55 -9.56
N ILE A 82 5.41 -6.48 -8.77
CA ILE A 82 4.29 -5.55 -8.86
C ILE A 82 4.64 -4.31 -9.67
N ALA A 83 3.98 -4.15 -10.82
CA ALA A 83 4.19 -3.01 -11.70
C ALA A 83 3.18 -1.89 -11.44
N ASP A 84 2.95 -1.06 -12.46
CA ASP A 84 2.01 0.07 -12.36
C ASP A 84 0.63 -0.28 -12.94
N ASN A 85 0.61 -0.80 -14.17
CA ASN A 85 -0.64 -1.15 -14.85
C ASN A 85 -1.19 -2.51 -14.40
N HIS A 86 -0.89 -2.90 -13.17
CA HIS A 86 -1.36 -4.17 -12.63
C HIS A 86 -2.64 -3.98 -11.81
N THR A 87 -3.41 -5.03 -11.69
CA THR A 87 -4.65 -5.00 -10.91
C THR A 87 -4.61 -6.05 -9.79
N PRO A 88 -5.17 -5.73 -8.61
CA PRO A 88 -5.19 -6.65 -7.46
C PRO A 88 -5.86 -7.99 -7.79
N LYS A 89 -6.90 -7.94 -8.62
CA LYS A 89 -7.63 -9.15 -9.03
C LYS A 89 -6.76 -10.05 -9.92
N GLU A 90 -5.75 -9.47 -10.56
CA GLU A 90 -4.86 -10.21 -11.44
C GLU A 90 -3.71 -10.84 -10.65
N LEU A 91 -3.15 -10.07 -9.71
CA LEU A 91 -2.04 -10.54 -8.89
C LEU A 91 -2.50 -11.56 -7.82
N GLY A 92 -3.80 -11.59 -7.54
CA GLY A 92 -4.31 -12.51 -6.54
C GLY A 92 -4.39 -11.91 -5.14
N MET A 93 -4.70 -10.62 -5.07
CA MET A 93 -4.81 -9.93 -3.79
C MET A 93 -6.19 -10.15 -3.17
N GLU A 94 -6.20 -10.56 -1.91
CA GLU A 94 -7.45 -10.82 -1.19
C GLU A 94 -7.73 -9.71 -0.17
N GLU A 95 -8.83 -9.87 0.58
CA GLU A 95 -9.25 -8.92 1.63
C GLU A 95 -8.10 -8.18 2.34
N GLU A 96 -7.09 -8.92 2.81
CA GLU A 96 -5.95 -8.30 3.52
C GLU A 96 -5.15 -7.34 2.64
N ASP A 97 -4.93 -7.71 1.37
CA ASP A 97 -4.19 -6.86 0.41
C ASP A 97 -2.78 -6.49 0.92
N VAL A 98 -2.26 -7.25 1.88
CA VAL A 98 -0.95 -6.97 2.47
C VAL A 98 0.20 -7.44 1.58
N ILE A 99 1.13 -6.52 1.31
CA ILE A 99 2.31 -6.82 0.49
C ILE A 99 3.58 -6.87 1.33
N GLU A 100 4.57 -7.63 0.87
CA GLU A 100 5.83 -7.76 1.60
C GLU A 100 6.93 -6.93 0.93
N VAL A 101 7.73 -6.24 1.74
CA VAL A 101 8.81 -5.41 1.22
C VAL A 101 10.18 -5.91 1.69
N TYR A 102 11.16 -5.84 0.79
CA TYR A 102 12.53 -6.27 1.10
C TYR A 102 13.51 -5.11 0.90
N GLN A 103 14.43 -4.94 1.83
CA GLN A 103 15.42 -3.87 1.75
C GLN A 103 16.57 -4.23 0.80
N GLU A 104 16.67 -3.48 -0.29
CA GLU A 104 17.72 -3.72 -1.29
C GLU A 104 18.15 -2.40 -1.93
N GLN A 105 19.06 -1.69 -1.26
CA GLN A 105 19.55 -0.40 -1.75
C GLN A 105 20.48 -0.58 -2.96
N THR A 106 20.21 0.19 -4.02
CA THR A 106 21.01 0.12 -5.23
C THR A 106 22.34 0.87 -5.06
N GLY A 107 23.35 0.16 -4.58
CA GLY A 107 24.66 0.76 -4.37
C GLY A 107 24.80 1.40 -3.00
N GLY A 108 24.10 2.50 -2.78
CA GLY A 108 24.17 3.19 -1.49
C GLY A 108 23.71 4.64 -1.57
N MET A 12 25.14 10.23 7.86
CA MET A 12 25.29 10.26 9.34
C MET A 12 24.87 8.93 9.99
N SER A 13 25.49 8.60 11.11
CA SER A 13 25.18 7.35 11.83
C SER A 13 23.99 7.54 12.78
N ASP A 14 22.79 7.29 12.27
CA ASP A 14 21.58 7.43 13.06
C ASP A 14 20.78 6.12 13.11
N GLN A 15 21.34 5.13 13.79
CA GLN A 15 20.68 3.82 13.92
C GLN A 15 19.60 3.84 15.00
N GLU A 16 18.37 4.11 14.58
CA GLU A 16 17.24 4.17 15.50
C GLU A 16 16.52 2.82 15.59
N ALA A 17 15.88 2.57 16.73
CA ALA A 17 15.16 1.32 16.94
C ALA A 17 13.70 1.41 16.45
N LYS A 18 13.09 0.26 16.23
CA LYS A 18 11.71 0.21 15.76
C LYS A 18 10.72 0.53 16.88
N PRO A 19 9.76 1.44 16.61
CA PRO A 19 8.76 1.85 17.60
C PRO A 19 7.71 0.76 17.88
N SER A 20 7.34 0.62 19.15
CA SER A 20 6.35 -0.38 19.55
C SER A 20 4.93 0.15 19.36
N THR A 21 4.37 -0.04 18.17
CA THR A 21 3.02 0.42 17.86
C THR A 21 1.97 -0.56 18.37
N GLU A 22 1.43 -0.28 19.56
CA GLU A 22 0.41 -1.14 20.16
C GLU A 22 -0.98 -0.82 19.60
N ASP A 23 -1.24 -1.26 18.38
CA ASP A 23 -2.52 -1.03 17.73
C ASP A 23 -3.24 -2.34 17.41
N LEU A 24 -4.53 -2.40 17.70
CA LEU A 24 -5.31 -3.61 17.45
C LEU A 24 -6.62 -3.28 16.71
N GLY A 25 -7.04 -4.17 15.82
CA GLY A 25 -8.26 -3.95 15.06
C GLY A 25 -8.02 -3.26 13.73
N ASP A 26 -8.58 -2.05 13.59
CA ASP A 26 -8.44 -1.25 12.37
C ASP A 26 -9.02 -1.97 11.14
N LYS A 27 -10.05 -2.78 11.37
CA LYS A 27 -10.70 -3.51 10.27
C LYS A 27 -11.89 -2.74 9.70
N LYS A 28 -12.62 -2.04 10.58
CA LYS A 28 -13.79 -1.24 10.19
C LYS A 28 -14.91 -2.12 9.60
N GLU A 29 -15.81 -1.48 8.86
CA GLU A 29 -16.93 -2.20 8.24
C GLU A 29 -17.38 -1.50 6.96
N GLY A 30 -17.57 -2.29 5.90
CA GLY A 30 -18.00 -1.72 4.63
C GLY A 30 -17.64 -2.61 3.45
N GLU A 31 -17.72 -2.06 2.24
CA GLU A 31 -17.41 -2.80 1.02
C GLU A 31 -16.06 -2.38 0.43
N TYR A 32 -15.27 -1.65 1.22
CA TYR A 32 -13.96 -1.19 0.79
C TYR A 32 -12.87 -2.21 1.10
N ILE A 33 -12.19 -2.67 0.07
CA ILE A 33 -11.12 -3.65 0.22
C ILE A 33 -9.77 -2.93 0.32
N LYS A 34 -9.52 -2.32 1.48
CA LYS A 34 -8.28 -1.57 1.73
C LYS A 34 -7.05 -2.47 1.72
N LEU A 35 -5.96 -1.97 1.14
CA LEU A 35 -4.71 -2.72 1.05
C LEU A 35 -3.78 -2.41 2.23
N LYS A 36 -2.93 -3.36 2.57
CA LYS A 36 -1.99 -3.20 3.68
C LYS A 36 -0.56 -3.54 3.26
N VAL A 37 0.38 -2.63 3.54
CA VAL A 37 1.78 -2.87 3.18
C VAL A 37 2.65 -2.95 4.44
N ILE A 38 3.43 -4.03 4.53
CA ILE A 38 4.31 -4.24 5.68
C ILE A 38 5.77 -3.94 5.34
N GLY A 39 6.35 -2.96 6.03
CA GLY A 39 7.74 -2.60 5.78
C GLY A 39 8.70 -3.32 6.72
N GLN A 40 9.98 -3.39 6.31
CA GLN A 40 11.01 -4.06 7.11
C GLN A 40 11.28 -3.34 8.44
N ASP A 41 10.93 -2.05 8.50
CA ASP A 41 11.14 -1.25 9.71
C ASP A 41 9.96 -1.39 10.69
N SER A 42 9.26 -2.52 10.61
CA SER A 42 8.11 -2.81 11.49
C SER A 42 7.02 -1.74 11.36
N SER A 43 6.77 -1.30 10.13
CA SER A 43 5.76 -0.28 9.86
C SER A 43 4.62 -0.83 9.01
N GLU A 44 3.39 -0.62 9.48
CA GLU A 44 2.21 -1.08 8.77
C GLU A 44 1.37 0.09 8.27
N ILE A 45 1.31 0.27 6.96
CA ILE A 45 0.54 1.36 6.37
C ILE A 45 -0.73 0.85 5.69
N HIS A 46 -1.86 1.45 6.05
CA HIS A 46 -3.15 1.06 5.48
C HIS A 46 -3.69 2.17 4.58
N PHE A 47 -4.01 1.81 3.34
CA PHE A 47 -4.53 2.78 2.37
C PHE A 47 -6.04 2.62 2.17
N LYS A 48 -6.77 3.74 2.26
CA LYS A 48 -8.22 3.71 2.09
C LYS A 48 -8.63 3.68 0.61
N VAL A 49 -8.26 2.59 -0.07
CA VAL A 49 -8.59 2.42 -1.48
C VAL A 49 -9.07 1.00 -1.75
N LYS A 50 -9.92 0.84 -2.75
CA LYS A 50 -10.46 -0.47 -3.11
C LYS A 50 -9.43 -1.27 -3.92
N MET A 51 -9.75 -2.54 -4.20
CA MET A 51 -8.86 -3.41 -4.97
C MET A 51 -8.78 -3.01 -6.44
N THR A 52 -9.82 -2.33 -6.96
CA THR A 52 -9.84 -1.91 -8.36
C THR A 52 -9.00 -0.66 -8.60
N THR A 53 -7.74 -0.69 -8.20
CA THR A 53 -6.84 0.45 -8.37
C THR A 53 -5.44 0.02 -8.83
N HIS A 54 -4.70 0.95 -9.42
CA HIS A 54 -3.34 0.66 -9.89
C HIS A 54 -2.34 0.80 -8.74
N LEU A 55 -1.25 0.03 -8.80
CA LEU A 55 -0.24 0.07 -7.74
C LEU A 55 0.54 1.40 -7.71
N LYS A 56 0.43 2.21 -8.77
CA LYS A 56 1.12 3.51 -8.85
C LYS A 56 0.86 4.39 -7.61
N LYS A 57 -0.41 4.51 -7.24
CA LYS A 57 -0.80 5.33 -6.09
C LYS A 57 -0.48 4.65 -4.76
N LEU A 58 -0.36 3.33 -4.78
CA LEU A 58 -0.06 2.56 -3.56
C LEU A 58 1.44 2.53 -3.25
N LYS A 59 2.22 2.06 -4.21
CA LYS A 59 3.68 1.94 -4.06
C LYS A 59 4.35 3.29 -3.79
N GLU A 60 3.97 4.31 -4.56
CA GLU A 60 4.55 5.66 -4.40
C GLU A 60 4.14 6.32 -3.09
N SER A 61 3.03 5.88 -2.50
CA SER A 61 2.54 6.46 -1.25
C SER A 61 3.24 5.84 -0.05
N TYR A 62 3.47 4.53 -0.12
CA TYR A 62 4.14 3.80 0.96
C TYR A 62 5.55 4.33 1.23
N CYS A 63 6.33 4.53 0.17
CA CYS A 63 7.71 5.02 0.30
C CYS A 63 7.77 6.43 0.91
N GLN A 64 6.77 7.26 0.58
CA GLN A 64 6.72 8.63 1.09
C GLN A 64 6.45 8.65 2.59
N ARG A 65 5.80 7.59 3.11
CA ARG A 65 5.49 7.49 4.53
C ARG A 65 6.75 7.14 5.33
N GLN A 66 7.58 6.27 4.76
CA GLN A 66 8.83 5.86 5.41
C GLN A 66 9.90 6.96 5.30
N GLY A 67 10.04 7.53 4.11
CA GLY A 67 11.04 8.58 3.90
C GLY A 67 12.26 8.09 3.15
N VAL A 68 12.05 7.14 2.24
CA VAL A 68 13.15 6.57 1.46
C VAL A 68 12.81 6.57 -0.05
N PRO A 69 13.84 6.57 -0.91
CA PRO A 69 13.64 6.56 -2.37
C PRO A 69 12.89 5.34 -2.88
N MET A 70 12.18 5.49 -3.99
CA MET A 70 11.41 4.39 -4.58
C MET A 70 12.31 3.24 -5.06
N ASN A 71 13.50 3.58 -5.56
CA ASN A 71 14.44 2.58 -6.05
C ASN A 71 15.37 2.09 -4.94
N SER A 72 14.80 1.83 -3.76
CA SER A 72 15.57 1.35 -2.62
C SER A 72 14.99 0.06 -2.05
N LEU A 73 13.68 -0.14 -2.24
CA LEU A 73 13.02 -1.35 -1.74
C LEU A 73 12.18 -2.01 -2.83
N ARG A 74 11.98 -3.32 -2.70
CA ARG A 74 11.21 -4.08 -3.67
C ARG A 74 9.88 -4.56 -3.07
N LEU A 75 8.80 -4.41 -3.83
CA LEU A 75 7.47 -4.84 -3.37
C LEU A 75 7.07 -6.12 -4.11
N LEU A 76 6.82 -7.19 -3.34
CA LEU A 76 6.46 -8.48 -3.93
C LEU A 76 5.37 -9.20 -3.13
N PHE A 77 4.66 -10.11 -3.80
CA PHE A 77 3.60 -10.88 -3.17
C PHE A 77 3.66 -12.35 -3.58
N GLU A 78 3.77 -13.24 -2.58
CA GLU A 78 3.84 -14.70 -2.78
C GLU A 78 4.94 -15.13 -3.78
N GLY A 79 5.94 -14.28 -3.98
CA GLY A 79 7.03 -14.60 -4.89
C GLY A 79 6.89 -13.88 -6.23
N GLN A 80 5.75 -13.25 -6.46
CA GLN A 80 5.52 -12.52 -7.71
C GLN A 80 5.86 -11.04 -7.55
N ARG A 81 6.48 -10.46 -8.58
CA ARG A 81 6.85 -9.05 -8.56
C ARG A 81 5.62 -8.16 -8.72
N ILE A 82 5.62 -7.01 -8.05
CA ILE A 82 4.48 -6.09 -8.12
C ILE A 82 4.81 -4.84 -8.93
N ALA A 83 4.17 -4.73 -10.08
CA ALA A 83 4.34 -3.58 -10.97
C ALA A 83 3.28 -2.51 -10.68
N ASP A 84 3.62 -1.25 -10.94
CA ASP A 84 2.74 -0.13 -10.70
C ASP A 84 1.51 -0.14 -11.63
N ASN A 85 1.68 -0.69 -12.83
CA ASN A 85 0.58 -0.77 -13.80
C ASN A 85 -0.24 -2.05 -13.61
N HIS A 86 -0.25 -2.58 -12.39
CA HIS A 86 -0.99 -3.80 -12.07
C HIS A 86 -2.06 -3.54 -11.02
N THR A 87 -2.99 -4.48 -10.89
CA THR A 87 -4.06 -4.38 -9.90
C THR A 87 -4.10 -5.64 -9.04
N PRO A 88 -4.48 -5.52 -7.74
CA PRO A 88 -4.56 -6.67 -6.82
C PRO A 88 -5.47 -7.78 -7.33
N LYS A 89 -6.56 -7.41 -7.99
CA LYS A 89 -7.51 -8.39 -8.53
C LYS A 89 -6.89 -9.21 -9.68
N GLU A 90 -5.93 -8.61 -10.39
CA GLU A 90 -5.25 -9.30 -11.49
C GLU A 90 -4.05 -10.09 -10.98
N LEU A 91 -3.38 -9.55 -9.96
CA LEU A 91 -2.21 -10.21 -9.35
C LEU A 91 -2.60 -11.43 -8.50
N GLY A 92 -3.87 -11.51 -8.11
CA GLY A 92 -4.32 -12.64 -7.30
C GLY A 92 -4.28 -12.37 -5.80
N MET A 93 -4.72 -11.18 -5.39
CA MET A 93 -4.75 -10.84 -3.97
C MET A 93 -6.09 -11.24 -3.35
N GLU A 94 -6.10 -11.36 -2.03
CA GLU A 94 -7.31 -11.78 -1.32
C GLU A 94 -7.61 -10.85 -0.14
N GLU A 95 -8.67 -11.19 0.60
CA GLU A 95 -9.14 -10.43 1.78
C GLU A 95 -8.02 -9.71 2.57
N GLU A 96 -6.96 -10.44 2.96
CA GLU A 96 -5.85 -9.84 3.72
C GLU A 96 -5.19 -8.68 2.96
N ASP A 97 -5.01 -8.85 1.65
CA ASP A 97 -4.42 -7.81 0.78
C ASP A 97 -3.07 -7.27 1.28
N VAL A 98 -2.41 -8.02 2.17
CA VAL A 98 -1.14 -7.58 2.74
C VAL A 98 0.05 -7.87 1.80
N ILE A 99 0.84 -6.82 1.54
CA ILE A 99 2.00 -6.91 0.66
C ILE A 99 3.30 -6.88 1.48
N GLU A 100 4.31 -7.60 1.02
CA GLU A 100 5.60 -7.64 1.72
C GLU A 100 6.66 -6.83 0.97
N VAL A 101 7.46 -6.07 1.72
CA VAL A 101 8.51 -5.24 1.14
C VAL A 101 9.90 -5.71 1.57
N TYR A 102 10.85 -5.69 0.63
CA TYR A 102 12.23 -6.10 0.91
C TYR A 102 13.20 -4.98 0.55
N GLN A 103 14.04 -4.59 1.50
CA GLN A 103 15.01 -3.52 1.27
C GLN A 103 16.23 -4.03 0.51
N GLU A 104 16.57 -3.33 -0.58
CA GLU A 104 17.71 -3.71 -1.40
C GLU A 104 18.53 -2.48 -1.81
N GLN A 105 19.10 -1.80 -0.82
CA GLN A 105 19.90 -0.60 -1.07
C GLN A 105 21.30 -0.97 -1.57
N THR A 106 21.53 -0.78 -2.87
CA THR A 106 22.83 -1.07 -3.46
C THR A 106 23.30 0.07 -4.37
N GLY A 107 24.60 0.34 -4.33
CA GLY A 107 25.17 1.40 -5.16
C GLY A 107 25.42 0.95 -6.59
N GLY A 108 24.33 0.63 -7.30
CA GLY A 108 24.45 0.18 -8.68
C GLY A 108 24.20 -1.32 -8.83
N MET A 12 3.66 45.01 25.26
CA MET A 12 2.57 44.74 24.29
C MET A 12 3.03 43.83 23.14
N SER A 13 2.13 43.00 22.63
CA SER A 13 2.45 42.09 21.54
C SER A 13 1.23 41.84 20.66
N ASP A 14 1.47 41.54 19.38
CA ASP A 14 0.39 41.27 18.44
C ASP A 14 0.02 39.79 18.42
N GLN A 15 0.87 38.97 19.04
CA GLN A 15 0.64 37.53 19.10
C GLN A 15 0.93 36.99 20.51
N GLU A 16 0.19 35.96 20.91
CA GLU A 16 0.37 35.36 22.23
C GLU A 16 0.41 33.83 22.14
N ALA A 17 -0.76 33.23 21.95
CA ALA A 17 -0.86 31.77 21.85
C ALA A 17 -1.98 31.36 20.89
N LYS A 18 -1.86 30.17 20.32
CA LYS A 18 -2.86 29.67 19.38
C LYS A 18 -3.51 28.38 19.91
N PRO A 19 -4.74 28.49 20.47
CA PRO A 19 -5.47 27.34 21.01
C PRO A 19 -6.16 26.50 19.93
N SER A 20 -5.37 25.97 19.01
CA SER A 20 -5.90 25.15 17.92
C SER A 20 -5.25 23.76 17.90
N THR A 21 -4.94 23.24 19.07
CA THR A 21 -4.32 21.92 19.20
C THR A 21 -5.36 20.80 19.20
N GLU A 22 -5.96 20.56 18.04
CA GLU A 22 -6.99 19.53 17.89
C GLU A 22 -6.82 18.78 16.57
N ASP A 23 -6.45 17.50 16.66
CA ASP A 23 -6.27 16.68 15.47
C ASP A 23 -7.42 15.68 15.30
N LEU A 24 -8.25 15.91 14.28
CA LEU A 24 -9.40 15.04 14.01
C LEU A 24 -9.54 14.75 12.52
N GLY A 25 -9.99 13.55 12.19
CA GLY A 25 -10.16 13.16 10.80
C GLY A 25 -11.35 12.25 10.57
N ASP A 26 -11.22 11.32 9.61
CA ASP A 26 -12.28 10.36 9.29
C ASP A 26 -13.56 11.06 8.81
N LYS A 27 -13.39 12.10 8.00
CA LYS A 27 -14.54 12.86 7.48
C LYS A 27 -15.10 12.23 6.21
N LYS A 28 -14.21 11.62 5.40
CA LYS A 28 -14.63 10.98 4.16
C LYS A 28 -15.12 9.55 4.41
N GLU A 29 -16.44 9.39 4.39
CA GLU A 29 -17.06 8.08 4.61
C GLU A 29 -17.59 7.50 3.30
N GLY A 30 -17.11 6.31 2.95
CA GLY A 30 -17.55 5.65 1.73
C GLY A 30 -17.09 4.21 1.65
N GLU A 31 -16.95 3.70 0.42
CA GLU A 31 -16.53 2.31 0.22
C GLU A 31 -15.07 2.24 -0.24
N TYR A 32 -14.20 1.81 0.67
CA TYR A 32 -12.77 1.66 0.36
C TYR A 32 -12.19 0.40 1.01
N ILE A 33 -11.16 -0.15 0.40
CA ILE A 33 -10.52 -1.36 0.90
C ILE A 33 -9.28 -1.02 1.71
N LYS A 34 -9.21 -1.53 2.93
CA LYS A 34 -8.08 -1.28 3.82
C LYS A 34 -6.89 -2.18 3.49
N LEU A 35 -6.05 -1.74 2.57
CA LEU A 35 -4.86 -2.50 2.16
C LEU A 35 -3.72 -2.27 3.15
N LYS A 36 -2.97 -3.32 3.44
CA LYS A 36 -1.86 -3.22 4.40
C LYS A 36 -0.52 -3.63 3.78
N VAL A 37 0.51 -2.82 4.04
CA VAL A 37 1.86 -3.09 3.55
C VAL A 37 2.83 -3.23 4.72
N ILE A 38 3.70 -4.25 4.67
CA ILE A 38 4.67 -4.49 5.74
C ILE A 38 6.09 -4.15 5.29
N GLY A 39 6.73 -3.23 6.02
CA GLY A 39 8.09 -2.83 5.69
C GLY A 39 9.14 -3.57 6.52
N GLN A 40 10.41 -3.46 6.11
CA GLN A 40 11.51 -4.13 6.82
C GLN A 40 11.71 -3.61 8.24
N ASP A 41 11.36 -2.35 8.47
CA ASP A 41 11.51 -1.75 9.80
C ASP A 41 10.30 -2.04 10.70
N SER A 42 9.62 -3.16 10.43
CA SER A 42 8.44 -3.57 11.21
C SER A 42 7.32 -2.52 11.14
N SER A 43 7.28 -1.79 10.02
CA SER A 43 6.27 -0.75 9.84
C SER A 43 5.05 -1.28 9.10
N GLU A 44 3.90 -1.21 9.76
CA GLU A 44 2.65 -1.67 9.17
C GLU A 44 1.72 -0.48 8.92
N ILE A 45 1.51 -0.14 7.66
CA ILE A 45 0.66 1.00 7.31
C ILE A 45 -0.62 0.54 6.60
N HIS A 46 -1.75 1.11 7.02
CA HIS A 46 -3.04 0.79 6.43
C HIS A 46 -3.52 1.89 5.49
N PHE A 47 -3.74 1.53 4.23
CA PHE A 47 -4.19 2.49 3.22
C PHE A 47 -5.62 2.19 2.76
N LYS A 48 -6.52 3.14 2.98
CA LYS A 48 -7.91 2.99 2.59
C LYS A 48 -8.12 3.49 1.16
N VAL A 49 -7.84 2.63 0.19
CA VAL A 49 -7.98 2.99 -1.22
C VAL A 49 -8.91 2.01 -1.95
N LYS A 50 -8.99 2.13 -3.27
CA LYS A 50 -9.82 1.26 -4.07
C LYS A 50 -8.99 0.16 -4.74
N MET A 51 -9.57 -1.01 -4.89
CA MET A 51 -8.87 -2.14 -5.52
C MET A 51 -8.89 -2.04 -7.05
N THR A 52 -9.74 -1.15 -7.59
CA THR A 52 -9.83 -0.95 -9.04
C THR A 52 -8.90 0.15 -9.52
N THR A 53 -7.70 0.22 -8.94
CA THR A 53 -6.73 1.23 -9.32
C THR A 53 -5.33 0.65 -9.48
N HIS A 54 -4.47 1.36 -10.19
CA HIS A 54 -3.09 0.92 -10.43
C HIS A 54 -2.26 0.93 -9.15
N LEU A 55 -1.28 0.04 -9.08
CA LEU A 55 -0.42 -0.07 -7.89
C LEU A 55 0.44 1.19 -7.65
N LYS A 56 0.56 2.07 -8.66
CA LYS A 56 1.34 3.30 -8.53
C LYS A 56 0.84 4.18 -7.38
N LYS A 57 -0.45 4.09 -7.07
CA LYS A 57 -1.03 4.89 -5.99
C LYS A 57 -0.74 4.26 -4.62
N LEU A 58 -0.63 2.94 -4.60
CA LEU A 58 -0.37 2.21 -3.35
C LEU A 58 1.13 2.17 -3.03
N LYS A 59 1.94 1.80 -4.01
CA LYS A 59 3.39 1.70 -3.84
C LYS A 59 4.02 3.04 -3.46
N GLU A 60 3.64 4.11 -4.17
CA GLU A 60 4.17 5.44 -3.89
C GLU A 60 3.71 5.97 -2.54
N SER A 61 2.51 5.56 -2.10
CA SER A 61 1.98 6.02 -0.82
C SER A 61 2.83 5.51 0.34
N TYR A 62 3.22 4.24 0.27
CA TYR A 62 4.05 3.62 1.30
C TYR A 62 5.42 4.32 1.40
N CYS A 63 6.01 4.67 0.27
CA CYS A 63 7.32 5.31 0.25
C CYS A 63 7.20 6.76 0.72
N GLN A 64 6.08 7.36 0.41
CA GLN A 64 5.78 8.74 0.78
C GLN A 64 5.59 8.88 2.29
N ARG A 65 4.91 7.91 2.90
CA ARG A 65 4.65 7.92 4.33
C ARG A 65 5.94 7.72 5.14
N GLN A 66 6.77 6.76 4.71
CA GLN A 66 8.04 6.49 5.40
C GLN A 66 9.10 7.55 5.11
N GLY A 67 9.21 7.96 3.84
CA GLY A 67 10.20 8.96 3.47
C GLY A 67 11.42 8.38 2.79
N VAL A 68 11.20 7.35 1.95
CA VAL A 68 12.29 6.70 1.24
C VAL A 68 11.96 6.54 -0.25
N PRO A 69 12.98 6.61 -1.13
CA PRO A 69 12.78 6.47 -2.58
C PRO A 69 12.55 5.01 -2.99
N MET A 70 11.88 4.82 -4.13
CA MET A 70 11.58 3.48 -4.63
C MET A 70 12.76 2.87 -5.40
N ASN A 71 13.97 3.35 -5.12
CA ASN A 71 15.18 2.86 -5.78
C ASN A 71 16.08 2.12 -4.78
N SER A 72 15.57 1.90 -3.57
CA SER A 72 16.33 1.21 -2.53
C SER A 72 15.59 -0.04 -2.04
N LEU A 73 14.27 -0.06 -2.19
CA LEU A 73 13.46 -1.19 -1.75
C LEU A 73 12.51 -1.67 -2.85
N ARG A 74 12.15 -2.95 -2.80
CA ARG A 74 11.25 -3.53 -3.79
C ARG A 74 10.00 -4.12 -3.12
N LEU A 75 8.88 -4.08 -3.82
CA LEU A 75 7.62 -4.61 -3.30
C LEU A 75 7.24 -5.91 -4.01
N LEU A 76 7.10 -6.99 -3.24
CA LEU A 76 6.76 -8.31 -3.80
C LEU A 76 5.78 -9.09 -2.92
N PHE A 77 5.09 -10.06 -3.52
CA PHE A 77 4.12 -10.89 -2.79
C PHE A 77 4.33 -12.37 -3.09
N GLU A 78 4.57 -13.16 -2.02
CA GLU A 78 4.78 -14.62 -2.09
C GLU A 78 5.77 -15.06 -3.19
N GLY A 79 6.75 -14.22 -3.48
CA GLY A 79 7.73 -14.56 -4.51
C GLY A 79 7.50 -13.90 -5.85
N GLN A 80 6.29 -13.39 -6.08
CA GLN A 80 5.97 -12.73 -7.34
C GLN A 80 6.13 -11.20 -7.23
N ARG A 81 6.62 -10.59 -8.30
CA ARG A 81 6.82 -9.15 -8.33
C ARG A 81 5.56 -8.43 -8.83
N ILE A 82 5.31 -7.24 -8.30
CA ILE A 82 4.13 -6.48 -8.69
C ILE A 82 4.51 -5.09 -9.21
N ALA A 83 4.19 -4.84 -10.48
CA ALA A 83 4.48 -3.55 -11.11
C ALA A 83 3.37 -2.53 -10.86
N ASP A 84 3.64 -1.27 -11.19
CA ASP A 84 2.68 -0.18 -11.00
C ASP A 84 1.46 -0.32 -11.92
N ASN A 85 1.59 -1.12 -12.97
CA ASN A 85 0.50 -1.35 -13.92
C ASN A 85 -0.37 -2.54 -13.52
N HIS A 86 -0.13 -3.10 -12.34
CA HIS A 86 -0.90 -4.25 -11.86
C HIS A 86 -2.11 -3.80 -11.06
N THR A 87 -3.11 -4.66 -10.99
CA THR A 87 -4.34 -4.38 -10.24
C THR A 87 -4.71 -5.55 -9.34
N PRO A 88 -5.06 -5.29 -8.07
CA PRO A 88 -5.42 -6.33 -7.10
C PRO A 88 -6.61 -7.18 -7.55
N LYS A 89 -7.56 -6.57 -8.25
CA LYS A 89 -8.74 -7.27 -8.74
C LYS A 89 -8.39 -8.21 -9.91
N GLU A 90 -7.27 -7.93 -10.58
CA GLU A 90 -6.83 -8.77 -11.70
C GLU A 90 -6.00 -9.94 -11.20
N LEU A 91 -5.14 -9.69 -10.20
CA LEU A 91 -4.30 -10.73 -9.62
C LEU A 91 -5.11 -11.70 -8.75
N GLY A 92 -6.32 -11.29 -8.35
CA GLY A 92 -7.17 -12.14 -7.53
C GLY A 92 -6.73 -12.18 -6.07
N MET A 93 -6.46 -11.01 -5.49
CA MET A 93 -6.02 -10.95 -4.10
C MET A 93 -7.12 -10.43 -3.17
N GLU A 94 -7.55 -11.29 -2.26
CA GLU A 94 -8.58 -10.93 -1.28
C GLU A 94 -8.12 -11.34 0.12
N GLU A 95 -8.19 -10.42 1.08
CA GLU A 95 -7.75 -10.66 2.48
C GLU A 95 -6.22 -10.77 2.56
N GLU A 96 -5.65 -11.64 1.72
CA GLU A 96 -4.20 -11.84 1.66
C GLU A 96 -3.51 -10.72 0.87
N ASP A 97 -4.27 -9.69 0.52
CA ASP A 97 -3.79 -8.53 -0.26
C ASP A 97 -2.67 -7.72 0.44
N VAL A 98 -2.05 -8.30 1.47
CA VAL A 98 -0.98 -7.63 2.19
C VAL A 98 0.36 -7.80 1.44
N ILE A 99 1.00 -6.69 1.11
CA ILE A 99 2.28 -6.73 0.38
C ILE A 99 3.48 -6.60 1.31
N GLU A 100 4.60 -7.19 0.90
CA GLU A 100 5.82 -7.13 1.70
C GLU A 100 6.93 -6.38 0.95
N VAL A 101 7.69 -5.57 1.69
CA VAL A 101 8.77 -4.79 1.11
C VAL A 101 10.14 -5.33 1.53
N TYR A 102 11.04 -5.44 0.57
CA TYR A 102 12.41 -5.93 0.84
C TYR A 102 13.45 -4.93 0.35
N GLN A 103 14.52 -4.77 1.12
CA GLN A 103 15.59 -3.85 0.76
C GLN A 103 16.54 -4.45 -0.28
N GLU A 104 17.00 -3.61 -1.20
CA GLU A 104 17.91 -4.07 -2.26
C GLU A 104 19.37 -3.85 -1.85
N GLN A 105 19.58 -2.89 -0.93
CA GLN A 105 20.92 -2.58 -0.45
C GLN A 105 20.94 -2.43 1.07
N THR A 106 22.14 -2.52 1.66
CA THR A 106 22.30 -2.40 3.10
C THR A 106 22.90 -1.05 3.47
N GLY A 107 22.08 -0.17 4.06
CA GLY A 107 22.56 1.14 4.45
C GLY A 107 21.48 2.21 4.37
N GLY A 108 21.07 2.57 3.16
CA GLY A 108 20.04 3.57 2.99
C GLY A 108 19.77 3.92 1.53
N MET A 12 4.59 -0.41 13.81
CA MET A 12 3.80 0.86 13.67
C MET A 12 4.65 2.11 14.01
N SER A 13 5.32 2.07 15.16
CA SER A 13 6.16 3.20 15.58
C SER A 13 7.53 3.17 14.90
N ASP A 14 7.64 3.90 13.79
CA ASP A 14 8.88 3.96 13.04
C ASP A 14 9.53 5.34 13.14
N GLN A 15 10.58 5.44 13.93
CA GLN A 15 11.30 6.72 14.10
C GLN A 15 12.41 6.85 13.06
N GLU A 16 12.02 7.09 11.81
CA GLU A 16 12.98 7.23 10.72
C GLU A 16 13.09 8.69 10.25
N ALA A 17 12.06 9.16 9.55
CA ALA A 17 12.05 10.53 9.05
C ALA A 17 10.91 11.35 9.67
N LYS A 18 10.91 12.65 9.39
CA LYS A 18 9.88 13.55 9.92
C LYS A 18 8.58 13.42 9.13
N PRO A 19 7.43 13.29 9.83
CA PRO A 19 6.12 13.15 9.20
C PRO A 19 5.56 14.48 8.67
N SER A 20 6.28 15.08 7.73
CA SER A 20 5.86 16.36 7.15
C SER A 20 5.68 16.24 5.63
N THR A 21 4.47 15.86 5.21
CA THR A 21 4.17 15.70 3.79
C THR A 21 2.66 15.72 3.54
N GLU A 22 2.26 15.57 2.28
CA GLU A 22 0.83 15.58 1.91
C GLU A 22 0.16 14.24 2.26
N ASP A 23 -0.98 14.33 2.94
CA ASP A 23 -1.72 13.13 3.34
C ASP A 23 -2.62 12.63 2.21
N LEU A 24 -3.09 11.40 2.34
CA LEU A 24 -3.95 10.79 1.33
C LEU A 24 -5.41 11.21 1.52
N GLY A 25 -6.18 11.16 0.43
CA GLY A 25 -7.59 11.53 0.49
C GLY A 25 -8.51 10.32 0.47
N ASP A 26 -9.01 9.98 -0.72
CA ASP A 26 -9.92 8.83 -0.90
C ASP A 26 -11.17 8.93 -0.01
N LYS A 27 -11.94 10.00 -0.19
CA LYS A 27 -13.16 10.22 0.59
C LYS A 27 -14.37 9.53 -0.05
N LYS A 28 -14.20 9.04 -1.28
CA LYS A 28 -15.28 8.37 -2.00
C LYS A 28 -15.41 6.91 -1.57
N GLU A 29 -16.49 6.60 -0.86
CA GLU A 29 -16.74 5.23 -0.39
C GLU A 29 -17.49 4.40 -1.43
N GLY A 30 -16.78 3.95 -2.45
CA GLY A 30 -17.40 3.15 -3.50
C GLY A 30 -16.59 1.91 -3.85
N GLU A 31 -16.87 0.80 -3.14
CA GLU A 31 -16.17 -0.48 -3.36
C GLU A 31 -14.67 -0.35 -3.08
N TYR A 32 -14.35 0.19 -1.90
CA TYR A 32 -12.95 0.36 -1.50
C TYR A 32 -12.58 -0.59 -0.37
N ILE A 33 -11.31 -0.99 -0.33
CA ILE A 33 -10.82 -1.90 0.72
C ILE A 33 -9.61 -1.32 1.44
N LYS A 34 -9.29 -1.89 2.59
CA LYS A 34 -8.15 -1.42 3.40
C LYS A 34 -6.97 -2.38 3.26
N LEU A 35 -5.91 -1.91 2.59
CA LEU A 35 -4.72 -2.72 2.39
C LEU A 35 -3.67 -2.48 3.48
N LYS A 36 -2.99 -3.54 3.89
CA LYS A 36 -1.95 -3.43 4.92
C LYS A 36 -0.62 -3.94 4.38
N VAL A 37 0.30 -3.01 4.16
CA VAL A 37 1.63 -3.34 3.63
C VAL A 37 2.70 -3.25 4.73
N ILE A 38 3.66 -4.17 4.70
CA ILE A 38 4.74 -4.17 5.69
C ILE A 38 6.02 -3.61 5.09
N GLY A 39 6.51 -2.51 5.67
CA GLY A 39 7.72 -1.87 5.18
C GLY A 39 8.99 -2.59 5.58
N GLN A 40 10.11 -2.19 4.99
CA GLN A 40 11.42 -2.81 5.26
C GLN A 40 11.86 -2.62 6.71
N ASP A 41 11.37 -1.57 7.37
CA ASP A 41 11.72 -1.29 8.76
C ASP A 41 10.65 -1.82 9.73
N SER A 42 9.91 -2.84 9.29
CA SER A 42 8.86 -3.47 10.11
C SER A 42 7.73 -2.47 10.48
N SER A 43 7.26 -1.71 9.49
CA SER A 43 6.18 -0.75 9.72
C SER A 43 4.94 -1.12 8.92
N GLU A 44 3.78 -1.05 9.56
CA GLU A 44 2.52 -1.38 8.91
C GLU A 44 1.83 -0.13 8.35
N ILE A 45 1.55 -0.13 7.05
CA ILE A 45 0.89 1.00 6.41
C ILE A 45 -0.53 0.63 5.98
N HIS A 46 -1.51 1.43 6.42
CA HIS A 46 -2.91 1.18 6.08
C HIS A 46 -3.38 2.15 5.00
N PHE A 47 -3.70 1.60 3.83
CA PHE A 47 -4.16 2.42 2.71
C PHE A 47 -5.55 1.97 2.23
N LYS A 48 -6.48 2.91 2.18
CA LYS A 48 -7.83 2.61 1.73
C LYS A 48 -8.02 3.05 0.26
N VAL A 49 -8.26 2.07 -0.61
CA VAL A 49 -8.43 2.36 -2.03
C VAL A 49 -9.27 1.28 -2.72
N LYS A 50 -9.72 1.57 -3.94
CA LYS A 50 -10.52 0.62 -4.71
C LYS A 50 -9.66 -0.49 -5.30
N MET A 51 -10.28 -1.65 -5.56
CA MET A 51 -9.56 -2.80 -6.10
C MET A 51 -9.17 -2.62 -7.58
N THR A 52 -9.75 -1.62 -8.24
CA THR A 52 -9.44 -1.36 -9.66
C THR A 52 -8.35 -0.29 -9.81
N THR A 53 -7.70 0.07 -8.71
CA THR A 53 -6.64 1.08 -8.74
C THR A 53 -5.27 0.45 -8.93
N HIS A 54 -4.35 1.21 -9.52
CA HIS A 54 -2.98 0.73 -9.77
C HIS A 54 -2.16 0.70 -8.48
N LEU A 55 -1.15 -0.16 -8.44
CA LEU A 55 -0.30 -0.29 -7.25
C LEU A 55 0.57 0.95 -6.99
N LYS A 56 0.73 1.83 -7.99
CA LYS A 56 1.54 3.03 -7.82
C LYS A 56 1.01 3.95 -6.72
N LYS A 57 -0.31 3.91 -6.48
CA LYS A 57 -0.93 4.73 -5.44
C LYS A 57 -0.57 4.22 -4.04
N LEU A 58 -0.41 2.90 -3.92
CA LEU A 58 -0.06 2.28 -2.64
C LEU A 58 1.43 2.44 -2.34
N LYS A 59 2.27 2.20 -3.35
CA LYS A 59 3.73 2.32 -3.20
C LYS A 59 4.15 3.77 -2.91
N GLU A 60 3.51 4.73 -3.58
CA GLU A 60 3.83 6.14 -3.38
C GLU A 60 3.44 6.62 -1.98
N SER A 61 2.36 6.07 -1.43
CA SER A 61 1.90 6.44 -0.10
C SER A 61 2.86 5.92 0.98
N TYR A 62 3.20 4.63 0.86
CA TYR A 62 4.12 3.98 1.80
C TYR A 62 5.49 4.69 1.83
N CYS A 63 5.94 5.16 0.66
CA CYS A 63 7.25 5.84 0.55
C CYS A 63 7.41 6.99 1.56
N GLN A 64 6.37 7.80 1.72
CA GLN A 64 6.41 8.94 2.66
C GLN A 64 6.52 8.45 4.10
N ARG A 65 5.86 7.34 4.41
CA ARG A 65 5.88 6.77 5.75
C ARG A 65 7.27 6.21 6.11
N GLN A 66 7.99 5.74 5.10
CA GLN A 66 9.34 5.19 5.31
C GLN A 66 10.42 6.29 5.25
N GLY A 67 10.39 7.10 4.19
CA GLY A 67 11.38 8.18 4.06
C GLY A 67 12.60 7.78 3.26
N VAL A 68 12.41 6.86 2.31
CA VAL A 68 13.52 6.39 1.46
C VAL A 68 13.14 6.49 -0.03
N PRO A 69 14.16 6.64 -0.90
CA PRO A 69 13.94 6.74 -2.36
C PRO A 69 13.14 5.57 -2.93
N MET A 70 12.21 5.88 -3.83
CA MET A 70 11.34 4.87 -4.45
C MET A 70 12.14 3.83 -5.25
N ASN A 71 13.26 4.24 -5.82
CA ASN A 71 14.10 3.35 -6.62
C ASN A 71 15.07 2.53 -5.75
N SER A 72 14.76 2.42 -4.45
CA SER A 72 15.61 1.67 -3.53
C SER A 72 14.82 0.59 -2.77
N LEU A 73 13.52 0.47 -3.07
CA LEU A 73 12.68 -0.52 -2.40
C LEU A 73 11.90 -1.37 -3.41
N ARG A 74 11.64 -2.63 -3.05
CA ARG A 74 10.90 -3.54 -3.91
C ARG A 74 9.83 -4.30 -3.14
N LEU A 75 8.61 -4.33 -3.67
CA LEU A 75 7.50 -5.04 -3.03
C LEU A 75 7.33 -6.44 -3.64
N LEU A 76 7.16 -7.44 -2.79
CA LEU A 76 7.00 -8.82 -3.26
C LEU A 76 5.95 -9.59 -2.45
N PHE A 77 5.39 -10.62 -3.07
CA PHE A 77 4.38 -11.47 -2.42
C PHE A 77 4.61 -12.93 -2.77
N GLU A 78 4.90 -13.74 -1.74
CA GLU A 78 5.15 -15.19 -1.87
C GLU A 78 6.20 -15.53 -2.94
N GLY A 79 7.15 -14.60 -3.17
CA GLY A 79 8.19 -14.83 -4.15
C GLY A 79 7.96 -14.10 -5.48
N GLN A 80 6.73 -13.66 -5.73
CA GLN A 80 6.41 -12.96 -6.97
C GLN A 80 6.46 -11.44 -6.77
N ARG A 81 6.91 -10.74 -7.80
CA ARG A 81 7.01 -9.28 -7.76
C ARG A 81 5.73 -8.64 -8.31
N ILE A 82 5.40 -7.46 -7.81
CA ILE A 82 4.19 -6.77 -8.25
C ILE A 82 4.53 -5.42 -8.91
N ALA A 83 4.10 -5.25 -10.16
CA ALA A 83 4.35 -4.03 -10.90
C ALA A 83 3.34 -2.93 -10.53
N ASP A 84 3.61 -1.70 -10.96
CA ASP A 84 2.75 -0.56 -10.67
C ASP A 84 1.44 -0.62 -11.45
N ASN A 85 1.47 -1.27 -12.62
CA ASN A 85 0.29 -1.40 -13.46
C ASN A 85 -0.55 -2.62 -13.08
N HIS A 86 -0.23 -3.23 -11.95
CA HIS A 86 -0.97 -4.41 -11.47
C HIS A 86 -2.12 -3.99 -10.55
N THR A 87 -3.18 -4.79 -10.55
CA THR A 87 -4.34 -4.53 -9.70
C THR A 87 -4.73 -5.80 -8.94
N PRO A 88 -5.29 -5.65 -7.72
CA PRO A 88 -5.72 -6.78 -6.89
C PRO A 88 -6.72 -7.69 -7.60
N LYS A 89 -7.59 -7.10 -8.43
CA LYS A 89 -8.59 -7.86 -9.18
C LYS A 89 -7.98 -8.63 -10.35
N GLU A 90 -6.77 -8.24 -10.76
CA GLU A 90 -6.08 -8.91 -11.85
C GLU A 90 -5.28 -10.09 -11.33
N LEU A 91 -4.55 -9.87 -10.24
CA LEU A 91 -3.75 -10.92 -9.62
C LEU A 91 -4.61 -11.92 -8.84
N GLY A 92 -5.85 -11.51 -8.50
CA GLY A 92 -6.73 -12.39 -7.75
C GLY A 92 -6.39 -12.43 -6.27
N MET A 93 -6.17 -11.26 -5.68
CA MET A 93 -5.82 -11.18 -4.26
C MET A 93 -6.97 -10.65 -3.40
N GLU A 94 -7.46 -11.50 -2.50
CA GLU A 94 -8.55 -11.13 -1.60
C GLU A 94 -8.17 -11.53 -0.17
N GLU A 95 -8.25 -10.57 0.76
CA GLU A 95 -7.88 -10.80 2.19
C GLU A 95 -6.37 -10.99 2.36
N GLU A 96 -5.79 -11.87 1.55
CA GLU A 96 -4.35 -12.15 1.58
C GLU A 96 -3.55 -11.05 0.85
N ASP A 97 -4.25 -9.98 0.46
CA ASP A 97 -3.67 -8.84 -0.27
C ASP A 97 -2.57 -8.09 0.53
N VAL A 98 -2.06 -8.71 1.58
CA VAL A 98 -1.00 -8.10 2.41
C VAL A 98 0.36 -8.30 1.74
N ILE A 99 0.97 -7.19 1.31
CA ILE A 99 2.26 -7.23 0.63
C ILE A 99 3.41 -6.83 1.55
N GLU A 100 4.60 -7.34 1.23
CA GLU A 100 5.80 -7.04 2.00
C GLU A 100 6.83 -6.29 1.14
N VAL A 101 7.42 -5.24 1.69
CA VAL A 101 8.41 -4.45 0.96
C VAL A 101 9.81 -4.61 1.54
N TYR A 102 10.80 -4.79 0.66
CA TYR A 102 12.19 -4.95 1.08
C TYR A 102 13.06 -3.87 0.44
N GLN A 103 14.20 -3.57 1.05
CA GLN A 103 15.11 -2.56 0.53
C GLN A 103 16.25 -3.18 -0.28
N GLU A 104 16.53 -2.59 -1.43
CA GLU A 104 17.60 -3.07 -2.30
C GLU A 104 18.67 -2.00 -2.48
N GLN A 105 19.19 -1.50 -1.37
CA GLN A 105 20.21 -0.46 -1.37
C GLN A 105 21.62 -1.06 -1.51
N THR A 106 22.20 -0.91 -2.69
CA THR A 106 23.54 -1.43 -2.97
C THR A 106 24.27 -0.59 -4.01
N GLY A 107 25.56 -0.37 -3.80
CA GLY A 107 26.35 0.42 -4.75
C GLY A 107 26.19 1.92 -4.54
N GLY A 108 25.12 2.48 -5.10
CA GLY A 108 24.86 3.91 -4.96
C GLY A 108 25.59 4.74 -6.02
N MET A 12 -46.92 0.12 -14.15
CA MET A 12 -47.59 0.84 -13.02
C MET A 12 -46.72 0.82 -11.74
N SER A 13 -46.31 -0.36 -11.31
CA SER A 13 -45.48 -0.52 -10.12
C SER A 13 -44.36 -1.53 -10.35
N ASP A 14 -43.24 -1.33 -9.68
CA ASP A 14 -42.09 -2.23 -9.82
C ASP A 14 -41.31 -2.33 -8.51
N GLN A 15 -40.68 -1.24 -8.10
CA GLN A 15 -39.89 -1.21 -6.87
C GLN A 15 -40.77 -0.89 -5.66
N GLU A 16 -41.19 -1.93 -4.95
CA GLU A 16 -42.04 -1.75 -3.76
C GLU A 16 -41.33 -2.21 -2.49
N ALA A 17 -40.02 -2.41 -2.59
CA ALA A 17 -39.22 -2.85 -1.45
C ALA A 17 -37.84 -2.18 -1.44
N LYS A 18 -37.42 -1.70 -0.27
CA LYS A 18 -36.13 -1.04 -0.14
C LYS A 18 -35.35 -1.60 1.07
N PRO A 19 -34.40 -2.53 0.82
CA PRO A 19 -33.59 -3.13 1.88
C PRO A 19 -32.58 -2.14 2.47
N SER A 20 -32.79 -1.75 3.72
CA SER A 20 -31.90 -0.82 4.39
C SER A 20 -31.17 -1.48 5.56
N THR A 21 -29.85 -1.42 5.54
CA THR A 21 -29.03 -2.01 6.60
C THR A 21 -28.97 -1.11 7.84
N GLU A 22 -30.14 -0.87 8.44
CA GLU A 22 -30.22 -0.01 9.64
C GLU A 22 -30.20 -0.85 10.93
N ASP A 23 -30.70 -2.08 10.86
CA ASP A 23 -30.72 -2.97 12.02
C ASP A 23 -29.34 -3.59 12.25
N LEU A 24 -28.55 -2.95 13.13
CA LEU A 24 -27.20 -3.41 13.46
C LEU A 24 -26.28 -3.40 12.23
N GLY A 25 -26.39 -2.34 11.43
CA GLY A 25 -25.57 -2.24 10.24
C GLY A 25 -24.87 -0.89 10.12
N ASP A 26 -25.52 0.05 9.43
CA ASP A 26 -24.98 1.40 9.24
C ASP A 26 -23.61 1.38 8.54
N LYS A 27 -23.53 0.65 7.42
CA LYS A 27 -22.29 0.53 6.66
C LYS A 27 -22.17 1.64 5.61
N LYS A 28 -23.29 2.31 5.32
CA LYS A 28 -23.34 3.39 4.33
C LYS A 28 -22.95 2.89 2.92
N GLU A 29 -21.71 3.14 2.52
CA GLU A 29 -21.22 2.71 1.21
C GLU A 29 -19.80 2.16 1.29
N GLY A 30 -19.70 0.84 1.41
CA GLY A 30 -18.39 0.20 1.49
C GLY A 30 -17.75 -0.04 0.13
N GLU A 31 -17.33 1.04 -0.52
CA GLU A 31 -16.70 0.95 -1.84
C GLU A 31 -15.18 0.81 -1.72
N TYR A 32 -14.62 1.41 -0.68
CA TYR A 32 -13.17 1.36 -0.45
C TYR A 32 -12.84 0.56 0.81
N ILE A 33 -11.70 -0.12 0.81
CA ILE A 33 -11.28 -0.92 1.95
C ILE A 33 -9.94 -0.45 2.52
N LYS A 34 -9.47 -1.11 3.56
CA LYS A 34 -8.20 -0.74 4.19
C LYS A 34 -7.06 -1.65 3.72
N LEU A 35 -6.25 -1.12 2.80
CA LEU A 35 -5.11 -1.87 2.27
C LEU A 35 -3.97 -1.89 3.28
N LYS A 36 -3.40 -3.07 3.53
CA LYS A 36 -2.32 -3.20 4.49
C LYS A 36 -1.00 -3.62 3.82
N VAL A 37 -0.01 -2.75 3.94
CA VAL A 37 1.32 -3.01 3.37
C VAL A 37 2.34 -3.18 4.48
N ILE A 38 3.16 -4.22 4.39
CA ILE A 38 4.19 -4.50 5.39
C ILE A 38 5.56 -4.02 4.91
N GLY A 39 6.10 -3.01 5.59
CA GLY A 39 7.40 -2.47 5.21
C GLY A 39 8.56 -3.35 5.64
N GLN A 40 9.76 -3.00 5.18
CA GLN A 40 10.97 -3.76 5.50
C GLN A 40 11.35 -3.65 6.98
N ASP A 41 10.81 -2.65 7.65
CA ASP A 41 11.09 -2.43 9.07
C ASP A 41 9.91 -2.87 9.96
N SER A 42 9.12 -3.81 9.44
CA SER A 42 7.93 -4.33 10.15
C SER A 42 6.89 -3.24 10.38
N SER A 43 6.84 -2.28 9.46
CA SER A 43 5.89 -1.17 9.56
C SER A 43 4.58 -1.51 8.84
N GLU A 44 3.46 -1.32 9.55
CA GLU A 44 2.15 -1.60 8.98
C GLU A 44 1.39 -0.30 8.66
N ILE A 45 1.24 -0.02 7.37
CA ILE A 45 0.54 1.19 6.95
C ILE A 45 -0.83 0.86 6.34
N HIS A 46 -1.83 1.66 6.69
CA HIS A 46 -3.19 1.45 6.20
C HIS A 46 -3.55 2.46 5.11
N PHE A 47 -3.94 1.95 3.95
CA PHE A 47 -4.32 2.81 2.82
C PHE A 47 -5.79 2.63 2.45
N LYS A 48 -6.53 3.73 2.41
CA LYS A 48 -7.96 3.67 2.08
C LYS A 48 -8.17 3.75 0.57
N VAL A 49 -8.14 2.59 -0.09
CA VAL A 49 -8.31 2.51 -1.55
C VAL A 49 -9.18 1.32 -1.95
N LYS A 50 -9.34 1.13 -3.26
CA LYS A 50 -10.15 0.02 -3.76
C LYS A 50 -9.24 -1.14 -4.19
N MET A 51 -9.85 -2.27 -4.58
CA MET A 51 -9.08 -3.45 -4.98
C MET A 51 -8.76 -3.42 -6.48
N THR A 52 -9.58 -2.72 -7.27
CA THR A 52 -9.39 -2.64 -8.71
C THR A 52 -8.69 -1.35 -9.12
N THR A 53 -7.49 -1.13 -8.59
CA THR A 53 -6.73 0.08 -8.91
C THR A 53 -5.25 -0.25 -9.15
N HIS A 54 -4.56 0.66 -9.84
CA HIS A 54 -3.13 0.47 -10.15
C HIS A 54 -2.27 0.56 -8.89
N LEU A 55 -1.19 -0.22 -8.84
CA LEU A 55 -0.31 -0.22 -7.67
C LEU A 55 0.49 1.08 -7.51
N LYS A 56 0.55 1.91 -8.56
CA LYS A 56 1.30 3.18 -8.48
C LYS A 56 0.77 4.08 -7.36
N LYS A 57 -0.52 3.98 -7.05
CA LYS A 57 -1.13 4.79 -6.00
C LYS A 57 -0.68 4.31 -4.61
N LEU A 58 -0.51 3.00 -4.48
CA LEU A 58 -0.07 2.39 -3.21
C LEU A 58 1.44 2.43 -3.05
N LYS A 59 2.17 2.01 -4.09
CA LYS A 59 3.63 1.96 -4.08
C LYS A 59 4.26 3.33 -3.82
N GLU A 60 3.80 4.36 -4.55
CA GLU A 60 4.34 5.71 -4.39
C GLU A 60 3.93 6.34 -3.05
N SER A 61 2.86 5.83 -2.44
CA SER A 61 2.38 6.35 -1.17
C SER A 61 3.20 5.79 0.00
N TYR A 62 3.44 4.48 -0.03
CA TYR A 62 4.22 3.81 1.03
C TYR A 62 5.60 4.45 1.22
N CYS A 63 6.28 4.79 0.12
CA CYS A 63 7.61 5.39 0.21
C CYS A 63 7.56 6.82 0.74
N GLN A 64 6.51 7.56 0.35
CA GLN A 64 6.35 8.94 0.80
C GLN A 64 6.00 9.00 2.30
N ARG A 65 5.32 7.97 2.80
CA ARG A 65 4.93 7.91 4.21
C ARG A 65 6.14 7.66 5.10
N GLN A 66 6.97 6.69 4.72
CA GLN A 66 8.17 6.36 5.48
C GLN A 66 9.30 7.38 5.27
N GLY A 67 9.47 7.83 4.02
CA GLY A 67 10.50 8.81 3.72
C GLY A 67 11.76 8.17 3.16
N VAL A 68 11.59 7.25 2.22
CA VAL A 68 12.72 6.55 1.61
C VAL A 68 12.59 6.51 0.08
N PRO A 69 13.74 6.60 -0.65
CA PRO A 69 13.74 6.56 -2.12
C PRO A 69 13.27 5.22 -2.68
N MET A 70 12.66 5.25 -3.86
CA MET A 70 12.14 4.03 -4.50
C MET A 70 13.22 3.27 -5.28
N ASN A 71 14.48 3.44 -4.90
CA ASN A 71 15.59 2.76 -5.56
C ASN A 71 16.37 1.88 -4.58
N SER A 72 15.79 1.64 -3.41
CA SER A 72 16.44 0.82 -2.38
C SER A 72 15.52 -0.32 -1.92
N LEU A 73 14.22 -0.12 -2.05
CA LEU A 73 13.24 -1.12 -1.64
C LEU A 73 12.45 -1.66 -2.84
N ARG A 74 11.96 -2.90 -2.70
CA ARG A 74 11.18 -3.53 -3.77
C ARG A 74 9.91 -4.17 -3.21
N LEU A 75 8.81 -4.01 -3.93
CA LEU A 75 7.51 -4.57 -3.52
C LEU A 75 7.24 -5.87 -4.27
N LEU A 76 6.97 -6.95 -3.52
CA LEU A 76 6.72 -8.26 -4.12
C LEU A 76 5.60 -9.03 -3.39
N PHE A 77 4.99 -9.98 -4.11
CA PHE A 77 3.92 -10.80 -3.55
C PHE A 77 4.03 -12.25 -3.98
N GLU A 78 4.10 -13.16 -3.00
CA GLU A 78 4.20 -14.61 -3.21
C GLU A 78 5.27 -15.02 -4.26
N GLY A 79 6.35 -14.23 -4.34
CA GLY A 79 7.41 -14.54 -5.29
C GLY A 79 7.38 -13.71 -6.56
N GLN A 80 6.25 -13.09 -6.86
CA GLN A 80 6.12 -12.27 -8.07
C GLN A 80 6.37 -10.80 -7.75
N ARG A 81 6.95 -10.08 -8.72
CA ARG A 81 7.24 -8.66 -8.56
C ARG A 81 5.97 -7.82 -8.77
N ILE A 82 5.90 -6.68 -8.10
CA ILE A 82 4.72 -5.81 -8.22
C ILE A 82 5.00 -4.59 -9.08
N ALA A 83 4.34 -4.53 -10.22
CA ALA A 83 4.47 -3.40 -11.15
C ALA A 83 3.39 -2.35 -10.89
N ASP A 84 3.66 -1.12 -11.32
CA ASP A 84 2.74 0.00 -11.15
C ASP A 84 1.46 -0.15 -11.99
N ASN A 85 1.53 -0.98 -13.02
CA ASN A 85 0.38 -1.20 -13.90
C ASN A 85 -0.38 -2.48 -13.53
N HIS A 86 -0.29 -2.89 -12.27
CA HIS A 86 -0.96 -4.09 -11.80
C HIS A 86 -2.02 -3.76 -10.73
N THR A 87 -2.93 -4.70 -10.51
CA THR A 87 -3.98 -4.52 -9.50
C THR A 87 -3.98 -5.72 -8.54
N PRO A 88 -4.32 -5.51 -7.26
CA PRO A 88 -4.38 -6.60 -6.26
C PRO A 88 -5.32 -7.73 -6.69
N LYS A 89 -6.41 -7.35 -7.35
CA LYS A 89 -7.40 -8.33 -7.83
C LYS A 89 -6.81 -9.26 -8.89
N GLU A 90 -5.96 -8.71 -9.77
CA GLU A 90 -5.33 -9.49 -10.83
C GLU A 90 -4.06 -10.19 -10.34
N LEU A 91 -3.40 -9.60 -9.35
CA LEU A 91 -2.17 -10.17 -8.78
C LEU A 91 -2.44 -11.41 -7.91
N GLY A 92 -3.70 -11.62 -7.54
CA GLY A 92 -4.06 -12.77 -6.74
C GLY A 92 -4.08 -12.49 -5.24
N MET A 93 -4.45 -11.27 -4.85
CA MET A 93 -4.52 -10.92 -3.43
C MET A 93 -5.95 -11.08 -2.92
N GLU A 94 -6.15 -12.06 -2.04
CA GLU A 94 -7.48 -12.33 -1.47
C GLU A 94 -7.44 -12.56 0.03
N GLU A 95 -8.55 -12.22 0.70
CA GLU A 95 -8.71 -12.38 2.15
C GLU A 95 -7.74 -11.54 2.98
N GLU A 96 -6.45 -11.69 2.72
CA GLU A 96 -5.44 -10.92 3.44
C GLU A 96 -5.13 -9.63 2.69
N ASP A 97 -5.09 -9.71 1.36
CA ASP A 97 -4.81 -8.55 0.50
C ASP A 97 -3.53 -7.77 0.94
N VAL A 98 -2.67 -8.42 1.72
CA VAL A 98 -1.45 -7.78 2.22
C VAL A 98 -0.31 -7.77 1.19
N ILE A 99 0.48 -6.71 1.23
CA ILE A 99 1.63 -6.56 0.32
C ILE A 99 2.93 -6.53 1.13
N GLU A 100 3.97 -7.20 0.63
CA GLU A 100 5.25 -7.25 1.34
C GLU A 100 6.34 -6.44 0.63
N VAL A 101 7.12 -5.70 1.40
CA VAL A 101 8.21 -4.89 0.88
C VAL A 101 9.56 -5.34 1.45
N TYR A 102 10.55 -5.50 0.58
CA TYR A 102 11.89 -5.90 1.02
C TYR A 102 12.93 -4.88 0.57
N GLN A 103 14.04 -4.81 1.30
CA GLN A 103 15.10 -3.85 0.97
C GLN A 103 16.29 -4.55 0.30
N GLU A 104 16.84 -3.92 -0.73
CA GLU A 104 17.99 -4.48 -1.45
C GLU A 104 19.24 -3.63 -1.18
N GLN A 105 19.48 -3.33 0.08
CA GLN A 105 20.64 -2.52 0.48
C GLN A 105 21.48 -3.23 1.53
N THR A 106 22.77 -2.90 1.60
CA THR A 106 23.68 -3.50 2.55
C THR A 106 24.37 -2.44 3.42
N GLY A 107 24.53 -2.75 4.70
CA GLY A 107 25.19 -1.81 5.61
C GLY A 107 26.71 -1.88 5.52
N GLY A 108 27.24 -1.51 4.37
CA GLY A 108 28.69 -1.55 4.16
C GLY A 108 29.13 -2.74 3.33
N MET A 12 -23.87 5.32 13.14
CA MET A 12 -22.66 5.96 12.52
C MET A 12 -22.96 7.39 12.05
N SER A 13 -22.66 8.37 12.89
CA SER A 13 -22.90 9.78 12.57
C SER A 13 -22.00 10.69 13.39
N ASP A 14 -21.74 11.89 12.87
CA ASP A 14 -20.89 12.87 13.57
C ASP A 14 -21.61 13.45 14.79
N GLN A 15 -22.94 13.37 14.79
CA GLN A 15 -23.74 13.89 15.91
C GLN A 15 -24.26 12.74 16.78
N GLU A 16 -23.41 11.75 17.02
CA GLU A 16 -23.78 10.60 17.84
C GLU A 16 -22.92 10.51 19.10
N ALA A 17 -21.61 10.36 18.92
CA ALA A 17 -20.69 10.27 20.05
C ALA A 17 -19.98 11.60 20.32
N LYS A 18 -20.18 12.14 21.53
CA LYS A 18 -19.58 13.42 21.93
C LYS A 18 -18.03 13.36 21.93
N PRO A 19 -17.41 12.37 22.63
CA PRO A 19 -15.95 12.25 22.67
C PRO A 19 -15.36 11.64 21.39
N SER A 20 -15.65 12.28 20.25
CA SER A 20 -15.18 11.80 18.95
C SER A 20 -13.79 12.36 18.64
N THR A 21 -12.76 11.77 19.23
CA THR A 21 -11.38 12.22 19.00
C THR A 21 -10.78 11.58 17.75
N GLU A 22 -11.19 12.06 16.59
CA GLU A 22 -10.70 11.54 15.32
C GLU A 22 -10.71 12.62 14.23
N ASP A 23 -9.58 12.78 13.54
CA ASP A 23 -9.47 13.77 12.48
C ASP A 23 -9.92 13.21 11.13
N LEU A 24 -11.24 13.11 10.95
CA LEU A 24 -11.82 12.59 9.71
C LEU A 24 -11.92 13.68 8.65
N GLY A 25 -10.79 14.11 8.12
CA GLY A 25 -10.78 15.15 7.09
C GLY A 25 -11.06 14.62 5.70
N ASP A 26 -12.30 14.79 5.24
CA ASP A 26 -12.73 14.33 3.90
C ASP A 26 -12.56 12.82 3.74
N LYS A 27 -13.25 12.06 4.60
CA LYS A 27 -13.19 10.60 4.55
C LYS A 27 -14.23 10.01 3.59
N LYS A 28 -15.10 10.87 3.05
CA LYS A 28 -16.15 10.46 2.11
C LYS A 28 -17.14 9.48 2.78
N GLU A 29 -17.73 8.59 1.97
CA GLU A 29 -18.69 7.62 2.49
C GLU A 29 -18.01 6.33 2.93
N GLY A 30 -17.10 5.82 2.11
CA GLY A 30 -16.39 4.59 2.45
C GLY A 30 -16.40 3.56 1.32
N GLU A 31 -15.97 3.99 0.15
CA GLU A 31 -15.93 3.11 -1.03
C GLU A 31 -14.51 2.58 -1.28
N TYR A 32 -13.68 2.62 -0.25
CA TYR A 32 -12.30 2.16 -0.35
C TYR A 32 -12.00 1.10 0.71
N ILE A 33 -11.05 0.21 0.42
CA ILE A 33 -10.67 -0.83 1.37
C ILE A 33 -9.35 -0.48 2.07
N LYS A 34 -9.32 -0.61 3.39
CA LYS A 34 -8.12 -0.30 4.16
C LYS A 34 -7.23 -1.53 4.28
N LEU A 35 -6.12 -1.52 3.55
CA LEU A 35 -5.18 -2.64 3.55
C LEU A 35 -3.97 -2.35 4.44
N LYS A 36 -3.19 -3.39 4.71
CA LYS A 36 -1.99 -3.26 5.53
C LYS A 36 -0.73 -3.62 4.75
N VAL A 37 0.26 -2.74 4.80
CA VAL A 37 1.53 -2.96 4.11
C VAL A 37 2.67 -3.11 5.12
N ILE A 38 3.52 -4.11 4.92
CA ILE A 38 4.64 -4.35 5.82
C ILE A 38 5.91 -3.69 5.27
N GLY A 39 6.33 -2.60 5.94
CA GLY A 39 7.52 -1.89 5.51
C GLY A 39 8.81 -2.68 5.71
N GLN A 40 9.88 -2.25 5.04
CA GLN A 40 11.18 -2.92 5.14
C GLN A 40 11.78 -2.85 6.54
N ASP A 41 11.25 -1.97 7.38
CA ASP A 41 11.72 -1.82 8.75
C ASP A 41 10.70 -2.36 9.75
N SER A 42 9.87 -3.32 9.29
CA SER A 42 8.82 -3.93 10.11
C SER A 42 7.74 -2.92 10.51
N SER A 43 7.55 -1.92 9.67
CA SER A 43 6.55 -0.88 9.92
C SER A 43 5.21 -1.24 9.30
N GLU A 44 4.18 -1.36 10.14
CA GLU A 44 2.84 -1.69 9.67
C GLU A 44 2.03 -0.41 9.39
N ILE A 45 1.78 -0.14 8.11
CA ILE A 45 1.03 1.05 7.73
C ILE A 45 -0.29 0.68 7.02
N HIS A 46 -1.33 1.44 7.31
CA HIS A 46 -2.65 1.20 6.72
C HIS A 46 -2.93 2.18 5.59
N PHE A 47 -3.30 1.66 4.43
CA PHE A 47 -3.59 2.49 3.26
C PHE A 47 -4.97 2.21 2.70
N LYS A 48 -5.60 3.23 2.12
CA LYS A 48 -6.93 3.10 1.54
C LYS A 48 -6.88 3.12 0.02
N VAL A 49 -7.44 2.10 -0.61
CA VAL A 49 -7.45 2.01 -2.07
C VAL A 49 -8.64 1.18 -2.57
N LYS A 50 -8.90 1.23 -3.89
CA LYS A 50 -10.00 0.47 -4.48
C LYS A 50 -9.49 -0.85 -5.08
N MET A 51 -10.41 -1.79 -5.30
CA MET A 51 -10.05 -3.11 -5.84
C MET A 51 -9.60 -3.06 -7.31
N THR A 52 -9.98 -2.01 -8.03
CA THR A 52 -9.62 -1.89 -9.45
C THR A 52 -8.55 -0.81 -9.70
N THR A 53 -7.77 -0.48 -8.68
CA THR A 53 -6.73 0.54 -8.81
C THR A 53 -5.37 -0.07 -9.18
N HIS A 54 -4.52 0.74 -9.81
CA HIS A 54 -3.18 0.30 -10.20
C HIS A 54 -2.26 0.24 -8.98
N LEU A 55 -1.27 -0.66 -9.02
CA LEU A 55 -0.34 -0.80 -7.89
C LEU A 55 0.59 0.41 -7.71
N LYS A 56 0.70 1.27 -8.72
CA LYS A 56 1.55 2.44 -8.64
C LYS A 56 1.03 3.43 -7.59
N LYS A 57 -0.29 3.42 -7.36
CA LYS A 57 -0.91 4.29 -6.37
C LYS A 57 -0.59 3.81 -4.96
N LEU A 58 -0.41 2.49 -4.83
CA LEU A 58 -0.09 1.89 -3.55
C LEU A 58 1.41 1.97 -3.27
N LYS A 59 2.21 1.63 -4.28
CA LYS A 59 3.67 1.65 -4.18
C LYS A 59 4.18 3.06 -3.80
N GLU A 60 3.70 4.08 -4.52
CA GLU A 60 4.11 5.45 -4.27
C GLU A 60 3.59 5.97 -2.93
N SER A 61 2.47 5.40 -2.46
CA SER A 61 1.87 5.82 -1.20
C SER A 61 2.71 5.34 -0.01
N TYR A 62 3.13 4.09 -0.07
CA TYR A 62 3.96 3.49 0.99
C TYR A 62 5.30 4.24 1.16
N CYS A 63 5.95 4.56 0.05
CA CYS A 63 7.25 5.25 0.11
C CYS A 63 7.11 6.70 0.60
N GLN A 64 6.01 7.35 0.21
CA GLN A 64 5.75 8.73 0.61
C GLN A 64 5.47 8.84 2.12
N ARG A 65 4.97 7.76 2.72
CA ARG A 65 4.66 7.75 4.14
C ARG A 65 5.94 7.67 4.99
N GLN A 66 6.85 6.78 4.58
CA GLN A 66 8.13 6.62 5.29
C GLN A 66 9.11 7.76 4.95
N GLY A 67 9.17 8.15 3.67
CA GLY A 67 10.07 9.21 3.26
C GLY A 67 11.33 8.69 2.59
N VAL A 68 11.21 7.57 1.89
CA VAL A 68 12.35 6.96 1.21
C VAL A 68 12.02 6.64 -0.25
N PRO A 69 12.99 6.81 -1.17
CA PRO A 69 12.80 6.53 -2.60
C PRO A 69 12.58 5.05 -2.87
N MET A 70 11.78 4.74 -3.89
CA MET A 70 11.48 3.36 -4.26
C MET A 70 12.59 2.72 -5.09
N ASN A 71 13.83 3.11 -4.84
CA ASN A 71 14.98 2.57 -5.56
C ASN A 71 15.76 1.56 -4.71
N SER A 72 15.69 1.69 -3.38
CA SER A 72 16.39 0.79 -2.47
C SER A 72 15.46 -0.27 -1.90
N LEU A 73 14.16 -0.03 -2.01
CA LEU A 73 13.15 -0.96 -1.50
C LEU A 73 12.29 -1.50 -2.63
N ARG A 74 12.00 -2.80 -2.59
CA ARG A 74 11.19 -3.43 -3.63
C ARG A 74 9.95 -4.12 -3.05
N LEU A 75 8.81 -3.91 -3.70
CA LEU A 75 7.55 -4.53 -3.26
C LEU A 75 7.27 -5.79 -4.06
N LEU A 76 6.97 -6.89 -3.36
CA LEU A 76 6.71 -8.16 -4.05
C LEU A 76 5.57 -8.95 -3.41
N PHE A 77 4.92 -9.79 -4.22
CA PHE A 77 3.81 -10.61 -3.76
C PHE A 77 3.87 -12.01 -4.40
N GLU A 78 3.88 -13.04 -3.56
CA GLU A 78 3.93 -14.46 -4.00
C GLU A 78 5.11 -14.76 -4.94
N GLY A 79 6.15 -13.93 -4.89
CA GLY A 79 7.31 -14.14 -5.74
C GLY A 79 7.34 -13.22 -6.96
N GLN A 80 6.26 -12.48 -7.16
CA GLN A 80 6.16 -11.58 -8.31
C GLN A 80 6.38 -10.11 -7.87
N ARG A 81 7.11 -9.36 -8.69
CA ARG A 81 7.39 -7.96 -8.39
C ARG A 81 6.19 -7.05 -8.70
N ILE A 82 6.08 -5.96 -7.95
CA ILE A 82 4.98 -5.01 -8.13
C ILE A 82 5.39 -3.84 -9.03
N ALA A 83 4.64 -3.65 -10.11
CA ALA A 83 4.88 -2.56 -11.06
C ALA A 83 3.77 -1.50 -10.97
N ASP A 84 3.43 -0.90 -12.11
CA ASP A 84 2.40 0.14 -12.17
C ASP A 84 1.04 -0.40 -12.62
N ASN A 85 1.02 -1.05 -13.80
CA ASN A 85 -0.23 -1.59 -14.37
C ASN A 85 -0.71 -2.88 -13.70
N HIS A 86 -0.37 -3.06 -12.43
CA HIS A 86 -0.80 -4.25 -11.69
C HIS A 86 -2.08 -3.98 -10.93
N THR A 87 -2.91 -5.01 -10.76
CA THR A 87 -4.17 -4.89 -10.04
C THR A 87 -4.29 -5.97 -8.97
N PRO A 88 -4.92 -5.63 -7.81
CA PRO A 88 -5.09 -6.59 -6.70
C PRO A 88 -5.82 -7.87 -7.13
N LYS A 89 -6.83 -7.71 -7.98
CA LYS A 89 -7.61 -8.85 -8.49
C LYS A 89 -6.76 -9.75 -9.40
N GLU A 90 -5.70 -9.18 -9.98
CA GLU A 90 -4.81 -9.94 -10.86
C GLU A 90 -3.72 -10.63 -10.06
N LEU A 91 -3.22 -9.93 -9.03
CA LEU A 91 -2.16 -10.47 -8.17
C LEU A 91 -2.69 -11.55 -7.22
N GLY A 92 -4.01 -11.57 -6.99
CA GLY A 92 -4.59 -12.56 -6.10
C GLY A 92 -4.72 -12.05 -4.67
N MET A 93 -4.85 -10.73 -4.51
CA MET A 93 -4.99 -10.15 -3.18
C MET A 93 -6.46 -9.91 -2.84
N GLU A 94 -6.95 -10.65 -1.86
CA GLU A 94 -8.34 -10.53 -1.44
C GLU A 94 -8.49 -10.51 0.08
N GLU A 95 -9.47 -9.74 0.56
CA GLU A 95 -9.79 -9.61 2.00
C GLU A 95 -8.67 -8.98 2.83
N GLU A 96 -7.47 -9.54 2.74
CA GLU A 96 -6.34 -9.01 3.49
C GLU A 96 -5.59 -7.96 2.67
N ASP A 97 -5.48 -8.21 1.35
CA ASP A 97 -4.82 -7.28 0.43
C ASP A 97 -3.42 -6.85 0.90
N VAL A 98 -2.82 -7.64 1.80
CA VAL A 98 -1.50 -7.31 2.37
C VAL A 98 -0.34 -7.67 1.43
N ILE A 99 0.61 -6.74 1.31
CA ILE A 99 1.80 -6.94 0.46
C ILE A 99 3.08 -6.84 1.30
N GLU A 100 4.13 -7.51 0.85
CA GLU A 100 5.41 -7.50 1.57
C GLU A 100 6.47 -6.67 0.82
N VAL A 101 7.27 -5.93 1.57
CA VAL A 101 8.31 -5.10 1.00
C VAL A 101 9.70 -5.52 1.49
N TYR A 102 10.67 -5.56 0.59
CA TYR A 102 12.04 -5.95 0.94
C TYR A 102 13.04 -4.87 0.56
N GLN A 103 14.03 -4.64 1.42
CA GLN A 103 15.05 -3.63 1.15
C GLN A 103 16.37 -4.26 0.71
N GLU A 104 16.93 -3.71 -0.37
CA GLU A 104 18.20 -4.19 -0.90
C GLU A 104 19.30 -3.14 -0.72
N GLN A 105 18.89 -1.86 -0.77
CA GLN A 105 19.81 -0.73 -0.61
C GLN A 105 20.94 -0.74 -1.64
N THR A 106 22.14 -1.16 -1.22
CA THR A 106 23.29 -1.20 -2.11
C THR A 106 23.48 -2.60 -2.71
N GLY A 107 22.87 -2.83 -3.87
CA GLY A 107 22.99 -4.13 -4.52
C GLY A 107 24.25 -4.25 -5.37
N GLY A 108 25.39 -4.38 -4.70
CA GLY A 108 26.66 -4.52 -5.41
C GLY A 108 27.30 -3.17 -5.73
N MET A 12 4.13 21.69 -19.40
CA MET A 12 3.03 22.71 -19.44
C MET A 12 1.76 22.22 -18.73
N SER A 13 1.41 22.89 -17.63
CA SER A 13 0.21 22.56 -16.84
C SER A 13 0.26 21.11 -16.32
N ASP A 14 1.42 20.70 -15.82
CA ASP A 14 1.59 19.35 -15.29
C ASP A 14 1.09 19.25 -13.85
N GLN A 15 -0.20 18.92 -13.70
CA GLN A 15 -0.87 18.79 -12.39
C GLN A 15 -0.99 20.14 -11.68
N GLU A 16 -0.85 21.23 -12.44
CA GLU A 16 -0.93 22.60 -11.90
C GLU A 16 0.19 22.87 -10.88
N ALA A 17 -0.11 22.62 -9.60
CA ALA A 17 0.86 22.82 -8.52
C ALA A 17 0.62 21.84 -7.38
N LYS A 18 1.69 21.26 -6.86
CA LYS A 18 1.58 20.30 -5.76
C LYS A 18 2.22 20.84 -4.47
N PRO A 19 1.41 21.45 -3.60
CA PRO A 19 1.88 22.00 -2.32
C PRO A 19 1.90 20.97 -1.20
N SER A 20 2.57 21.31 -0.10
CA SER A 20 2.67 20.41 1.05
C SER A 20 1.42 20.51 1.93
N THR A 21 0.28 20.10 1.39
CA THR A 21 -0.99 20.13 2.12
C THR A 21 -1.51 18.72 2.39
N GLU A 22 -1.79 18.43 3.65
CA GLU A 22 -2.29 17.12 4.06
C GLU A 22 -3.75 16.94 3.62
N ASP A 23 -4.00 15.93 2.79
CA ASP A 23 -5.34 15.65 2.30
C ASP A 23 -6.10 14.73 3.26
N LEU A 24 -7.11 15.27 3.92
CA LEU A 24 -7.92 14.49 4.86
C LEU A 24 -9.15 13.89 4.16
N GLY A 25 -9.28 12.57 4.25
CA GLY A 25 -10.40 11.89 3.61
C GLY A 25 -11.43 11.40 4.62
N ASP A 26 -11.69 10.09 4.61
CA ASP A 26 -12.65 9.44 5.51
C ASP A 26 -14.06 10.03 5.39
N LYS A 27 -14.48 10.32 4.15
CA LYS A 27 -15.80 10.88 3.90
C LYS A 27 -16.83 9.79 3.62
N LYS A 28 -16.36 8.56 3.46
CA LYS A 28 -17.25 7.43 3.18
C LYS A 28 -16.82 6.19 3.98
N GLU A 29 -17.74 5.25 4.16
CA GLU A 29 -17.45 4.03 4.90
C GLU A 29 -17.90 2.79 4.13
N GLY A 30 -16.97 1.87 3.90
CA GLY A 30 -17.29 0.65 3.17
C GLY A 30 -17.18 0.80 1.66
N GLU A 31 -16.43 1.81 1.21
CA GLU A 31 -16.25 2.05 -0.22
C GLU A 31 -14.80 1.88 -0.64
N TYR A 32 -14.00 1.28 0.23
CA TYR A 32 -12.58 1.06 -0.05
C TYR A 32 -12.04 -0.13 0.75
N ILE A 33 -11.01 -0.79 0.23
CA ILE A 33 -10.39 -1.92 0.90
C ILE A 33 -9.21 -1.47 1.77
N LYS A 34 -8.90 -2.23 2.80
CA LYS A 34 -7.80 -1.89 3.70
C LYS A 34 -6.47 -2.44 3.18
N LEU A 35 -5.68 -1.56 2.56
CA LEU A 35 -4.37 -1.95 2.03
C LEU A 35 -3.33 -1.96 3.15
N LYS A 36 -2.75 -3.13 3.42
CA LYS A 36 -1.76 -3.26 4.47
C LYS A 36 -0.36 -3.56 3.93
N VAL A 37 0.58 -2.66 4.19
CA VAL A 37 1.95 -2.84 3.75
C VAL A 37 2.89 -2.86 4.96
N ILE A 38 3.72 -3.90 5.06
CA ILE A 38 4.64 -4.04 6.18
C ILE A 38 6.09 -3.78 5.74
N GLY A 39 6.75 -2.85 6.43
CA GLY A 39 8.13 -2.53 6.11
C GLY A 39 9.12 -3.31 6.97
N GLN A 40 10.37 -3.37 6.53
CA GLN A 40 11.40 -4.11 7.27
C GLN A 40 11.88 -3.34 8.52
N ASP A 41 11.38 -2.13 8.70
CA ASP A 41 11.76 -1.31 9.85
C ASP A 41 10.69 -1.40 10.95
N SER A 42 9.94 -2.51 10.96
CA SER A 42 8.87 -2.75 11.93
C SER A 42 7.76 -1.70 11.81
N SER A 43 7.43 -1.34 10.58
CA SER A 43 6.39 -0.34 10.31
C SER A 43 5.21 -0.97 9.57
N GLU A 44 4.01 -0.66 10.05
CA GLU A 44 2.78 -1.17 9.43
C GLU A 44 1.88 0.00 9.00
N ILE A 45 1.67 0.12 7.69
CA ILE A 45 0.84 1.20 7.16
C ILE A 45 -0.46 0.66 6.56
N HIS A 46 -1.56 1.33 6.88
CA HIS A 46 -2.88 0.93 6.37
C HIS A 46 -3.47 2.03 5.49
N PHE A 47 -3.67 1.73 4.21
CA PHE A 47 -4.21 2.70 3.26
C PHE A 47 -5.65 2.35 2.87
N LYS A 48 -6.45 3.38 2.60
CA LYS A 48 -7.85 3.19 2.20
C LYS A 48 -8.02 3.50 0.71
N VAL A 49 -8.16 2.46 -0.10
CA VAL A 49 -8.31 2.64 -1.55
C VAL A 49 -9.12 1.49 -2.17
N LYS A 50 -9.64 1.71 -3.37
CA LYS A 50 -10.41 0.67 -4.07
C LYS A 50 -9.48 -0.38 -4.67
N MET A 51 -10.00 -1.59 -4.88
CA MET A 51 -9.21 -2.68 -5.45
C MET A 51 -8.94 -2.47 -6.94
N THR A 52 -9.79 -1.68 -7.61
CA THR A 52 -9.64 -1.40 -9.04
C THR A 52 -8.68 -0.24 -9.30
N THR A 53 -7.45 -0.36 -8.80
CA THR A 53 -6.44 0.68 -8.99
C THR A 53 -5.07 0.12 -9.35
N HIS A 54 -4.22 0.96 -9.93
CA HIS A 54 -2.87 0.54 -10.33
C HIS A 54 -1.95 0.41 -9.11
N LEU A 55 -1.00 -0.52 -9.17
CA LEU A 55 -0.08 -0.75 -8.04
C LEU A 55 0.93 0.39 -7.82
N LYS A 56 1.18 1.22 -8.83
CA LYS A 56 2.11 2.34 -8.68
C LYS A 56 1.63 3.32 -7.62
N LYS A 57 0.31 3.52 -7.53
CA LYS A 57 -0.28 4.41 -6.53
C LYS A 57 -0.05 3.88 -5.12
N LEU A 58 -0.15 2.56 -4.97
CA LEU A 58 0.06 1.91 -3.68
C LEU A 58 1.52 1.99 -3.25
N LYS A 59 2.43 1.70 -4.19
CA LYS A 59 3.87 1.75 -3.93
C LYS A 59 4.34 3.16 -3.62
N GLU A 60 3.96 4.13 -4.47
CA GLU A 60 4.35 5.53 -4.29
C GLU A 60 3.81 6.12 -2.99
N SER A 61 2.63 5.67 -2.56
CA SER A 61 2.01 6.17 -1.33
C SER A 61 2.74 5.64 -0.10
N TYR A 62 3.06 4.34 -0.14
CA TYR A 62 3.77 3.69 0.97
C TYR A 62 5.16 4.30 1.20
N CYS A 63 5.92 4.54 0.13
CA CYS A 63 7.27 5.12 0.24
C CYS A 63 7.24 6.54 0.79
N GLN A 64 6.20 7.30 0.41
CA GLN A 64 6.06 8.69 0.88
C GLN A 64 5.79 8.76 2.38
N ARG A 65 5.21 7.70 2.94
CA ARG A 65 4.91 7.64 4.37
C ARG A 65 6.19 7.46 5.20
N GLN A 66 7.04 6.56 4.75
CA GLN A 66 8.31 6.29 5.44
C GLN A 66 9.33 7.42 5.19
N GLY A 67 9.41 7.88 3.94
CA GLY A 67 10.35 8.95 3.61
C GLY A 67 11.63 8.43 2.96
N VAL A 68 11.48 7.37 2.16
CA VAL A 68 12.62 6.77 1.48
C VAL A 68 12.39 6.69 -0.03
N PRO A 69 13.47 6.63 -0.84
CA PRO A 69 13.38 6.56 -2.30
C PRO A 69 12.61 5.33 -2.79
N MET A 70 11.87 5.50 -3.89
CA MET A 70 11.07 4.41 -4.46
C MET A 70 11.95 3.28 -5.00
N ASN A 71 13.20 3.59 -5.33
CA ASN A 71 14.13 2.59 -5.86
C ASN A 71 15.07 2.06 -4.77
N SER A 72 14.61 2.10 -3.53
CA SER A 72 15.42 1.62 -2.40
C SER A 72 14.87 0.30 -1.85
N LEU A 73 13.57 0.05 -2.06
CA LEU A 73 12.93 -1.16 -1.58
C LEU A 73 12.16 -1.86 -2.69
N ARG A 74 12.02 -3.18 -2.57
CA ARG A 74 11.30 -3.98 -3.57
C ARG A 74 9.98 -4.52 -2.99
N LEU A 75 8.91 -4.38 -3.76
CA LEU A 75 7.59 -4.85 -3.34
C LEU A 75 7.16 -6.07 -4.16
N LEU A 76 6.84 -7.17 -3.47
CA LEU A 76 6.42 -8.40 -4.15
C LEU A 76 5.30 -9.11 -3.39
N PHE A 77 4.53 -9.93 -4.11
CA PHE A 77 3.41 -10.66 -3.51
C PHE A 77 3.42 -12.14 -3.91
N GLU A 78 3.45 -13.01 -2.89
CA GLU A 78 3.44 -14.48 -3.06
C GLU A 78 4.50 -14.98 -4.07
N GLY A 79 5.60 -14.25 -4.21
CA GLY A 79 6.65 -14.65 -5.12
C GLY A 79 6.57 -13.95 -6.48
N GLN A 80 5.46 -13.28 -6.74
CA GLN A 80 5.26 -12.56 -7.99
C GLN A 80 5.69 -11.10 -7.86
N ARG A 81 6.34 -10.57 -8.90
CA ARG A 81 6.79 -9.19 -8.89
C ARG A 81 5.61 -8.23 -9.13
N ILE A 82 5.71 -7.02 -8.58
CA ILE A 82 4.64 -6.04 -8.74
C ILE A 82 5.06 -4.87 -9.63
N ALA A 83 4.31 -4.66 -10.71
CA ALA A 83 4.57 -3.57 -11.64
C ALA A 83 3.68 -2.36 -11.36
N ASP A 84 3.55 -1.47 -12.35
CA ASP A 84 2.74 -0.26 -12.22
C ASP A 84 1.35 -0.43 -12.83
N ASN A 85 1.28 -0.99 -14.03
CA ASN A 85 0.01 -1.20 -14.74
C ASN A 85 -0.74 -2.46 -14.26
N HIS A 86 -0.51 -2.86 -13.03
CA HIS A 86 -1.17 -4.05 -12.47
C HIS A 86 -2.18 -3.67 -11.40
N THR A 87 -3.18 -4.52 -11.21
CA THR A 87 -4.21 -4.28 -10.19
C THR A 87 -4.29 -5.45 -9.22
N PRO A 88 -4.69 -5.20 -7.95
CA PRO A 88 -4.81 -6.24 -6.92
C PRO A 88 -5.71 -7.40 -7.35
N LYS A 89 -6.82 -7.08 -8.02
CA LYS A 89 -7.76 -8.11 -8.48
C LYS A 89 -7.15 -9.01 -9.56
N GLU A 90 -6.18 -8.48 -10.30
CA GLU A 90 -5.51 -9.24 -11.35
C GLU A 90 -4.32 -10.03 -10.80
N LEU A 91 -3.62 -9.44 -9.85
CA LEU A 91 -2.46 -10.09 -9.21
C LEU A 91 -2.86 -11.22 -8.26
N GLY A 92 -4.14 -11.27 -7.87
CA GLY A 92 -4.62 -12.30 -6.97
C GLY A 92 -4.61 -11.91 -5.51
N MET A 93 -4.99 -10.66 -5.21
CA MET A 93 -5.04 -10.19 -3.83
C MET A 93 -6.40 -10.51 -3.21
N GLU A 94 -6.42 -10.68 -1.89
CA GLU A 94 -7.66 -11.02 -1.18
C GLU A 94 -7.86 -10.10 0.03
N GLU A 95 -8.93 -10.36 0.77
CA GLU A 95 -9.31 -9.58 1.99
C GLU A 95 -8.13 -8.96 2.76
N GLU A 96 -7.11 -9.75 3.11
CA GLU A 96 -5.96 -9.23 3.85
C GLU A 96 -5.20 -8.14 3.08
N ASP A 97 -5.04 -8.32 1.77
CA ASP A 97 -4.35 -7.35 0.90
C ASP A 97 -2.94 -6.96 1.40
N VAL A 98 -2.36 -7.79 2.25
CA VAL A 98 -1.04 -7.50 2.81
C VAL A 98 0.09 -7.85 1.82
N ILE A 99 0.94 -6.87 1.55
CA ILE A 99 2.08 -7.05 0.64
C ILE A 99 3.40 -7.10 1.41
N GLU A 100 4.39 -7.79 0.86
CA GLU A 100 5.70 -7.91 1.51
C GLU A 100 6.72 -7.00 0.82
N VAL A 101 7.53 -6.32 1.62
CA VAL A 101 8.55 -5.41 1.10
C VAL A 101 9.96 -5.79 1.56
N TYR A 102 10.92 -5.69 0.64
CA TYR A 102 12.32 -6.01 0.94
C TYR A 102 13.18 -4.76 0.75
N GLN A 103 13.94 -4.41 1.79
CA GLN A 103 14.79 -3.22 1.73
C GLN A 103 16.19 -3.55 1.22
N GLU A 104 16.42 -3.27 -0.06
CA GLU A 104 17.71 -3.53 -0.69
C GLU A 104 18.52 -2.24 -0.78
N GLN A 105 18.81 -1.64 0.37
CA GLN A 105 19.58 -0.40 0.42
C GLN A 105 21.07 -0.67 0.36
N THR A 106 21.61 -0.70 -0.85
CA THR A 106 23.04 -0.94 -1.05
C THR A 106 23.79 0.34 -1.38
N GLY A 107 23.10 1.48 -1.27
CA GLY A 107 23.72 2.77 -1.56
C GLY A 107 24.43 3.36 -0.36
N GLY A 108 25.58 2.80 -0.01
CA GLY A 108 26.35 3.29 1.13
C GLY A 108 27.28 4.44 0.76
N MET A 12 9.55 12.78 -3.06
CA MET A 12 10.02 11.87 -4.14
C MET A 12 10.00 12.54 -5.52
N SER A 13 8.80 12.86 -6.00
CA SER A 13 8.64 13.51 -7.30
C SER A 13 7.45 14.48 -7.30
N ASP A 14 6.26 13.96 -7.59
CA ASP A 14 5.06 14.79 -7.63
C ASP A 14 4.20 14.56 -6.38
N GLN A 15 4.48 15.31 -5.33
CA GLN A 15 3.73 15.20 -4.08
C GLN A 15 3.09 16.53 -3.69
N GLU A 16 1.77 16.52 -3.55
CA GLU A 16 1.02 17.73 -3.17
C GLU A 16 -0.15 17.38 -2.25
N ALA A 17 -1.06 16.57 -2.75
CA ALA A 17 -2.24 16.16 -1.96
C ALA A 17 -2.00 14.81 -1.28
N LYS A 18 -2.26 14.75 0.02
CA LYS A 18 -2.08 13.52 0.78
C LYS A 18 -3.42 12.85 1.09
N PRO A 19 -3.67 11.67 0.48
CA PRO A 19 -4.91 10.92 0.69
C PRO A 19 -4.98 10.23 2.06
N SER A 20 -5.41 10.97 3.07
CA SER A 20 -5.51 10.44 4.43
C SER A 20 -6.98 10.23 4.82
N THR A 21 -7.23 9.21 5.64
CA THR A 21 -8.58 8.89 6.08
C THR A 21 -8.89 9.50 7.45
N GLU A 22 -8.02 10.41 7.91
CA GLU A 22 -8.20 11.06 9.21
C GLU A 22 -9.21 12.22 9.12
N ASP A 23 -10.44 11.90 8.76
CA ASP A 23 -11.49 12.92 8.64
C ASP A 23 -12.38 12.93 9.89
N LEU A 24 -12.26 14.01 10.68
CA LEU A 24 -13.04 14.17 11.91
C LEU A 24 -12.87 12.98 12.87
N GLY A 25 -11.62 12.55 13.05
CA GLY A 25 -11.34 11.41 13.92
C GLY A 25 -11.74 10.08 13.29
N ASP A 26 -11.52 9.97 11.98
CA ASP A 26 -11.86 8.75 11.22
C ASP A 26 -13.35 8.43 11.31
N LYS A 27 -14.19 9.46 11.18
CA LYS A 27 -15.64 9.29 11.25
C LYS A 27 -16.25 9.08 9.87
N LYS A 28 -15.81 9.89 8.89
CA LYS A 28 -16.32 9.78 7.53
C LYS A 28 -15.71 8.58 6.80
N GLU A 29 -16.54 7.59 6.52
CA GLU A 29 -16.08 6.38 5.82
C GLU A 29 -16.49 6.40 4.35
N GLY A 30 -15.56 6.06 3.47
CA GLY A 30 -15.85 6.04 2.04
C GLY A 30 -15.96 4.63 1.49
N GLU A 31 -15.91 4.50 0.17
CA GLU A 31 -16.02 3.20 -0.49
C GLU A 31 -14.64 2.60 -0.79
N TYR A 32 -13.88 2.31 0.26
CA TYR A 32 -12.55 1.72 0.11
C TYR A 32 -12.24 0.76 1.26
N ILE A 33 -11.49 -0.29 0.97
CA ILE A 33 -11.11 -1.28 1.98
C ILE A 33 -9.75 -0.97 2.60
N LYS A 34 -8.91 -0.26 1.84
CA LYS A 34 -7.55 0.12 2.28
C LYS A 34 -6.65 -1.10 2.49
N LEU A 35 -5.76 -1.34 1.52
CA LEU A 35 -4.84 -2.48 1.60
C LEU A 35 -3.69 -2.20 2.56
N LYS A 36 -3.08 -3.26 3.10
CA LYS A 36 -1.97 -3.12 4.02
C LYS A 36 -0.67 -3.70 3.46
N VAL A 37 0.42 -3.00 3.68
CA VAL A 37 1.75 -3.42 3.21
C VAL A 37 2.70 -3.62 4.40
N ILE A 38 3.53 -4.66 4.34
CA ILE A 38 4.48 -4.94 5.41
C ILE A 38 5.91 -4.59 4.99
N GLY A 39 6.49 -3.58 5.64
CA GLY A 39 7.84 -3.16 5.33
C GLY A 39 8.87 -3.67 6.31
N GLN A 40 10.15 -3.37 6.06
CA GLN A 40 11.25 -3.80 6.93
C GLN A 40 11.16 -3.18 8.33
N ASP A 41 10.36 -2.12 8.47
CA ASP A 41 10.19 -1.45 9.76
C ASP A 41 9.23 -2.19 10.67
N SER A 42 8.58 -3.24 10.12
CA SER A 42 7.62 -4.06 10.88
C SER A 42 6.42 -3.23 11.37
N SER A 43 6.00 -2.27 10.55
CA SER A 43 4.88 -1.40 10.90
C SER A 43 3.72 -1.59 9.93
N GLU A 44 2.51 -1.29 10.38
CA GLU A 44 1.32 -1.43 9.54
C GLU A 44 0.94 -0.11 8.88
N ILE A 45 1.15 -0.04 7.57
CA ILE A 45 0.83 1.17 6.80
C ILE A 45 -0.58 1.10 6.21
N HIS A 46 -1.41 2.09 6.55
CA HIS A 46 -2.78 2.14 6.05
C HIS A 46 -3.10 3.51 5.46
N PHE A 47 -3.36 3.54 4.15
CA PHE A 47 -3.69 4.78 3.45
C PHE A 47 -5.01 4.64 2.69
N LYS A 48 -5.48 5.74 2.11
CA LYS A 48 -6.73 5.74 1.35
C LYS A 48 -6.54 5.19 -0.06
N VAL A 49 -6.56 3.87 -0.20
CA VAL A 49 -6.39 3.22 -1.50
C VAL A 49 -7.55 2.29 -1.82
N LYS A 50 -8.02 2.35 -3.06
CA LYS A 50 -9.14 1.50 -3.50
C LYS A 50 -8.63 0.18 -4.09
N MET A 51 -9.53 -0.78 -4.23
CA MET A 51 -9.18 -2.09 -4.77
C MET A 51 -9.00 -2.07 -6.31
N THR A 52 -9.56 -1.05 -6.97
CA THR A 52 -9.44 -0.94 -8.43
C THR A 52 -8.30 -0.01 -8.86
N THR A 53 -7.46 0.39 -7.91
CA THR A 53 -6.32 1.27 -8.20
C THR A 53 -5.09 0.46 -8.59
N HIS A 54 -4.25 1.04 -9.45
CA HIS A 54 -3.02 0.38 -9.89
C HIS A 54 -1.99 0.33 -8.76
N LEU A 55 -0.98 -0.54 -8.90
CA LEU A 55 0.04 -0.69 -7.87
C LEU A 55 0.92 0.56 -7.68
N LYS A 56 0.90 1.50 -8.63
CA LYS A 56 1.70 2.72 -8.50
C LYS A 56 1.22 3.57 -7.32
N LYS A 57 -0.09 3.57 -7.10
CA LYS A 57 -0.68 4.34 -6.00
C LYS A 57 -0.46 3.63 -4.65
N LEU A 58 -0.51 2.30 -4.67
CA LEU A 58 -0.30 1.51 -3.47
C LEU A 58 1.15 1.57 -2.99
N LYS A 59 2.08 1.40 -3.94
CA LYS A 59 3.51 1.45 -3.64
C LYS A 59 3.94 2.84 -3.14
N GLU A 60 3.52 3.87 -3.87
CA GLU A 60 3.86 5.25 -3.53
C GLU A 60 3.28 5.66 -2.17
N SER A 61 2.15 5.07 -1.80
CA SER A 61 1.49 5.37 -0.53
C SER A 61 2.37 4.94 0.65
N TYR A 62 2.87 3.71 0.58
CA TYR A 62 3.74 3.16 1.63
C TYR A 62 5.02 4.00 1.78
N CYS A 63 5.65 4.34 0.65
CA CYS A 63 6.90 5.12 0.67
C CYS A 63 6.66 6.54 1.21
N GLN A 64 5.58 7.17 0.77
CA GLN A 64 5.25 8.53 1.20
C GLN A 64 4.91 8.57 2.70
N ARG A 65 4.33 7.49 3.22
CA ARG A 65 3.98 7.40 4.64
C ARG A 65 5.23 7.42 5.52
N GLN A 66 6.23 6.62 5.14
CA GLN A 66 7.50 6.56 5.89
C GLN A 66 8.37 7.79 5.61
N GLY A 67 8.45 8.19 4.34
CA GLY A 67 9.26 9.34 3.97
C GLY A 67 10.54 8.95 3.25
N VAL A 68 10.49 7.85 2.49
CA VAL A 68 11.66 7.36 1.76
C VAL A 68 11.32 7.11 0.29
N PRO A 69 12.29 7.32 -0.62
CA PRO A 69 12.08 7.09 -2.06
C PRO A 69 12.03 5.60 -2.41
N MET A 70 11.24 5.26 -3.43
CA MET A 70 11.10 3.87 -3.86
C MET A 70 12.23 3.45 -4.82
N ASN A 71 13.44 3.93 -4.55
CA ASN A 71 14.59 3.60 -5.40
C ASN A 71 15.56 2.62 -4.69
N SER A 72 15.33 2.37 -3.41
CA SER A 72 16.19 1.46 -2.65
C SER A 72 15.40 0.29 -2.05
N LEU A 73 14.11 0.23 -2.33
CA LEU A 73 13.26 -0.85 -1.82
C LEU A 73 12.43 -1.48 -2.94
N ARG A 74 12.11 -2.76 -2.79
CA ARG A 74 11.32 -3.48 -3.77
C ARG A 74 10.07 -4.10 -3.12
N LEU A 75 8.97 -4.15 -3.87
CA LEU A 75 7.72 -4.71 -3.35
C LEU A 75 7.34 -5.99 -4.10
N LEU A 76 7.23 -7.09 -3.36
CA LEU A 76 6.89 -8.38 -3.97
C LEU A 76 5.91 -9.20 -3.10
N PHE A 77 5.22 -10.14 -3.74
CA PHE A 77 4.26 -10.99 -3.03
C PHE A 77 4.48 -12.47 -3.37
N GLU A 78 4.72 -13.28 -2.34
CA GLU A 78 4.93 -14.74 -2.46
C GLU A 78 6.00 -15.14 -3.51
N GLY A 79 6.89 -14.20 -3.83
CA GLY A 79 7.95 -14.49 -4.82
C GLY A 79 7.58 -14.06 -6.22
N GLN A 80 6.39 -13.50 -6.40
CA GLN A 80 5.93 -13.05 -7.72
C GLN A 80 6.26 -11.56 -7.93
N ARG A 81 6.71 -11.23 -9.14
CA ARG A 81 7.05 -9.85 -9.48
C ARG A 81 5.81 -9.06 -9.87
N ILE A 82 5.49 -8.03 -9.08
CA ILE A 82 4.32 -7.21 -9.34
C ILE A 82 4.71 -5.83 -9.88
N ALA A 83 4.15 -5.48 -11.03
CA ALA A 83 4.43 -4.18 -11.66
C ALA A 83 3.38 -3.13 -11.29
N ASP A 84 3.61 -1.89 -11.70
CA ASP A 84 2.70 -0.78 -11.42
C ASP A 84 1.38 -0.91 -12.18
N ASN A 85 1.43 -1.59 -13.33
CA ASN A 85 0.24 -1.78 -14.17
C ASN A 85 -0.66 -2.89 -13.64
N HIS A 86 -0.29 -3.51 -12.51
CA HIS A 86 -1.08 -4.58 -11.93
C HIS A 86 -2.18 -4.04 -11.02
N THR A 87 -3.24 -4.83 -10.85
CA THR A 87 -4.37 -4.44 -10.01
C THR A 87 -4.79 -5.62 -9.12
N PRO A 88 -5.14 -5.35 -7.85
CA PRO A 88 -5.57 -6.40 -6.91
C PRO A 88 -6.77 -7.20 -7.42
N LYS A 89 -7.69 -6.50 -8.08
CA LYS A 89 -8.89 -7.13 -8.64
C LYS A 89 -8.54 -8.02 -9.85
N GLU A 90 -7.40 -7.74 -10.49
CA GLU A 90 -6.96 -8.50 -11.65
C GLU A 90 -6.22 -9.76 -11.22
N LEU A 91 -5.38 -9.62 -10.18
CA LEU A 91 -4.61 -10.76 -9.67
C LEU A 91 -5.50 -11.73 -8.87
N GLY A 92 -6.66 -11.26 -8.41
CA GLY A 92 -7.56 -12.11 -7.65
C GLY A 92 -7.06 -12.39 -6.24
N MET A 93 -6.55 -11.35 -5.58
CA MET A 93 -6.03 -11.51 -4.22
C MET A 93 -6.97 -10.89 -3.18
N GLU A 94 -7.49 -11.74 -2.30
CA GLU A 94 -8.39 -11.30 -1.23
C GLU A 94 -7.84 -11.75 0.12
N GLU A 95 -7.82 -10.84 1.11
CA GLU A 95 -7.30 -11.12 2.46
C GLU A 95 -5.78 -11.27 2.45
N GLU A 96 -5.26 -12.11 1.56
CA GLU A 96 -3.82 -12.33 1.41
C GLU A 96 -3.18 -11.22 0.56
N ASP A 97 -3.98 -10.20 0.23
CA ASP A 97 -3.54 -9.05 -0.58
C ASP A 97 -2.44 -8.20 0.11
N VAL A 98 -1.81 -8.72 1.14
CA VAL A 98 -0.75 -8.01 1.85
C VAL A 98 0.58 -8.15 1.12
N ILE A 99 1.23 -7.02 0.82
CA ILE A 99 2.50 -7.03 0.10
C ILE A 99 3.68 -6.88 1.05
N GLU A 100 4.83 -7.42 0.65
CA GLU A 100 6.04 -7.35 1.47
C GLU A 100 7.11 -6.49 0.79
N VAL A 101 7.78 -5.65 1.58
CA VAL A 101 8.82 -4.78 1.06
C VAL A 101 10.21 -5.23 1.53
N TYR A 102 11.17 -5.26 0.60
CA TYR A 102 12.54 -5.67 0.91
C TYR A 102 13.54 -4.63 0.38
N GLN A 103 14.62 -4.44 1.14
CA GLN A 103 15.65 -3.48 0.75
C GLN A 103 16.55 -4.04 -0.37
N GLU A 104 16.29 -3.60 -1.60
CA GLU A 104 17.06 -4.05 -2.74
C GLU A 104 17.99 -2.94 -3.24
N GLN A 105 19.11 -2.76 -2.55
CA GLN A 105 20.08 -1.72 -2.91
C GLN A 105 21.06 -2.23 -3.98
N THR A 106 20.55 -2.53 -5.16
CA THR A 106 21.37 -3.03 -6.26
C THR A 106 21.64 -1.93 -7.30
N GLY A 107 22.68 -1.15 -7.05
CA GLY A 107 23.04 -0.08 -7.96
C GLY A 107 23.97 0.95 -7.34
N GLY A 108 24.04 2.13 -7.94
CA GLY A 108 24.89 3.18 -7.41
C GLY A 108 24.39 4.58 -7.72
N MET A 12 -13.15 33.65 -7.29
CA MET A 12 -14.19 33.75 -8.35
C MET A 12 -14.71 32.36 -8.78
N SER A 13 -13.89 31.63 -9.52
CA SER A 13 -14.27 30.29 -9.99
C SER A 13 -14.00 29.24 -8.91
N ASP A 14 -14.62 29.42 -7.74
CA ASP A 14 -14.45 28.50 -6.62
C ASP A 14 -15.53 27.42 -6.63
N GLN A 15 -15.34 26.39 -7.45
CA GLN A 15 -16.31 25.29 -7.54
C GLN A 15 -16.00 24.20 -6.51
N GLU A 16 -16.26 24.50 -5.25
CA GLU A 16 -16.01 23.55 -4.16
C GLU A 16 -17.17 23.53 -3.17
N ALA A 17 -17.54 22.34 -2.71
CA ALA A 17 -18.64 22.18 -1.77
C ALA A 17 -18.13 22.15 -0.33
N LYS A 18 -18.89 22.75 0.58
CA LYS A 18 -18.52 22.80 1.99
C LYS A 18 -18.79 21.45 2.68
N PRO A 19 -17.78 20.89 3.36
CA PRO A 19 -17.91 19.61 4.07
C PRO A 19 -18.79 19.70 5.32
N SER A 20 -19.69 18.74 5.47
CA SER A 20 -20.59 18.70 6.62
C SER A 20 -19.90 18.11 7.84
N THR A 21 -19.87 18.88 8.93
CA THR A 21 -19.23 18.43 10.17
C THR A 21 -20.11 17.44 10.93
N GLU A 22 -20.17 16.20 10.43
CA GLU A 22 -20.97 15.16 11.05
C GLU A 22 -20.18 13.86 11.16
N ASP A 23 -20.51 13.04 12.18
CA ASP A 23 -19.83 11.76 12.40
C ASP A 23 -18.31 11.93 12.60
N LEU A 24 -17.93 12.72 13.60
CA LEU A 24 -16.50 12.95 13.89
C LEU A 24 -15.80 11.65 14.26
N GLY A 25 -14.84 11.25 13.43
CA GLY A 25 -14.11 10.02 13.67
C GLY A 25 -14.15 9.08 12.46
N ASP A 26 -15.11 9.33 11.56
CA ASP A 26 -15.27 8.53 10.34
C ASP A 26 -15.60 7.07 10.66
N LYS A 27 -16.69 6.84 11.40
CA LYS A 27 -17.10 5.49 11.77
C LYS A 27 -17.92 4.83 10.65
N LYS A 28 -18.40 5.64 9.71
CA LYS A 28 -19.18 5.14 8.58
C LYS A 28 -18.25 4.60 7.48
N GLU A 29 -18.02 3.30 7.48
CA GLU A 29 -17.16 2.66 6.50
C GLU A 29 -17.86 2.52 5.14
N GLY A 30 -17.15 2.92 4.08
CA GLY A 30 -17.71 2.83 2.74
C GLY A 30 -17.30 1.57 2.00
N GLU A 31 -17.29 1.64 0.67
CA GLU A 31 -16.91 0.49 -0.15
C GLU A 31 -15.46 0.58 -0.63
N TYR A 32 -14.53 0.18 0.24
CA TYR A 32 -13.10 0.20 -0.08
C TYR A 32 -12.36 -0.89 0.69
N ILE A 33 -11.27 -1.40 0.10
CA ILE A 33 -10.48 -2.44 0.74
C ILE A 33 -9.28 -1.84 1.47
N LYS A 34 -9.13 -2.18 2.74
CA LYS A 34 -8.02 -1.67 3.55
C LYS A 34 -6.78 -2.55 3.38
N LEU A 35 -5.90 -2.14 2.48
CA LEU A 35 -4.67 -2.88 2.21
C LEU A 35 -3.59 -2.59 3.25
N LYS A 36 -2.90 -3.63 3.71
CA LYS A 36 -1.85 -3.48 4.69
C LYS A 36 -0.49 -3.83 4.11
N VAL A 37 0.42 -2.85 4.14
CA VAL A 37 1.78 -3.05 3.62
C VAL A 37 2.80 -3.00 4.75
N ILE A 38 3.76 -3.92 4.72
CA ILE A 38 4.81 -3.97 5.75
C ILE A 38 6.11 -3.37 5.23
N GLY A 39 6.56 -2.29 5.88
CA GLY A 39 7.79 -1.63 5.47
C GLY A 39 9.05 -2.35 5.94
N GLN A 40 10.21 -1.80 5.58
CA GLN A 40 11.51 -2.39 5.94
C GLN A 40 11.71 -2.45 7.45
N ASP A 41 11.18 -1.47 8.17
CA ASP A 41 11.33 -1.41 9.62
C ASP A 41 10.11 -2.05 10.33
N SER A 42 9.46 -2.99 9.65
CA SER A 42 8.27 -3.69 10.19
C SER A 42 7.11 -2.72 10.43
N SER A 43 7.07 -1.65 9.65
CA SER A 43 6.02 -0.65 9.77
C SER A 43 4.78 -1.06 8.98
N GLU A 44 3.68 -1.29 9.68
CA GLU A 44 2.43 -1.70 9.04
C GLU A 44 1.56 -0.48 8.71
N ILE A 45 1.42 -0.17 7.43
CA ILE A 45 0.61 0.97 6.99
C ILE A 45 -0.68 0.50 6.33
N HIS A 46 -1.80 1.10 6.74
CA HIS A 46 -3.11 0.74 6.20
C HIS A 46 -3.59 1.77 5.18
N PHE A 47 -3.83 1.31 3.95
CA PHE A 47 -4.29 2.17 2.87
C PHE A 47 -5.68 1.74 2.37
N LYS A 48 -6.66 2.64 2.46
CA LYS A 48 -8.01 2.34 2.02
C LYS A 48 -8.23 2.80 0.57
N VAL A 49 -8.39 1.83 -0.33
CA VAL A 49 -8.60 2.14 -1.75
C VAL A 49 -9.65 1.22 -2.36
N LYS A 50 -10.04 1.51 -3.60
CA LYS A 50 -11.05 0.71 -4.30
C LYS A 50 -10.42 -0.57 -4.88
N MET A 51 -11.27 -1.47 -5.38
CA MET A 51 -10.81 -2.74 -5.95
C MET A 51 -10.30 -2.58 -7.39
N THR A 52 -10.60 -1.45 -8.04
CA THR A 52 -10.17 -1.22 -9.41
C THR A 52 -9.23 -0.01 -9.54
N THR A 53 -8.13 -0.04 -8.79
CA THR A 53 -7.15 1.06 -8.83
C THR A 53 -5.75 0.54 -9.15
N HIS A 54 -4.89 1.45 -9.63
CA HIS A 54 -3.51 1.09 -9.98
C HIS A 54 -2.62 1.05 -8.74
N LEU A 55 -1.55 0.25 -8.80
CA LEU A 55 -0.62 0.12 -7.67
C LEU A 55 0.23 1.38 -7.45
N LYS A 56 0.25 2.30 -8.42
CA LYS A 56 1.02 3.55 -8.32
C LYS A 56 0.78 4.29 -7.00
N LYS A 57 -0.49 4.48 -6.64
CA LYS A 57 -0.85 5.18 -5.41
C LYS A 57 -0.56 4.36 -4.15
N LEU A 58 -0.31 3.06 -4.33
CA LEU A 58 -0.01 2.19 -3.20
C LEU A 58 1.47 2.24 -2.81
N LYS A 59 2.34 2.22 -3.81
CA LYS A 59 3.80 2.24 -3.57
C LYS A 59 4.32 3.67 -3.39
N GLU A 60 3.90 4.59 -4.26
CA GLU A 60 4.36 5.99 -4.20
C GLU A 60 4.00 6.66 -2.87
N SER A 61 2.92 6.24 -2.24
CA SER A 61 2.51 6.82 -0.96
C SER A 61 3.37 6.30 0.19
N TYR A 62 3.55 4.98 0.21
CA TYR A 62 4.37 4.32 1.25
C TYR A 62 5.82 4.82 1.28
N CYS A 63 6.44 4.95 0.10
CA CYS A 63 7.84 5.40 0.02
C CYS A 63 8.00 6.85 0.48
N GLN A 64 7.05 7.71 0.13
CA GLN A 64 7.11 9.12 0.51
C GLN A 64 6.80 9.31 2.00
N ARG A 65 6.06 8.37 2.59
CA ARG A 65 5.70 8.44 4.00
C ARG A 65 6.90 8.10 4.89
N GLN A 66 7.62 7.05 4.52
CA GLN A 66 8.81 6.63 5.28
C GLN A 66 10.04 7.49 4.93
N GLY A 67 10.22 7.80 3.65
CA GLY A 67 11.36 8.60 3.24
C GLY A 67 12.47 7.78 2.62
N VAL A 68 12.10 6.88 1.70
CA VAL A 68 13.08 6.02 1.04
C VAL A 68 12.85 5.97 -0.48
N PRO A 69 13.93 5.89 -1.27
CA PRO A 69 13.84 5.83 -2.74
C PRO A 69 13.17 4.55 -3.24
N MET A 70 12.42 4.69 -4.33
CA MET A 70 11.70 3.55 -4.94
C MET A 70 12.65 2.51 -5.52
N ASN A 71 13.89 2.91 -5.78
CA ASN A 71 14.90 2.00 -6.34
C ASN A 71 15.79 1.41 -5.25
N SER A 72 15.39 1.60 -3.99
CA SER A 72 16.16 1.08 -2.86
C SER A 72 15.43 -0.06 -2.15
N LEU A 73 14.11 -0.10 -2.29
CA LEU A 73 13.30 -1.13 -1.65
C LEU A 73 12.70 -2.10 -2.67
N ARG A 74 12.43 -3.33 -2.23
CA ARG A 74 11.85 -4.35 -3.08
C ARG A 74 10.44 -4.72 -2.62
N LEU A 75 9.45 -4.42 -3.45
CA LEU A 75 8.05 -4.71 -3.14
C LEU A 75 7.61 -6.01 -3.83
N LEU A 76 7.33 -7.05 -3.03
CA LEU A 76 6.92 -8.34 -3.59
C LEU A 76 5.82 -9.03 -2.77
N PHE A 77 5.08 -9.92 -3.43
CA PHE A 77 3.99 -10.66 -2.77
C PHE A 77 4.11 -12.17 -3.04
N GLU A 78 4.27 -12.95 -1.95
CA GLU A 78 4.40 -14.43 -2.02
C GLU A 78 5.44 -14.92 -3.06
N GLY A 79 6.43 -14.08 -3.35
CA GLY A 79 7.46 -14.46 -4.31
C GLY A 79 7.26 -13.85 -5.70
N GLN A 80 6.11 -13.22 -5.91
CA GLN A 80 5.79 -12.59 -7.20
C GLN A 80 5.95 -11.07 -7.13
N ARG A 81 6.47 -10.49 -8.20
CA ARG A 81 6.66 -9.03 -8.27
C ARG A 81 5.39 -8.35 -8.79
N ILE A 82 5.15 -7.12 -8.32
CA ILE A 82 3.95 -6.39 -8.74
C ILE A 82 4.33 -5.01 -9.32
N ALA A 83 3.86 -4.74 -10.52
CA ALA A 83 4.12 -3.46 -11.18
C ALA A 83 3.15 -2.37 -10.70
N ASP A 84 3.33 -1.16 -11.21
CA ASP A 84 2.47 -0.03 -10.83
C ASP A 84 1.19 0.02 -11.67
N ASN A 85 1.25 -0.53 -12.89
CA ASN A 85 0.09 -0.56 -13.78
C ASN A 85 -0.80 -1.78 -13.50
N HIS A 86 -0.53 -2.47 -12.41
CA HIS A 86 -1.30 -3.65 -12.02
C HIS A 86 -2.53 -3.24 -11.20
N THR A 87 -3.55 -4.09 -11.21
CA THR A 87 -4.78 -3.82 -10.46
C THR A 87 -5.17 -5.05 -9.63
N PRO A 88 -5.66 -4.83 -8.38
CA PRO A 88 -6.09 -5.92 -7.50
C PRO A 88 -7.19 -6.79 -8.12
N LYS A 89 -7.96 -6.21 -9.04
CA LYS A 89 -9.04 -6.92 -9.71
C LYS A 89 -8.49 -7.88 -10.79
N GLU A 90 -7.29 -7.58 -11.28
CA GLU A 90 -6.66 -8.43 -12.31
C GLU A 90 -5.91 -9.58 -11.66
N LEU A 91 -5.13 -9.27 -10.62
CA LEU A 91 -4.37 -10.30 -9.90
C LEU A 91 -5.27 -11.19 -9.03
N GLY A 92 -6.46 -10.69 -8.68
CA GLY A 92 -7.38 -11.46 -7.86
C GLY A 92 -6.96 -11.54 -6.41
N MET A 93 -6.60 -10.40 -5.83
CA MET A 93 -6.17 -10.37 -4.43
C MET A 93 -7.27 -9.86 -3.49
N GLU A 94 -7.71 -10.74 -2.60
CA GLU A 94 -8.74 -10.41 -1.61
C GLU A 94 -8.29 -10.88 -0.23
N GLU A 95 -8.30 -9.97 0.75
CA GLU A 95 -7.87 -10.26 2.14
C GLU A 95 -6.35 -10.51 2.22
N GLU A 96 -5.83 -11.39 1.37
CA GLU A 96 -4.41 -11.71 1.33
C GLU A 96 -3.61 -10.61 0.60
N ASP A 97 -4.29 -9.51 0.27
CA ASP A 97 -3.70 -8.36 -0.43
C ASP A 97 -2.58 -7.65 0.37
N VAL A 98 -2.03 -8.32 1.38
CA VAL A 98 -0.95 -7.74 2.20
C VAL A 98 0.40 -7.89 1.48
N ILE A 99 1.03 -6.75 1.18
CA ILE A 99 2.32 -6.74 0.48
C ILE A 99 3.49 -6.56 1.45
N GLU A 100 4.62 -7.17 1.12
CA GLU A 100 5.82 -7.07 1.96
C GLU A 100 6.94 -6.35 1.21
N VAL A 101 7.63 -5.44 1.90
CA VAL A 101 8.71 -4.68 1.31
C VAL A 101 10.05 -4.98 1.99
N TYR A 102 11.08 -5.25 1.19
CA TYR A 102 12.42 -5.55 1.71
C TYR A 102 13.40 -4.45 1.33
N GLN A 103 14.48 -4.31 2.09
CA GLN A 103 15.49 -3.29 1.81
C GLN A 103 16.68 -3.88 1.06
N GLU A 104 16.99 -3.30 -0.09
CA GLU A 104 18.12 -3.77 -0.92
C GLU A 104 19.22 -2.70 -1.01
N GLN A 105 18.81 -1.46 -1.27
CA GLN A 105 19.72 -0.31 -1.40
C GLN A 105 20.65 -0.45 -2.61
N THR A 106 20.26 0.16 -3.74
CA THR A 106 21.06 0.11 -4.96
C THR A 106 21.92 1.35 -5.12
N GLY A 107 21.59 2.41 -4.38
CA GLY A 107 22.35 3.64 -4.46
C GLY A 107 21.92 4.54 -5.60
N GLY A 108 22.31 4.18 -6.82
CA GLY A 108 21.94 4.98 -7.99
C GLY A 108 22.89 6.14 -8.24
N MET A 12 -19.99 46.68 28.29
CA MET A 12 -19.78 45.25 27.89
C MET A 12 -19.47 45.12 26.40
N SER A 13 -18.77 44.04 26.03
CA SER A 13 -18.41 43.79 24.64
C SER A 13 -18.67 42.34 24.25
N ASP A 14 -19.13 42.12 23.03
CA ASP A 14 -19.42 40.78 22.54
C ASP A 14 -18.18 40.15 21.89
N GLN A 15 -17.21 39.75 22.72
CA GLN A 15 -15.98 39.14 22.23
C GLN A 15 -15.91 37.66 22.60
N GLU A 16 -16.87 36.88 22.10
CA GLU A 16 -16.92 35.44 22.38
C GLU A 16 -16.47 34.63 21.17
N ALA A 17 -15.21 34.23 21.15
CA ALA A 17 -14.66 33.45 20.06
C ALA A 17 -14.62 31.95 20.40
N LYS A 18 -15.37 31.16 19.65
CA LYS A 18 -15.42 29.71 19.88
C LYS A 18 -14.75 28.95 18.74
N PRO A 19 -13.66 28.22 19.05
CA PRO A 19 -12.93 27.44 18.05
C PRO A 19 -13.65 26.16 17.64
N SER A 20 -13.70 25.90 16.33
CA SER A 20 -14.36 24.70 15.81
C SER A 20 -13.36 23.63 15.44
N THR A 21 -13.38 22.52 16.17
CA THR A 21 -12.46 21.41 15.92
C THR A 21 -13.00 20.47 14.85
N GLU A 22 -12.96 20.91 13.60
CA GLU A 22 -13.44 20.10 12.49
C GLU A 22 -12.36 19.14 11.98
N ASP A 23 -12.22 18.01 12.67
CA ASP A 23 -11.22 17.00 12.29
C ASP A 23 -11.77 16.02 11.24
N LEU A 24 -13.08 15.88 11.20
CA LEU A 24 -13.72 14.97 10.23
C LEU A 24 -14.47 15.77 9.16
N GLY A 25 -13.88 15.86 7.98
CA GLY A 25 -14.50 16.60 6.89
C GLY A 25 -15.27 15.72 5.93
N ASP A 26 -16.13 14.84 6.48
CA ASP A 26 -16.96 13.92 5.70
C ASP A 26 -16.12 13.04 4.76
N LYS A 27 -14.99 12.54 5.27
CA LYS A 27 -14.10 11.68 4.47
C LYS A 27 -14.43 10.19 4.67
N LYS A 28 -15.34 9.89 5.59
CA LYS A 28 -15.73 8.51 5.87
C LYS A 28 -16.91 8.08 5.00
N GLU A 29 -16.66 7.13 4.10
CA GLU A 29 -17.70 6.63 3.21
C GLU A 29 -17.46 5.15 2.87
N GLY A 30 -18.55 4.39 2.76
CA GLY A 30 -18.44 2.97 2.44
C GLY A 30 -18.15 2.72 0.96
N GLU A 31 -16.87 2.57 0.63
CA GLU A 31 -16.45 2.32 -0.76
C GLU A 31 -15.01 1.81 -0.83
N TYR A 32 -14.09 2.50 -0.15
CA TYR A 32 -12.68 2.11 -0.14
C TYR A 32 -12.41 1.02 0.91
N ILE A 33 -11.41 0.19 0.65
CA ILE A 33 -11.05 -0.87 1.58
C ILE A 33 -9.76 -0.53 2.33
N LYS A 34 -9.56 -1.18 3.48
CA LYS A 34 -8.36 -0.93 4.29
C LYS A 34 -7.20 -1.82 3.85
N LEU A 35 -6.24 -1.23 3.15
CA LEU A 35 -5.07 -1.97 2.66
C LEU A 35 -3.92 -1.90 3.67
N LYS A 36 -3.22 -3.01 3.83
CA LYS A 36 -2.10 -3.08 4.76
C LYS A 36 -0.81 -3.52 4.07
N VAL A 37 0.23 -2.70 4.19
CA VAL A 37 1.52 -3.02 3.59
C VAL A 37 2.60 -3.10 4.68
N ILE A 38 3.40 -4.17 4.63
CA ILE A 38 4.47 -4.37 5.63
C ILE A 38 5.80 -3.86 5.11
N GLY A 39 6.37 -2.87 5.79
CA GLY A 39 7.64 -2.30 5.37
C GLY A 39 8.85 -3.14 5.76
N GLN A 40 10.02 -2.70 5.33
CA GLN A 40 11.28 -3.41 5.62
C GLN A 40 11.59 -3.46 7.12
N ASP A 41 11.28 -2.38 7.83
CA ASP A 41 11.54 -2.31 9.26
C ASP A 41 10.33 -2.79 10.07
N SER A 42 9.52 -3.66 9.48
CA SER A 42 8.32 -4.22 10.12
C SER A 42 7.29 -3.12 10.45
N SER A 43 7.27 -2.08 9.63
CA SER A 43 6.34 -0.97 9.82
C SER A 43 5.00 -1.27 9.15
N GLU A 44 3.94 -1.34 9.96
CA GLU A 44 2.60 -1.62 9.45
C GLU A 44 1.89 -0.33 9.05
N ILE A 45 1.71 -0.12 7.75
CA ILE A 45 1.03 1.07 7.25
C ILE A 45 -0.34 0.72 6.67
N HIS A 46 -1.37 1.42 7.15
CA HIS A 46 -2.74 1.18 6.68
C HIS A 46 -3.24 2.35 5.83
N PHE A 47 -3.75 2.04 4.64
CA PHE A 47 -4.25 3.08 3.74
C PHE A 47 -5.62 2.70 3.17
N LYS A 48 -6.47 3.69 2.96
CA LYS A 48 -7.81 3.46 2.42
C LYS A 48 -7.85 3.71 0.91
N VAL A 49 -7.86 2.63 0.14
CA VAL A 49 -7.89 2.72 -1.33
C VAL A 49 -8.84 1.69 -1.93
N LYS A 50 -8.83 1.58 -3.25
CA LYS A 50 -9.70 0.62 -3.95
C LYS A 50 -8.91 -0.59 -4.43
N MET A 51 -9.62 -1.67 -4.75
CA MET A 51 -8.99 -2.90 -5.22
C MET A 51 -8.74 -2.85 -6.74
N THR A 52 -9.51 -2.03 -7.46
CA THR A 52 -9.36 -1.92 -8.91
C THR A 52 -8.53 -0.68 -9.29
N THR A 53 -7.31 -0.59 -8.77
CA THR A 53 -6.43 0.54 -9.04
C THR A 53 -5.00 0.08 -9.36
N HIS A 54 -4.24 0.95 -10.02
CA HIS A 54 -2.86 0.65 -10.38
C HIS A 54 -1.96 0.59 -9.14
N LEU A 55 -0.89 -0.20 -9.22
CA LEU A 55 0.02 -0.36 -8.08
C LEU A 55 0.83 0.92 -7.76
N LYS A 56 0.86 1.87 -8.70
CA LYS A 56 1.59 3.13 -8.50
C LYS A 56 1.09 3.88 -7.26
N LYS A 57 -0.24 3.93 -7.10
CA LYS A 57 -0.86 4.62 -5.96
C LYS A 57 -0.62 3.86 -4.65
N LEU A 58 -0.47 2.54 -4.76
CA LEU A 58 -0.24 1.70 -3.59
C LEU A 58 1.15 1.91 -3.01
N LYS A 59 2.19 1.82 -3.85
CA LYS A 59 3.57 2.02 -3.42
C LYS A 59 3.81 3.46 -2.97
N GLU A 60 3.24 4.42 -3.72
CA GLU A 60 3.40 5.84 -3.41
C GLU A 60 2.78 6.20 -2.05
N SER A 61 1.84 5.37 -1.59
CA SER A 61 1.18 5.60 -0.30
C SER A 61 2.09 5.15 0.84
N TYR A 62 2.71 3.99 0.68
CA TYR A 62 3.63 3.44 1.70
C TYR A 62 4.97 4.19 1.74
N CYS A 63 5.59 4.39 0.58
CA CYS A 63 6.90 5.08 0.50
C CYS A 63 6.86 6.50 1.06
N GLN A 64 5.73 7.18 0.94
CA GLN A 64 5.58 8.55 1.44
C GLN A 64 5.59 8.61 2.97
N ARG A 65 5.31 7.49 3.63
CA ARG A 65 5.29 7.43 5.10
C ARG A 65 6.72 7.41 5.65
N GLN A 66 7.59 6.64 5.00
CA GLN A 66 9.00 6.54 5.42
C GLN A 66 9.83 7.71 4.88
N GLY A 67 9.67 8.02 3.59
CA GLY A 67 10.42 9.12 3.00
C GLY A 67 11.52 8.64 2.07
N VAL A 68 11.27 7.55 1.36
CA VAL A 68 12.24 6.98 0.43
C VAL A 68 11.66 6.87 -0.98
N PRO A 69 12.52 6.99 -2.02
CA PRO A 69 12.08 6.89 -3.42
C PRO A 69 11.69 5.47 -3.83
N MET A 70 10.89 5.36 -4.89
CA MET A 70 10.43 4.06 -5.39
C MET A 70 11.51 3.32 -6.18
N ASN A 71 12.77 3.57 -5.84
CA ASN A 71 13.90 2.92 -6.50
C ASN A 71 14.93 2.47 -5.46
N SER A 72 14.44 2.22 -4.25
CA SER A 72 15.29 1.79 -3.14
C SER A 72 14.81 0.47 -2.54
N LEU A 73 13.50 0.26 -2.57
CA LEU A 73 12.89 -0.96 -2.05
C LEU A 73 11.97 -1.62 -3.08
N ARG A 74 11.81 -2.93 -2.98
CA ARG A 74 10.97 -3.68 -3.90
C ARG A 74 9.91 -4.49 -3.16
N LEU A 75 8.69 -4.52 -3.71
CA LEU A 75 7.60 -5.26 -3.10
C LEU A 75 7.41 -6.62 -3.78
N LEU A 76 7.10 -7.66 -2.98
CA LEU A 76 6.92 -9.00 -3.53
C LEU A 76 5.74 -9.73 -2.86
N PHE A 77 5.12 -10.63 -3.60
CA PHE A 77 3.98 -11.41 -3.09
C PHE A 77 4.12 -12.88 -3.44
N GLU A 78 4.23 -13.73 -2.40
CA GLU A 78 4.36 -15.19 -2.54
C GLU A 78 5.49 -15.61 -3.51
N GLY A 79 6.51 -14.76 -3.64
CA GLY A 79 7.63 -15.08 -4.52
C GLY A 79 7.58 -14.35 -5.86
N GLN A 80 6.44 -13.74 -6.18
CA GLN A 80 6.30 -13.01 -7.44
C GLN A 80 6.52 -11.51 -7.25
N ARG A 81 7.11 -10.87 -8.25
CA ARG A 81 7.37 -9.44 -8.20
C ARG A 81 6.17 -8.66 -8.75
N ILE A 82 5.99 -7.43 -8.27
CA ILE A 82 4.87 -6.60 -8.69
C ILE A 82 5.35 -5.32 -9.37
N ALA A 83 4.75 -4.98 -10.51
CA ALA A 83 5.11 -3.78 -11.27
C ALA A 83 4.26 -2.57 -10.87
N ASP A 84 4.13 -1.61 -11.80
CA ASP A 84 3.38 -0.38 -11.58
C ASP A 84 1.96 -0.46 -12.18
N ASN A 85 1.88 -0.85 -13.45
CA ASN A 85 0.60 -0.95 -14.16
C ASN A 85 -0.15 -2.25 -13.83
N HIS A 86 0.10 -2.80 -12.64
CA HIS A 86 -0.55 -4.03 -12.21
C HIS A 86 -1.81 -3.73 -11.40
N THR A 87 -2.69 -4.72 -11.29
CA THR A 87 -3.93 -4.57 -10.52
C THR A 87 -4.11 -5.75 -9.57
N PRO A 88 -4.46 -5.48 -8.30
CA PRO A 88 -4.67 -6.54 -7.28
C PRO A 88 -5.71 -7.57 -7.71
N LYS A 89 -6.75 -7.11 -8.40
CA LYS A 89 -7.82 -7.97 -8.88
C LYS A 89 -7.30 -8.96 -9.94
N GLU A 90 -6.33 -8.53 -10.73
CA GLU A 90 -5.76 -9.37 -11.77
C GLU A 90 -4.62 -10.24 -11.22
N LEU A 91 -3.89 -9.71 -10.24
CA LEU A 91 -2.79 -10.45 -9.62
C LEU A 91 -3.27 -11.59 -8.71
N GLY A 92 -4.53 -11.54 -8.29
CA GLY A 92 -5.08 -12.58 -7.43
C GLY A 92 -4.97 -12.26 -5.95
N MET A 93 -5.17 -10.99 -5.60
CA MET A 93 -5.11 -10.57 -4.19
C MET A 93 -6.47 -10.76 -3.53
N GLU A 94 -6.48 -10.82 -2.20
CA GLU A 94 -7.72 -11.01 -1.46
C GLU A 94 -7.93 -9.96 -0.38
N GLU A 95 -9.03 -10.09 0.36
CA GLU A 95 -9.41 -9.16 1.45
C GLU A 95 -8.24 -8.55 2.24
N GLU A 96 -7.31 -9.39 2.73
CA GLU A 96 -6.16 -8.88 3.51
C GLU A 96 -5.30 -7.91 2.70
N ASP A 97 -5.07 -8.24 1.42
CA ASP A 97 -4.28 -7.39 0.50
C ASP A 97 -2.89 -7.01 1.04
N VAL A 98 -2.39 -7.75 2.03
CA VAL A 98 -1.11 -7.43 2.65
C VAL A 98 0.08 -7.91 1.81
N ILE A 99 0.93 -6.95 1.41
CA ILE A 99 2.12 -7.23 0.62
C ILE A 99 3.38 -6.90 1.42
N GLU A 100 4.49 -7.58 1.11
CA GLU A 100 5.74 -7.34 1.83
C GLU A 100 6.75 -6.58 0.97
N VAL A 101 7.44 -5.63 1.59
CA VAL A 101 8.44 -4.82 0.91
C VAL A 101 9.84 -5.06 1.48
N TYR A 102 10.83 -5.22 0.60
CA TYR A 102 12.21 -5.47 1.04
C TYR A 102 13.16 -4.39 0.51
N GLN A 103 14.14 -4.03 1.32
CA GLN A 103 15.13 -3.02 0.94
C GLN A 103 16.26 -3.62 0.11
N GLU A 104 16.55 -3.01 -1.03
CA GLU A 104 17.61 -3.49 -1.91
C GLU A 104 18.97 -2.94 -1.45
N GLN A 105 19.05 -1.62 -1.32
CA GLN A 105 20.29 -0.97 -0.87
C GLN A 105 20.51 -1.18 0.63
N THR A 106 21.75 -1.47 1.00
CA THR A 106 22.11 -1.70 2.39
C THR A 106 22.43 -0.40 3.12
N GLY A 107 21.55 -0.03 4.06
CA GLY A 107 21.76 1.19 4.82
C GLY A 107 20.48 2.02 4.95
N GLY A 108 20.64 3.30 5.21
CA GLY A 108 19.48 4.18 5.35
C GLY A 108 19.28 5.13 4.17
N MET A 12 -57.12 28.84 -14.52
CA MET A 12 -56.33 28.30 -15.67
C MET A 12 -56.34 26.76 -15.69
N SER A 13 -55.61 26.15 -14.76
CA SER A 13 -55.56 24.68 -14.66
C SER A 13 -56.74 24.17 -13.83
N ASP A 14 -56.79 24.58 -12.56
CA ASP A 14 -57.87 24.19 -11.64
C ASP A 14 -58.02 22.67 -11.53
N GLN A 15 -56.90 21.95 -11.60
CA GLN A 15 -56.91 20.50 -11.51
C GLN A 15 -55.81 19.99 -10.58
N GLU A 16 -55.88 18.71 -10.21
CA GLU A 16 -54.89 18.11 -9.32
C GLU A 16 -53.70 17.58 -10.10
N ALA A 17 -52.94 18.48 -10.71
CA ALA A 17 -51.76 18.10 -11.48
C ALA A 17 -50.48 18.21 -10.64
N LYS A 18 -50.15 17.14 -9.93
CA LYS A 18 -48.95 17.12 -9.09
C LYS A 18 -47.93 16.11 -9.60
N PRO A 19 -46.65 16.54 -9.70
CA PRO A 19 -45.57 15.67 -10.17
C PRO A 19 -45.07 14.70 -9.08
N SER A 20 -44.61 13.53 -9.50
CA SER A 20 -44.11 12.53 -8.56
C SER A 20 -43.16 11.54 -9.24
N THR A 21 -42.27 12.06 -10.08
CA THR A 21 -41.31 11.23 -10.80
C THR A 21 -40.06 10.98 -9.96
N GLU A 22 -40.14 10.01 -9.06
CA GLU A 22 -39.02 9.66 -8.19
C GLU A 22 -38.01 8.75 -8.90
N ASP A 23 -37.26 9.33 -9.84
CA ASP A 23 -36.25 8.58 -10.59
C ASP A 23 -34.90 8.62 -9.89
N LEU A 24 -34.72 7.73 -8.92
CA LEU A 24 -33.46 7.65 -8.16
C LEU A 24 -32.51 6.60 -8.76
N GLY A 25 -31.24 6.96 -8.86
CA GLY A 25 -30.25 6.03 -9.40
C GLY A 25 -28.88 6.68 -9.56
N ASP A 26 -28.01 6.02 -10.34
CA ASP A 26 -26.65 6.50 -10.59
C ASP A 26 -25.85 6.69 -9.29
N LYS A 27 -25.83 5.65 -8.45
CA LYS A 27 -25.11 5.71 -7.18
C LYS A 27 -23.68 5.15 -7.31
N LYS A 28 -23.38 4.58 -8.49
CA LYS A 28 -22.07 4.00 -8.78
C LYS A 28 -21.74 2.81 -7.86
N GLU A 29 -20.46 2.46 -7.78
CA GLU A 29 -20.03 1.34 -6.93
C GLU A 29 -18.76 1.70 -6.16
N GLY A 30 -18.92 1.94 -4.86
CA GLY A 30 -17.78 2.30 -4.02
C GLY A 30 -17.20 1.10 -3.27
N GLU A 31 -16.37 0.32 -3.95
CA GLU A 31 -15.76 -0.86 -3.35
C GLU A 31 -14.30 -0.58 -2.97
N TYR A 32 -14.11 0.04 -1.81
CA TYR A 32 -12.77 0.36 -1.32
C TYR A 32 -12.47 -0.37 -0.01
N ILE A 33 -11.20 -0.71 0.19
CA ILE A 33 -10.78 -1.43 1.40
C ILE A 33 -9.51 -0.80 2.00
N LYS A 34 -9.17 -1.22 3.21
CA LYS A 34 -7.98 -0.71 3.89
C LYS A 34 -6.79 -1.65 3.69
N LEU A 35 -5.96 -1.30 2.70
CA LEU A 35 -4.78 -2.10 2.38
C LEU A 35 -3.65 -1.85 3.38
N LYS A 36 -2.91 -2.91 3.72
CA LYS A 36 -1.81 -2.80 4.67
C LYS A 36 -0.50 -3.33 4.08
N VAL A 37 0.56 -2.53 4.18
CA VAL A 37 1.87 -2.93 3.67
C VAL A 37 2.86 -3.10 4.82
N ILE A 38 3.61 -4.19 4.79
CA ILE A 38 4.60 -4.46 5.85
C ILE A 38 6.00 -4.08 5.39
N GLY A 39 6.56 -3.06 6.03
CA GLY A 39 7.91 -2.59 5.68
C GLY A 39 9.02 -3.46 6.26
N GLN A 40 10.26 -3.15 5.88
CA GLN A 40 11.43 -3.91 6.35
C GLN A 40 11.65 -3.73 7.85
N ASP A 41 11.27 -2.56 8.36
CA ASP A 41 11.44 -2.26 9.79
C ASP A 41 10.20 -2.66 10.60
N SER A 42 9.45 -3.64 10.09
CA SER A 42 8.22 -4.13 10.75
C SER A 42 7.18 -3.01 10.91
N SER A 43 7.15 -2.10 9.95
CA SER A 43 6.21 -0.98 9.97
C SER A 43 4.93 -1.33 9.24
N GLU A 44 3.78 -1.09 9.88
CA GLU A 44 2.48 -1.39 9.28
C GLU A 44 1.78 -0.11 8.83
N ILE A 45 1.68 0.08 7.52
CA ILE A 45 1.01 1.26 6.97
C ILE A 45 -0.36 0.91 6.40
N HIS A 46 -1.39 1.58 6.91
CA HIS A 46 -2.76 1.32 6.46
C HIS A 46 -3.27 2.45 5.55
N PHE A 47 -3.64 2.09 4.32
CA PHE A 47 -4.13 3.07 3.35
C PHE A 47 -5.42 2.57 2.67
N LYS A 48 -6.41 3.45 2.57
CA LYS A 48 -7.69 3.10 1.94
C LYS A 48 -7.60 3.24 0.42
N VAL A 49 -7.92 2.17 -0.29
CA VAL A 49 -7.87 2.19 -1.76
C VAL A 49 -8.83 1.15 -2.36
N LYS A 50 -9.14 1.32 -3.65
CA LYS A 50 -10.04 0.40 -4.34
C LYS A 50 -9.29 -0.85 -4.81
N MET A 51 -10.02 -1.95 -4.98
CA MET A 51 -9.42 -3.22 -5.41
C MET A 51 -8.99 -3.21 -6.88
N THR A 52 -9.49 -2.25 -7.67
CA THR A 52 -9.14 -2.18 -9.09
C THR A 52 -8.19 -1.01 -9.40
N THR A 53 -7.51 -0.51 -8.38
CA THR A 53 -6.57 0.61 -8.56
C THR A 53 -5.18 0.13 -8.97
N HIS A 54 -4.45 1.00 -9.67
CA HIS A 54 -3.10 0.69 -10.13
C HIS A 54 -2.10 0.77 -8.96
N LEU A 55 -1.01 0.01 -9.06
CA LEU A 55 -0.01 -0.01 -7.99
C LEU A 55 0.87 1.25 -7.92
N LYS A 56 0.87 2.08 -8.99
CA LYS A 56 1.68 3.30 -9.00
C LYS A 56 1.37 4.20 -7.81
N LYS A 57 0.08 4.48 -7.59
CA LYS A 57 -0.35 5.32 -6.47
C LYS A 57 -0.35 4.54 -5.16
N LEU A 58 -0.40 3.22 -5.27
CA LEU A 58 -0.41 2.33 -4.10
C LEU A 58 0.95 2.32 -3.40
N LYS A 59 2.01 2.00 -4.15
CA LYS A 59 3.37 1.96 -3.60
C LYS A 59 3.85 3.35 -3.22
N GLU A 60 3.50 4.35 -4.03
CA GLU A 60 3.89 5.73 -3.77
C GLU A 60 3.28 6.26 -2.46
N SER A 61 2.16 5.67 -2.05
CA SER A 61 1.49 6.07 -0.82
C SER A 61 2.26 5.53 0.40
N TYR A 62 2.69 4.28 0.30
CA TYR A 62 3.45 3.63 1.37
C TYR A 62 4.85 4.25 1.54
N CYS A 63 5.59 4.42 0.43
CA CYS A 63 6.95 4.98 0.48
C CYS A 63 6.99 6.42 1.02
N GLN A 64 5.95 7.21 0.72
CA GLN A 64 5.89 8.59 1.17
C GLN A 64 5.70 8.70 2.71
N ARG A 65 5.19 7.63 3.31
CA ARG A 65 4.97 7.61 4.76
C ARG A 65 6.29 7.50 5.51
N GLN A 66 7.14 6.57 5.06
CA GLN A 66 8.46 6.38 5.68
C GLN A 66 9.46 7.45 5.24
N GLY A 67 9.44 7.80 3.95
CA GLY A 67 10.34 8.82 3.44
C GLY A 67 11.50 8.21 2.66
N VAL A 68 11.22 7.15 1.91
CA VAL A 68 12.24 6.47 1.12
C VAL A 68 11.80 6.29 -0.33
N PRO A 69 12.76 6.36 -1.28
CA PRO A 69 12.45 6.19 -2.71
C PRO A 69 12.28 4.72 -3.11
N MET A 70 11.80 4.49 -4.33
CA MET A 70 11.58 3.14 -4.83
C MET A 70 12.87 2.49 -5.36
N ASN A 71 14.01 3.04 -4.95
CA ASN A 71 15.31 2.51 -5.36
C ASN A 71 16.06 1.90 -4.18
N SER A 72 15.39 1.80 -3.04
CA SER A 72 16.00 1.22 -1.84
C SER A 72 15.27 -0.04 -1.38
N LEU A 73 13.95 -0.08 -1.59
CA LEU A 73 13.14 -1.22 -1.20
C LEU A 73 12.26 -1.71 -2.34
N ARG A 74 12.03 -3.02 -2.39
CA ARG A 74 11.21 -3.62 -3.43
C ARG A 74 9.96 -4.27 -2.83
N LEU A 75 8.83 -4.12 -3.52
CA LEU A 75 7.56 -4.69 -3.08
C LEU A 75 7.22 -5.95 -3.87
N LEU A 76 6.92 -7.04 -3.17
CA LEU A 76 6.59 -8.31 -3.83
C LEU A 76 5.44 -9.03 -3.11
N PHE A 77 4.73 -9.89 -3.86
CA PHE A 77 3.61 -10.64 -3.29
C PHE A 77 3.63 -12.10 -3.77
N GLU A 78 3.62 -13.03 -2.80
CA GLU A 78 3.62 -14.48 -3.05
C GLU A 78 4.78 -14.95 -3.94
N GLY A 79 5.82 -14.12 -4.07
CA GLY A 79 6.98 -14.47 -4.88
C GLY A 79 6.93 -13.90 -6.29
N GLN A 80 5.89 -13.14 -6.62
CA GLN A 80 5.77 -12.54 -7.94
C GLN A 80 6.27 -11.10 -7.95
N ARG A 81 6.75 -10.66 -9.12
CA ARG A 81 7.27 -9.30 -9.29
C ARG A 81 6.12 -8.29 -9.40
N ILE A 82 6.20 -7.24 -8.61
CA ILE A 82 5.16 -6.20 -8.61
C ILE A 82 5.56 -5.00 -9.47
N ALA A 83 4.67 -4.65 -10.39
CA ALA A 83 4.90 -3.51 -11.29
C ALA A 83 3.99 -2.32 -10.91
N ASP A 84 3.83 -1.39 -11.85
CA ASP A 84 3.01 -0.19 -11.63
C ASP A 84 1.60 -0.34 -12.22
N ASN A 85 1.53 -0.81 -13.46
CA ASN A 85 0.24 -0.99 -14.16
C ASN A 85 -0.48 -2.28 -13.71
N HIS A 86 -0.21 -2.71 -12.50
CA HIS A 86 -0.82 -3.92 -11.95
C HIS A 86 -1.93 -3.57 -10.95
N THR A 87 -2.82 -4.53 -10.72
CA THR A 87 -3.92 -4.35 -9.78
C THR A 87 -3.99 -5.55 -8.82
N PRO A 88 -4.45 -5.35 -7.58
CA PRO A 88 -4.58 -6.43 -6.59
C PRO A 88 -5.45 -7.59 -7.10
N LYS A 89 -6.45 -7.26 -7.90
CA LYS A 89 -7.36 -8.25 -8.48
C LYS A 89 -6.64 -9.16 -9.47
N GLU A 90 -5.63 -8.62 -10.16
CA GLU A 90 -4.86 -9.38 -11.13
C GLU A 90 -3.70 -10.13 -10.47
N LEU A 91 -3.11 -9.53 -9.44
CA LEU A 91 -1.98 -10.15 -8.72
C LEU A 91 -2.44 -11.31 -7.82
N GLY A 92 -3.74 -11.38 -7.51
CA GLY A 92 -4.25 -12.44 -6.68
C GLY A 92 -4.32 -12.07 -5.21
N MET A 93 -4.66 -10.82 -4.91
CA MET A 93 -4.76 -10.37 -3.52
C MET A 93 -6.18 -10.57 -2.99
N GLU A 94 -6.28 -10.88 -1.70
CA GLU A 94 -7.58 -11.11 -1.06
C GLU A 94 -7.85 -10.05 0.01
N GLU A 95 -8.98 -10.21 0.70
CA GLU A 95 -9.42 -9.30 1.78
C GLU A 95 -8.28 -8.58 2.55
N GLU A 96 -7.28 -9.32 3.03
CA GLU A 96 -6.17 -8.71 3.79
C GLU A 96 -5.37 -7.71 2.94
N ASP A 97 -5.14 -8.04 1.65
CA ASP A 97 -4.40 -7.15 0.74
C ASP A 97 -3.01 -6.76 1.26
N VAL A 98 -2.48 -7.53 2.21
CA VAL A 98 -1.18 -7.22 2.81
C VAL A 98 0.01 -7.65 1.92
N ILE A 99 0.89 -6.69 1.65
CA ILE A 99 2.08 -6.94 0.82
C ILE A 99 3.35 -6.83 1.65
N GLU A 100 4.40 -7.53 1.22
CA GLU A 100 5.68 -7.52 1.95
C GLU A 100 6.74 -6.71 1.18
N VAL A 101 7.51 -5.92 1.91
CA VAL A 101 8.57 -5.10 1.31
C VAL A 101 9.94 -5.57 1.79
N TYR A 102 10.91 -5.62 0.87
CA TYR A 102 12.27 -6.04 1.21
C TYR A 102 13.30 -4.98 0.81
N GLN A 103 14.36 -4.87 1.60
CA GLN A 103 15.42 -3.90 1.33
C GLN A 103 16.45 -4.45 0.34
N GLU A 104 16.80 -3.64 -0.65
CA GLU A 104 17.78 -4.06 -1.66
C GLU A 104 18.89 -3.01 -1.84
N GLN A 105 18.48 -1.73 -1.96
CA GLN A 105 19.42 -0.60 -2.15
C GLN A 105 20.18 -0.70 -3.48
N THR A 106 19.66 -0.02 -4.50
CA THR A 106 20.29 -0.04 -5.82
C THR A 106 21.36 1.06 -5.95
N GLY A 107 22.61 0.69 -5.75
CA GLY A 107 23.71 1.64 -5.85
C GLY A 107 23.89 2.46 -4.58
N GLY A 108 23.07 3.48 -4.39
CA GLY A 108 23.16 4.33 -3.21
C GLY A 108 24.30 5.33 -3.27
N MET A 12 8.04 12.34 19.85
CA MET A 12 8.68 11.43 20.85
C MET A 12 9.55 10.36 20.16
N SER A 13 8.90 9.31 19.66
CA SER A 13 9.61 8.22 18.98
C SER A 13 9.82 8.55 17.50
N ASP A 14 10.56 9.63 17.24
CA ASP A 14 10.83 10.06 15.87
C ASP A 14 12.11 9.43 15.33
N GLN A 15 12.03 8.14 14.97
CA GLN A 15 13.18 7.42 14.43
C GLN A 15 12.98 7.07 12.96
N GLU A 16 12.40 8.01 12.20
CA GLU A 16 12.12 7.84 10.77
C GLU A 16 11.04 6.79 10.51
N ALA A 17 11.38 5.52 10.68
CA ALA A 17 10.44 4.43 10.47
C ALA A 17 9.54 4.23 11.70
N LYS A 18 8.26 3.92 11.46
CA LYS A 18 7.32 3.71 12.55
C LYS A 18 7.07 2.22 12.79
N PRO A 19 7.48 1.70 13.96
CA PRO A 19 7.30 0.30 14.32
C PRO A 19 5.89 -0.02 14.83
N SER A 20 4.89 0.16 13.97
CA SER A 20 3.51 -0.10 14.34
C SER A 20 3.17 -1.58 14.25
N THR A 21 2.83 -2.19 15.38
CA THR A 21 2.50 -3.61 15.44
C THR A 21 0.98 -3.82 15.39
N GLU A 22 0.27 -3.29 16.38
CA GLU A 22 -1.18 -3.43 16.45
C GLU A 22 -1.89 -2.38 15.60
N ASP A 23 -1.75 -2.49 14.28
CA ASP A 23 -2.38 -1.56 13.36
C ASP A 23 -3.60 -2.18 12.67
N LEU A 24 -4.76 -2.06 13.32
CA LEU A 24 -5.99 -2.63 12.78
C LEU A 24 -6.70 -1.63 11.85
N GLY A 25 -6.87 -0.40 12.32
CA GLY A 25 -7.53 0.62 11.50
C GLY A 25 -9.03 0.65 11.71
N ASP A 26 -9.78 0.65 10.60
CA ASP A 26 -11.24 0.66 10.62
C ASP A 26 -11.79 1.87 11.41
N LYS A 27 -11.24 3.05 11.13
CA LYS A 27 -11.67 4.28 11.82
C LYS A 27 -12.90 4.89 11.15
N LYS A 28 -12.89 4.95 9.83
CA LYS A 28 -14.01 5.52 9.07
C LYS A 28 -14.44 4.59 7.94
N GLU A 29 -15.74 4.32 7.86
CA GLU A 29 -16.27 3.45 6.81
C GLU A 29 -16.55 4.23 5.53
N GLY A 30 -16.06 3.71 4.40
CA GLY A 30 -16.26 4.36 3.13
C GLY A 30 -16.11 3.42 1.95
N GLU A 31 -16.01 3.97 0.75
CA GLU A 31 -15.86 3.16 -0.47
C GLU A 31 -14.38 2.85 -0.75
N TYR A 32 -13.75 2.12 0.15
CA TYR A 32 -12.35 1.73 0.00
C TYR A 32 -12.04 0.48 0.82
N ILE A 33 -11.08 -0.30 0.35
CA ILE A 33 -10.68 -1.52 1.04
C ILE A 33 -9.59 -1.24 2.07
N LYS A 34 -9.70 -1.86 3.24
CA LYS A 34 -8.72 -1.66 4.31
C LYS A 34 -7.43 -2.45 4.04
N LEU A 35 -6.67 -1.96 3.07
CA LEU A 35 -5.41 -2.61 2.68
C LEU A 35 -4.31 -2.34 3.72
N LYS A 36 -3.50 -3.35 3.99
CA LYS A 36 -2.41 -3.24 4.94
C LYS A 36 -1.07 -3.59 4.29
N VAL A 37 -0.07 -2.73 4.49
CA VAL A 37 1.25 -2.96 3.92
C VAL A 37 2.26 -3.28 5.03
N ILE A 38 3.01 -4.37 4.83
CA ILE A 38 4.01 -4.80 5.81
C ILE A 38 5.42 -4.41 5.38
N GLY A 39 6.10 -3.60 6.19
CA GLY A 39 7.46 -3.17 5.88
C GLY A 39 8.51 -4.20 6.23
N GLN A 40 9.76 -3.91 5.88
CA GLN A 40 10.88 -4.82 6.13
C GLN A 40 11.16 -4.97 7.63
N ASP A 41 10.84 -3.93 8.41
CA ASP A 41 11.07 -3.96 9.86
C ASP A 41 9.83 -4.45 10.61
N SER A 42 9.00 -5.26 9.94
CA SER A 42 7.77 -5.81 10.52
C SER A 42 6.78 -4.70 10.92
N SER A 43 6.81 -3.60 10.18
CA SER A 43 5.93 -2.47 10.45
C SER A 43 4.63 -2.59 9.68
N GLU A 44 3.51 -2.48 10.39
CA GLU A 44 2.18 -2.57 9.76
C GLU A 44 1.60 -1.18 9.53
N ILE A 45 1.46 -0.79 8.27
CA ILE A 45 0.91 0.52 7.93
C ILE A 45 -0.38 0.40 7.11
N HIS A 46 -1.41 1.13 7.52
CA HIS A 46 -2.71 1.10 6.85
C HIS A 46 -2.89 2.33 5.97
N PHE A 47 -3.46 2.13 4.78
CA PHE A 47 -3.69 3.24 3.84
C PHE A 47 -5.17 3.35 3.47
N LYS A 48 -5.79 2.21 3.13
CA LYS A 48 -7.21 2.14 2.74
C LYS A 48 -7.44 2.78 1.36
N VAL A 49 -7.28 1.97 0.32
CA VAL A 49 -7.47 2.43 -1.06
C VAL A 49 -8.39 1.47 -1.83
N LYS A 50 -8.64 1.80 -3.10
CA LYS A 50 -9.48 0.95 -3.93
C LYS A 50 -8.68 -0.18 -4.56
N MET A 51 -9.28 -1.34 -4.69
CA MET A 51 -8.59 -2.50 -5.27
C MET A 51 -8.60 -2.45 -6.80
N THR A 52 -9.50 -1.65 -7.38
CA THR A 52 -9.60 -1.52 -8.83
C THR A 52 -8.70 -0.39 -9.36
N THR A 53 -7.48 -0.32 -8.86
CA THR A 53 -6.55 0.72 -9.28
C THR A 53 -5.14 0.17 -9.53
N HIS A 54 -4.34 0.90 -10.29
CA HIS A 54 -2.98 0.49 -10.62
C HIS A 54 -2.04 0.65 -9.42
N LEU A 55 -0.98 -0.16 -9.37
CA LEU A 55 -0.03 -0.10 -8.27
C LEU A 55 0.77 1.21 -8.23
N LYS A 56 0.75 1.99 -9.31
CA LYS A 56 1.48 3.27 -9.36
C LYS A 56 0.99 4.25 -8.28
N LYS A 57 -0.26 4.09 -7.86
CA LYS A 57 -0.84 4.96 -6.83
C LYS A 57 -0.60 4.40 -5.43
N LEU A 58 -0.50 3.07 -5.34
CA LEU A 58 -0.27 2.39 -4.06
C LEU A 58 1.21 2.36 -3.67
N LYS A 59 2.05 1.86 -4.58
CA LYS A 59 3.49 1.75 -4.36
C LYS A 59 4.13 3.10 -4.02
N GLU A 60 3.81 4.12 -4.82
CA GLU A 60 4.37 5.46 -4.61
C GLU A 60 3.86 6.11 -3.31
N SER A 61 2.63 5.79 -2.93
CA SER A 61 2.04 6.37 -1.72
C SER A 61 2.79 5.94 -0.46
N TYR A 62 3.07 4.65 -0.35
CA TYR A 62 3.81 4.11 0.80
C TYR A 62 5.21 4.73 0.90
N CYS A 63 5.86 4.96 -0.23
CA CYS A 63 7.22 5.55 -0.25
C CYS A 63 7.15 7.03 0.07
N GLN A 64 6.07 7.66 -0.38
CA GLN A 64 5.84 9.08 -0.16
C GLN A 64 5.57 9.39 1.30
N ARG A 65 4.77 8.54 1.94
CA ARG A 65 4.42 8.72 3.36
C ARG A 65 5.63 8.50 4.27
N GLN A 66 6.41 7.45 3.98
CA GLN A 66 7.60 7.14 4.78
C GLN A 66 8.75 8.11 4.50
N GLY A 67 8.94 8.47 3.23
CA GLY A 67 10.01 9.39 2.86
C GLY A 67 11.23 8.69 2.30
N VAL A 68 11.01 7.70 1.45
CA VAL A 68 12.10 6.94 0.85
C VAL A 68 11.88 6.74 -0.65
N PRO A 69 12.96 6.69 -1.44
CA PRO A 69 12.88 6.49 -2.90
C PRO A 69 12.55 5.04 -3.28
N MET A 70 12.15 4.83 -4.52
CA MET A 70 11.82 3.48 -5.01
C MET A 70 13.05 2.71 -5.48
N ASN A 71 14.22 3.10 -4.98
CA ASN A 71 15.48 2.43 -5.35
C ASN A 71 16.11 1.72 -4.15
N SER A 72 15.47 1.78 -2.99
CA SER A 72 15.99 1.14 -1.79
C SER A 72 15.10 -0.02 -1.34
N LEU A 73 13.79 0.11 -1.54
CA LEU A 73 12.86 -0.93 -1.14
C LEU A 73 12.00 -1.39 -2.32
N ARG A 74 11.65 -2.67 -2.35
CA ARG A 74 10.83 -3.24 -3.41
C ARG A 74 9.60 -3.94 -2.85
N LEU A 75 8.50 -3.90 -3.62
CA LEU A 75 7.25 -4.54 -3.20
C LEU A 75 7.05 -5.88 -3.92
N LEU A 76 6.79 -6.93 -3.14
CA LEU A 76 6.59 -8.27 -3.72
C LEU A 76 5.47 -9.03 -3.01
N PHE A 77 4.90 -10.01 -3.71
CA PHE A 77 3.81 -10.82 -3.16
C PHE A 77 3.93 -12.28 -3.60
N GLU A 78 3.92 -13.19 -2.62
CA GLU A 78 4.03 -14.64 -2.84
C GLU A 78 5.23 -15.04 -3.71
N GLY A 79 6.23 -14.16 -3.81
CA GLY A 79 7.41 -14.46 -4.60
C GLY A 79 7.42 -13.79 -5.97
N GLN A 80 6.31 -13.15 -6.33
CA GLN A 80 6.20 -12.48 -7.63
C GLN A 80 6.50 -10.98 -7.50
N ARG A 81 7.05 -10.40 -8.56
CA ARG A 81 7.36 -8.98 -8.59
C ARG A 81 6.10 -8.14 -8.82
N ILE A 82 6.09 -6.92 -8.30
CA ILE A 82 4.92 -6.05 -8.45
C ILE A 82 5.24 -4.79 -9.28
N ALA A 83 4.59 -4.71 -10.44
CA ALA A 83 4.76 -3.56 -11.33
C ALA A 83 3.65 -2.54 -11.12
N ASP A 84 3.94 -1.28 -11.47
CA ASP A 84 2.98 -0.18 -11.32
C ASP A 84 1.77 -0.33 -12.25
N ASN A 85 1.94 -1.07 -13.34
CA ASN A 85 0.86 -1.29 -14.31
C ASN A 85 0.01 -2.52 -13.93
N HIS A 86 0.18 -3.01 -12.71
CA HIS A 86 -0.58 -4.18 -12.25
C HIS A 86 -1.71 -3.77 -11.30
N THR A 87 -2.65 -4.68 -11.08
CA THR A 87 -3.78 -4.46 -10.18
C THR A 87 -3.81 -5.55 -9.11
N PRO A 88 -4.19 -5.19 -7.86
CA PRO A 88 -4.27 -6.16 -6.75
C PRO A 88 -5.13 -7.39 -7.07
N LYS A 89 -6.28 -7.16 -7.69
CA LYS A 89 -7.20 -8.25 -8.04
C LYS A 89 -6.59 -9.22 -9.07
N GLU A 90 -5.67 -8.72 -9.90
CA GLU A 90 -5.03 -9.57 -10.90
C GLU A 90 -3.79 -10.26 -10.32
N LEU A 91 -3.14 -9.61 -9.36
CA LEU A 91 -1.95 -10.16 -8.72
C LEU A 91 -2.28 -11.26 -7.71
N GLY A 92 -3.56 -11.49 -7.46
CA GLY A 92 -3.96 -12.53 -6.52
C GLY A 92 -4.17 -12.04 -5.10
N MET A 93 -4.35 -10.73 -4.92
CA MET A 93 -4.58 -10.19 -3.58
C MET A 93 -6.07 -9.99 -3.32
N GLU A 94 -6.63 -10.80 -2.42
CA GLU A 94 -8.05 -10.73 -2.09
C GLU A 94 -8.31 -10.83 -0.59
N GLU A 95 -9.39 -10.18 -0.14
CA GLU A 95 -9.81 -10.17 1.28
C GLU A 95 -8.80 -9.49 2.21
N GLU A 96 -7.57 -9.94 2.19
CA GLU A 96 -6.53 -9.36 3.03
C GLU A 96 -5.81 -8.24 2.28
N ASP A 97 -5.61 -8.44 0.97
CA ASP A 97 -4.95 -7.43 0.11
C ASP A 97 -3.60 -6.93 0.69
N VAL A 98 -3.01 -7.70 1.60
CA VAL A 98 -1.75 -7.30 2.25
C VAL A 98 -0.53 -7.54 1.35
N ILE A 99 0.31 -6.51 1.22
CA ILE A 99 1.54 -6.59 0.43
C ILE A 99 2.77 -6.52 1.32
N GLU A 100 3.87 -7.13 0.87
CA GLU A 100 5.11 -7.13 1.65
C GLU A 100 6.22 -6.33 0.96
N VAL A 101 6.96 -5.55 1.75
CA VAL A 101 8.05 -4.74 1.22
C VAL A 101 9.40 -5.18 1.78
N TYR A 102 10.39 -5.29 0.91
CA TYR A 102 11.74 -5.70 1.32
C TYR A 102 12.79 -4.71 0.82
N GLN A 103 13.91 -4.61 1.53
CA GLN A 103 14.98 -3.70 1.14
C GLN A 103 15.99 -4.37 0.22
N GLU A 104 16.53 -3.60 -0.71
CA GLU A 104 17.51 -4.11 -1.67
C GLU A 104 18.68 -3.13 -1.84
N GLN A 105 18.36 -1.84 -1.93
CA GLN A 105 19.36 -0.77 -2.09
C GLN A 105 20.17 -0.94 -3.38
N THR A 106 19.68 -0.36 -4.48
CA THR A 106 20.36 -0.46 -5.77
C THR A 106 20.32 0.86 -6.53
N GLY A 107 21.47 1.29 -7.04
CA GLY A 107 21.54 2.54 -7.78
C GLY A 107 21.96 3.71 -6.92
N GLY A 108 21.12 4.74 -6.86
CA GLY A 108 21.43 5.92 -6.06
C GLY A 108 22.32 6.92 -6.79
N MET A 12 17.14 -10.03 32.97
CA MET A 12 16.50 -11.17 32.24
C MET A 12 15.06 -10.83 31.80
N SER A 13 14.14 -10.83 32.75
CA SER A 13 12.74 -10.52 32.46
C SER A 13 12.51 -9.01 32.43
N ASP A 14 13.14 -8.35 31.46
CA ASP A 14 13.02 -6.90 31.31
C ASP A 14 12.16 -6.54 30.09
N GLN A 15 11.05 -5.85 30.35
CA GLN A 15 10.14 -5.43 29.28
C GLN A 15 9.63 -4.02 29.52
N GLU A 16 9.00 -3.44 28.50
CA GLU A 16 8.45 -2.08 28.60
C GLU A 16 6.93 -2.10 28.68
N ALA A 17 6.32 -3.19 28.21
CA ALA A 17 4.87 -3.36 28.22
C ALA A 17 4.14 -2.26 27.45
N LYS A 18 4.58 -2.02 26.22
CA LYS A 18 3.98 -0.98 25.38
C LYS A 18 2.95 -1.58 24.42
N PRO A 19 1.67 -1.17 24.54
CA PRO A 19 0.60 -1.66 23.69
C PRO A 19 0.60 -1.04 22.29
N SER A 20 0.32 -1.86 21.28
CA SER A 20 0.29 -1.39 19.90
C SER A 20 -1.12 -0.99 19.49
N THR A 21 -1.56 0.18 19.95
CA THR A 21 -2.90 0.68 19.63
C THR A 21 -2.95 1.31 18.24
N GLU A 22 -2.94 0.48 17.21
CA GLU A 22 -3.00 0.96 15.83
C GLU A 22 -4.44 1.08 15.34
N ASP A 23 -5.32 0.22 15.84
CA ASP A 23 -6.73 0.24 15.47
C ASP A 23 -7.63 0.39 16.68
N LEU A 24 -8.32 1.53 16.79
CA LEU A 24 -9.21 1.78 17.91
C LEU A 24 -10.59 2.26 17.43
N GLY A 25 -10.96 1.85 16.22
CA GLY A 25 -12.26 2.24 15.67
C GLY A 25 -12.12 3.10 14.42
N ASP A 26 -13.26 3.38 13.77
CA ASP A 26 -13.31 4.20 12.55
C ASP A 26 -12.44 3.61 11.43
N LYS A 27 -12.47 2.28 11.30
CA LYS A 27 -11.69 1.60 10.27
C LYS A 27 -12.37 1.66 8.90
N LYS A 28 -13.69 1.46 8.88
CA LYS A 28 -14.46 1.50 7.64
C LYS A 28 -15.48 2.64 7.64
N GLU A 29 -15.11 3.76 7.02
CA GLU A 29 -15.98 4.93 6.96
C GLU A 29 -16.09 5.44 5.52
N GLY A 30 -16.34 4.54 4.58
CA GLY A 30 -16.46 4.91 3.19
C GLY A 30 -16.49 3.72 2.25
N GLU A 31 -16.39 3.98 0.96
CA GLU A 31 -16.40 2.90 -0.05
C GLU A 31 -14.99 2.50 -0.45
N TYR A 32 -14.36 1.66 0.36
CA TYR A 32 -12.99 1.18 0.08
C TYR A 32 -12.76 -0.20 0.69
N ILE A 33 -11.89 -0.98 0.06
CA ILE A 33 -11.59 -2.32 0.55
C ILE A 33 -10.47 -2.29 1.59
N LYS A 34 -9.63 -1.26 1.51
CA LYS A 34 -8.50 -1.06 2.44
C LYS A 34 -7.40 -2.10 2.23
N LEU A 35 -6.27 -1.64 1.68
CA LEU A 35 -5.14 -2.52 1.41
C LEU A 35 -4.11 -2.44 2.54
N LYS A 36 -3.43 -3.56 2.79
CA LYS A 36 -2.43 -3.61 3.85
C LYS A 36 -1.02 -3.87 3.30
N VAL A 37 -0.12 -2.94 3.56
CA VAL A 37 1.27 -3.04 3.10
C VAL A 37 2.23 -3.03 4.30
N ILE A 38 3.15 -3.99 4.33
CA ILE A 38 4.12 -4.09 5.43
C ILE A 38 5.56 -4.01 4.92
N GLY A 39 6.34 -3.07 5.48
CA GLY A 39 7.72 -2.92 5.07
C GLY A 39 8.70 -3.45 6.12
N GLN A 40 10.00 -3.37 5.81
CA GLN A 40 11.05 -3.86 6.73
C GLN A 40 11.12 -3.03 8.03
N ASP A 41 10.48 -1.86 8.03
CA ASP A 41 10.47 -1.00 9.20
C ASP A 41 9.38 -1.39 10.21
N SER A 42 8.64 -2.46 9.89
CA SER A 42 7.56 -2.96 10.75
C SER A 42 6.49 -1.89 11.01
N SER A 43 6.09 -1.21 9.94
CA SER A 43 5.08 -0.15 10.04
C SER A 43 3.77 -0.58 9.39
N GLU A 44 2.71 -0.67 10.19
CA GLU A 44 1.40 -1.07 9.69
C GLU A 44 0.69 0.11 9.02
N ILE A 45 0.59 0.07 7.70
CA ILE A 45 -0.08 1.15 6.95
C ILE A 45 -1.33 0.64 6.23
N HIS A 46 -2.46 1.24 6.56
CA HIS A 46 -3.74 0.87 5.95
C HIS A 46 -4.13 1.85 4.85
N PHE A 47 -4.13 1.37 3.60
CA PHE A 47 -4.47 2.21 2.46
C PHE A 47 -5.97 2.17 2.15
N LYS A 48 -6.67 3.24 2.49
CA LYS A 48 -8.11 3.34 2.24
C LYS A 48 -8.40 3.63 0.77
N VAL A 49 -8.26 2.61 -0.06
CA VAL A 49 -8.49 2.74 -1.50
C VAL A 49 -9.18 1.49 -2.06
N LYS A 50 -9.62 1.57 -3.32
CA LYS A 50 -10.30 0.44 -3.95
C LYS A 50 -9.27 -0.57 -4.49
N MET A 51 -9.73 -1.80 -4.73
CA MET A 51 -8.85 -2.86 -5.23
C MET A 51 -8.56 -2.70 -6.73
N THR A 52 -9.36 -1.90 -7.43
CA THR A 52 -9.17 -1.67 -8.87
C THR A 52 -8.10 -0.60 -9.13
N THR A 53 -7.55 -0.04 -8.06
CA THR A 53 -6.52 1.00 -8.19
C THR A 53 -5.15 0.39 -8.47
N HIS A 54 -4.33 1.10 -9.24
CA HIS A 54 -3.00 0.63 -9.59
C HIS A 54 -2.03 0.77 -8.41
N LEU A 55 -1.01 -0.09 -8.38
CA LEU A 55 -0.02 -0.07 -7.29
C LEU A 55 0.84 1.21 -7.29
N LYS A 56 0.83 1.97 -8.39
CA LYS A 56 1.62 3.21 -8.50
C LYS A 56 1.29 4.19 -7.36
N LYS A 57 0.04 4.17 -6.89
CA LYS A 57 -0.38 5.05 -5.80
C LYS A 57 0.06 4.51 -4.44
N LEU A 58 -0.08 3.20 -4.27
CA LEU A 58 0.29 2.53 -3.01
C LEU A 58 1.81 2.51 -2.80
N LYS A 59 2.54 2.09 -3.84
CA LYS A 59 4.00 2.00 -3.79
C LYS A 59 4.65 3.36 -3.53
N GLU A 60 4.13 4.40 -4.17
CA GLU A 60 4.68 5.75 -4.01
C GLU A 60 4.26 6.39 -2.68
N SER A 61 3.04 6.11 -2.24
CA SER A 61 2.54 6.68 -0.98
C SER A 61 3.24 6.07 0.23
N TYR A 62 3.39 4.75 0.23
CA TYR A 62 4.06 4.05 1.33
C TYR A 62 5.49 4.57 1.54
N CYS A 63 6.19 4.88 0.44
CA CYS A 63 7.58 5.35 0.51
C CYS A 63 7.70 6.73 1.15
N GLN A 64 6.76 7.62 0.84
CA GLN A 64 6.78 8.98 1.40
C GLN A 64 6.53 8.98 2.91
N ARG A 65 5.97 7.89 3.43
CA ARG A 65 5.70 7.76 4.86
C ARG A 65 6.97 7.38 5.62
N GLN A 66 7.86 6.64 4.96
CA GLN A 66 9.12 6.21 5.57
C GLN A 66 10.20 7.30 5.48
N GLY A 67 10.38 7.87 4.29
CA GLY A 67 11.38 8.92 4.10
C GLY A 67 12.67 8.39 3.48
N VAL A 68 12.53 7.46 2.55
CA VAL A 68 13.67 6.86 1.86
C VAL A 68 13.51 6.91 0.34
N PRO A 69 14.60 6.74 -0.44
CA PRO A 69 14.53 6.75 -1.90
C PRO A 69 13.61 5.66 -2.45
N MET A 70 12.84 6.01 -3.49
CA MET A 70 11.89 5.07 -4.09
C MET A 70 12.60 3.90 -4.79
N ASN A 71 13.71 4.19 -5.46
CA ASN A 71 14.48 3.15 -6.17
C ASN A 71 15.39 2.36 -5.22
N SER A 72 14.89 2.08 -4.01
CA SER A 72 15.67 1.34 -3.02
C SER A 72 14.91 0.12 -2.49
N LEU A 73 13.59 0.12 -2.67
CA LEU A 73 12.76 -0.99 -2.18
C LEU A 73 11.86 -1.55 -3.27
N ARG A 74 11.49 -2.82 -3.14
CA ARG A 74 10.63 -3.49 -4.11
C ARG A 74 9.41 -4.11 -3.44
N LEU A 75 8.31 -4.20 -4.18
CA LEU A 75 7.06 -4.78 -3.66
C LEU A 75 6.86 -6.19 -4.23
N LEU A 76 6.85 -7.19 -3.35
CA LEU A 76 6.69 -8.58 -3.78
C LEU A 76 5.79 -9.39 -2.84
N PHE A 77 5.23 -10.47 -3.39
CA PHE A 77 4.35 -11.35 -2.62
C PHE A 77 4.53 -12.81 -3.03
N GLU A 78 4.89 -13.65 -2.05
CA GLU A 78 5.11 -15.10 -2.25
C GLU A 78 6.06 -15.42 -3.42
N GLY A 79 6.98 -14.50 -3.71
CA GLY A 79 7.94 -14.72 -4.79
C GLY A 79 7.61 -13.98 -6.08
N GLN A 80 6.39 -13.46 -6.19
CA GLN A 80 5.99 -12.74 -7.40
C GLN A 80 6.27 -11.24 -7.27
N ARG A 81 6.67 -10.62 -8.39
CA ARG A 81 6.98 -9.19 -8.43
C ARG A 81 5.74 -8.36 -8.76
N ILE A 82 5.41 -7.40 -7.90
CA ILE A 82 4.24 -6.54 -8.12
C ILE A 82 4.66 -5.16 -8.59
N ALA A 83 4.37 -4.86 -9.85
CA ALA A 83 4.69 -3.57 -10.44
C ALA A 83 3.56 -2.55 -10.24
N ASP A 84 3.84 -1.30 -10.57
CA ASP A 84 2.88 -0.20 -10.42
C ASP A 84 1.64 -0.36 -11.32
N ASN A 85 1.76 -1.17 -12.37
CA ASN A 85 0.66 -1.40 -13.29
C ASN A 85 -0.24 -2.55 -12.85
N HIS A 86 0.09 -3.16 -11.71
CA HIS A 86 -0.69 -4.28 -11.19
C HIS A 86 -1.76 -3.82 -10.20
N THR A 87 -2.80 -4.64 -10.05
CA THR A 87 -3.89 -4.34 -9.12
C THR A 87 -4.37 -5.64 -8.46
N PRO A 88 -4.74 -5.58 -7.16
CA PRO A 88 -5.22 -6.76 -6.42
C PRO A 88 -6.44 -7.41 -7.06
N LYS A 89 -7.25 -6.61 -7.75
CA LYS A 89 -8.45 -7.12 -8.43
C LYS A 89 -8.07 -7.99 -9.63
N GLU A 90 -6.96 -7.62 -10.29
CA GLU A 90 -6.48 -8.37 -11.45
C GLU A 90 -5.65 -9.57 -11.01
N LEU A 91 -4.86 -9.39 -9.95
CA LEU A 91 -4.03 -10.47 -9.42
C LEU A 91 -4.86 -11.51 -8.65
N GLY A 92 -6.08 -11.13 -8.23
CA GLY A 92 -6.94 -12.04 -7.51
C GLY A 92 -6.53 -12.20 -6.05
N MET A 93 -6.18 -11.08 -5.42
CA MET A 93 -5.75 -11.11 -4.02
C MET A 93 -6.82 -10.55 -3.07
N GLU A 94 -7.34 -11.41 -2.21
CA GLU A 94 -8.35 -11.03 -1.22
C GLU A 94 -7.99 -11.61 0.15
N GLU A 95 -8.13 -10.80 1.21
CA GLU A 95 -7.80 -11.21 2.59
C GLU A 95 -6.29 -11.37 2.77
N GLU A 96 -5.67 -12.15 1.88
CA GLU A 96 -4.23 -12.38 1.88
C GLU A 96 -3.52 -11.35 1.02
N ASP A 97 -4.28 -10.36 0.53
CA ASP A 97 -3.74 -9.27 -0.32
C ASP A 97 -2.69 -8.38 0.38
N VAL A 98 -2.12 -8.84 1.49
CA VAL A 98 -1.11 -8.07 2.21
C VAL A 98 0.25 -8.26 1.52
N ILE A 99 0.80 -7.16 1.02
CA ILE A 99 2.08 -7.19 0.31
C ILE A 99 3.23 -6.77 1.23
N GLU A 100 4.41 -7.34 0.97
CA GLU A 100 5.59 -7.04 1.77
C GLU A 100 6.63 -6.27 0.95
N VAL A 101 7.28 -5.31 1.60
CA VAL A 101 8.30 -4.50 0.94
C VAL A 101 9.71 -4.93 1.35
N TYR A 102 10.56 -5.18 0.37
CA TYR A 102 11.94 -5.59 0.63
C TYR A 102 12.94 -4.51 0.19
N GLN A 103 13.97 -4.29 1.01
CA GLN A 103 14.99 -3.29 0.71
C GLN A 103 16.13 -3.90 -0.09
N GLU A 104 16.44 -3.29 -1.23
CA GLU A 104 17.53 -3.76 -2.09
C GLU A 104 18.67 -2.75 -2.14
N GLN A 105 19.13 -2.32 -0.97
CA GLN A 105 20.21 -1.34 -0.87
C GLN A 105 21.58 -2.02 -0.95
N THR A 106 22.01 -2.32 -2.17
CA THR A 106 23.30 -2.97 -2.39
C THR A 106 24.40 -1.95 -2.66
N GLY A 107 25.12 -1.57 -1.60
CA GLY A 107 26.20 -0.60 -1.75
C GLY A 107 25.72 0.84 -1.68
N GLY A 108 25.11 1.31 -2.76
CA GLY A 108 24.61 2.68 -2.80
C GLY A 108 25.65 3.69 -3.24
N MET A 12 -30.89 5.30 8.87
CA MET A 12 -30.08 6.22 9.73
C MET A 12 -29.92 7.60 9.09
N SER A 13 -29.65 8.61 9.91
CA SER A 13 -29.48 9.99 9.43
C SER A 13 -28.08 10.19 8.85
N ASP A 14 -27.96 10.07 7.53
CA ASP A 14 -26.69 10.24 6.85
C ASP A 14 -26.24 11.71 6.84
N GLN A 15 -25.10 11.97 7.47
CA GLN A 15 -24.56 13.33 7.56
C GLN A 15 -23.03 13.33 7.41
N GLU A 16 -22.48 14.47 7.03
CA GLU A 16 -21.04 14.60 6.86
C GLU A 16 -20.35 14.92 8.18
N ALA A 17 -20.04 13.88 8.95
CA ALA A 17 -19.38 14.05 10.23
C ALA A 17 -17.87 14.24 10.07
N LYS A 18 -17.40 15.43 10.40
CA LYS A 18 -15.97 15.75 10.30
C LYS A 18 -15.18 15.25 11.53
N PRO A 19 -15.60 15.59 12.78
CA PRO A 19 -14.90 15.14 13.98
C PRO A 19 -15.13 13.65 14.27
N SER A 20 -14.30 13.09 15.15
CA SER A 20 -14.41 11.68 15.52
C SER A 20 -15.65 11.43 16.40
N THR A 21 -16.68 10.84 15.80
CA THR A 21 -17.91 10.54 16.52
C THR A 21 -17.99 9.06 16.93
N GLU A 22 -19.03 8.71 17.67
CA GLU A 22 -19.21 7.33 18.12
C GLU A 22 -19.76 6.44 17.00
N ASP A 23 -18.87 5.64 16.41
CA ASP A 23 -19.26 4.74 15.32
C ASP A 23 -19.42 3.31 15.83
N LEU A 24 -20.35 2.58 15.25
CA LEU A 24 -20.61 1.19 15.64
C LEU A 24 -19.85 0.21 14.75
N GLY A 25 -19.63 -1.00 15.27
CA GLY A 25 -18.92 -2.02 14.52
C GLY A 25 -19.79 -2.66 13.44
N ASP A 26 -19.15 -3.14 12.37
CA ASP A 26 -19.84 -3.78 11.25
C ASP A 26 -20.81 -2.81 10.56
N LYS A 27 -20.38 -1.56 10.39
CA LYS A 27 -21.20 -0.54 9.76
C LYS A 27 -21.14 -0.64 8.24
N LYS A 28 -19.94 -0.91 7.71
CA LYS A 28 -19.70 -1.03 6.26
C LYS A 28 -20.13 0.22 5.49
N GLU A 29 -19.52 1.35 5.85
CA GLU A 29 -19.84 2.62 5.19
C GLU A 29 -18.74 3.02 4.21
N GLY A 30 -18.99 2.80 2.92
CA GLY A 30 -18.02 3.14 1.90
C GLY A 30 -17.49 1.93 1.15
N GLU A 31 -17.12 2.14 -0.11
CA GLU A 31 -16.60 1.05 -0.94
C GLU A 31 -15.08 1.15 -1.07
N TYR A 32 -14.36 0.58 -0.10
CA TYR A 32 -12.89 0.60 -0.11
C TYR A 32 -12.33 -0.51 0.77
N ILE A 33 -11.17 -1.04 0.41
CA ILE A 33 -10.52 -2.09 1.17
C ILE A 33 -9.27 -1.57 1.90
N LYS A 34 -9.08 -2.01 3.12
CA LYS A 34 -7.92 -1.59 3.93
C LYS A 34 -6.68 -2.39 3.58
N LEU A 35 -6.05 -2.04 2.46
CA LEU A 35 -4.82 -2.72 2.02
C LEU A 35 -3.61 -2.21 2.80
N LYS A 36 -3.17 -3.00 3.78
CA LYS A 36 -2.02 -2.63 4.59
C LYS A 36 -0.74 -3.28 4.09
N VAL A 37 0.28 -2.47 3.86
CA VAL A 37 1.57 -2.96 3.37
C VAL A 37 2.59 -3.01 4.51
N ILE A 38 3.33 -4.10 4.60
CA ILE A 38 4.34 -4.26 5.65
C ILE A 38 5.70 -3.72 5.18
N GLY A 39 6.19 -2.69 5.86
CA GLY A 39 7.47 -2.11 5.50
C GLY A 39 8.66 -2.90 6.02
N GLN A 40 9.85 -2.55 5.54
CA GLN A 40 11.08 -3.23 5.93
C GLN A 40 11.45 -2.96 7.41
N ASP A 41 10.83 -1.94 7.99
CA ASP A 41 11.09 -1.58 9.38
C ASP A 41 9.91 -1.97 10.28
N SER A 42 9.15 -2.98 9.85
CA SER A 42 7.97 -3.48 10.59
C SER A 42 6.90 -2.39 10.73
N SER A 43 6.80 -1.54 9.70
CA SER A 43 5.82 -0.46 9.69
C SER A 43 4.58 -0.84 8.90
N GLU A 44 3.43 -0.29 9.29
CA GLU A 44 2.16 -0.57 8.62
C GLU A 44 1.63 0.67 7.91
N ILE A 45 1.68 0.64 6.57
CA ILE A 45 1.19 1.77 5.76
C ILE A 45 0.02 1.33 4.87
N HIS A 46 -1.00 2.17 4.77
CA HIS A 46 -2.17 1.86 3.95
C HIS A 46 -2.76 3.12 3.30
N PHE A 47 -3.41 2.93 2.15
CA PHE A 47 -4.03 4.05 1.43
C PHE A 47 -5.55 4.01 1.54
N LYS A 48 -6.12 2.81 1.73
CA LYS A 48 -7.56 2.62 1.85
C LYS A 48 -8.31 3.04 0.59
N VAL A 49 -8.18 2.23 -0.47
CA VAL A 49 -8.84 2.51 -1.74
C VAL A 49 -9.57 1.27 -2.27
N LYS A 50 -10.01 1.32 -3.53
CA LYS A 50 -10.72 0.20 -4.13
C LYS A 50 -9.73 -0.86 -4.63
N MET A 51 -10.21 -2.11 -4.74
CA MET A 51 -9.37 -3.22 -5.19
C MET A 51 -9.11 -3.15 -6.70
N THR A 52 -9.94 -2.41 -7.43
CA THR A 52 -9.77 -2.27 -8.88
C THR A 52 -8.99 -1.00 -9.23
N THR A 53 -7.81 -0.85 -8.64
CA THR A 53 -6.99 0.33 -8.88
C THR A 53 -5.51 -0.04 -9.07
N HIS A 54 -4.75 0.87 -9.68
CA HIS A 54 -3.33 0.65 -9.96
C HIS A 54 -2.50 0.63 -8.67
N LEU A 55 -1.47 -0.22 -8.63
CA LEU A 55 -0.61 -0.35 -7.45
C LEU A 55 0.30 0.87 -7.22
N LYS A 56 0.45 1.74 -8.23
CA LYS A 56 1.33 2.92 -8.11
C LYS A 56 0.91 3.83 -6.94
N LYS A 57 -0.39 3.85 -6.62
CA LYS A 57 -0.89 4.68 -5.53
C LYS A 57 -0.46 4.11 -4.16
N LEU A 58 -0.44 2.78 -4.07
CA LEU A 58 -0.05 2.10 -2.84
C LEU A 58 1.46 2.21 -2.60
N LYS A 59 2.25 2.01 -3.66
CA LYS A 59 3.70 2.08 -3.57
C LYS A 59 4.17 3.51 -3.27
N GLU A 60 3.58 4.48 -3.96
CA GLU A 60 3.94 5.89 -3.76
C GLU A 60 3.59 6.37 -2.35
N SER A 61 2.42 5.97 -1.86
CA SER A 61 1.96 6.35 -0.51
C SER A 61 2.97 5.92 0.54
N TYR A 62 3.30 4.63 0.54
CA TYR A 62 4.27 4.06 1.50
C TYR A 62 5.66 4.73 1.34
N CYS A 63 6.06 4.99 0.09
CA CYS A 63 7.36 5.62 -0.19
C CYS A 63 7.50 7.00 0.48
N GLN A 64 6.56 7.90 0.18
CA GLN A 64 6.59 9.25 0.75
C GLN A 64 6.26 9.29 2.24
N ARG A 65 5.65 8.22 2.75
CA ARG A 65 5.30 8.15 4.17
C ARG A 65 6.55 7.89 5.03
N GLN A 66 7.40 6.99 4.54
CA GLN A 66 8.65 6.65 5.27
C GLN A 66 9.80 7.60 4.89
N GLY A 67 10.01 7.83 3.60
CA GLY A 67 11.08 8.72 3.17
C GLY A 67 12.29 7.94 2.66
N VAL A 68 12.05 6.90 1.87
CA VAL A 68 13.12 6.08 1.33
C VAL A 68 13.11 6.07 -0.20
N PRO A 69 14.28 5.96 -0.84
CA PRO A 69 14.39 5.94 -2.30
C PRO A 69 13.77 4.69 -2.92
N MET A 70 13.11 4.86 -4.08
CA MET A 70 12.44 3.76 -4.77
C MET A 70 13.42 2.87 -5.55
N ASN A 71 14.69 2.88 -5.14
CA ASN A 71 15.72 2.06 -5.79
C ASN A 71 16.57 1.31 -4.76
N SER A 72 16.05 1.21 -3.54
CA SER A 72 16.77 0.52 -2.46
C SER A 72 15.91 -0.57 -1.81
N LEU A 73 14.64 -0.63 -2.20
CA LEU A 73 13.71 -1.61 -1.64
C LEU A 73 12.96 -2.36 -2.74
N ARG A 74 12.54 -3.58 -2.43
CA ARG A 74 11.82 -4.41 -3.39
C ARG A 74 10.39 -4.73 -2.90
N LEU A 75 9.40 -4.42 -3.74
CA LEU A 75 8.00 -4.69 -3.41
C LEU A 75 7.52 -5.94 -4.15
N LEU A 76 7.27 -7.01 -3.41
CA LEU A 76 6.83 -8.28 -4.03
C LEU A 76 5.75 -8.99 -3.22
N PHE A 77 4.99 -9.85 -3.90
CA PHE A 77 3.91 -10.62 -3.26
C PHE A 77 3.94 -12.07 -3.71
N GLU A 78 4.10 -12.99 -2.76
CA GLU A 78 4.15 -14.45 -3.00
C GLU A 78 5.14 -14.86 -4.10
N GLY A 79 6.16 -14.04 -4.32
CA GLY A 79 7.16 -14.35 -5.34
C GLY A 79 6.98 -13.57 -6.63
N GLN A 80 5.87 -12.85 -6.74
CA GLN A 80 5.59 -12.06 -7.93
C GLN A 80 5.85 -10.57 -7.68
N ARG A 81 6.55 -9.94 -8.63
CA ARG A 81 6.87 -8.51 -8.53
C ARG A 81 5.63 -7.65 -8.81
N ILE A 82 5.52 -6.53 -8.12
CA ILE A 82 4.37 -5.65 -8.29
C ILE A 82 4.68 -4.45 -9.20
N ALA A 83 3.95 -4.37 -10.30
CA ALA A 83 4.10 -3.27 -11.25
C ALA A 83 2.98 -2.23 -11.07
N ASP A 84 3.26 -0.99 -11.46
CA ASP A 84 2.32 0.12 -11.34
C ASP A 84 1.07 -0.08 -12.22
N ASN A 85 1.22 -0.81 -13.33
CA ASN A 85 0.11 -1.04 -14.25
C ASN A 85 -0.68 -2.31 -13.89
N HIS A 86 -0.65 -2.69 -12.62
CA HIS A 86 -1.36 -3.88 -12.14
C HIS A 86 -2.37 -3.52 -11.06
N THR A 87 -3.31 -4.42 -10.84
CA THR A 87 -4.34 -4.24 -9.80
C THR A 87 -4.39 -5.48 -8.91
N PRO A 88 -4.75 -5.32 -7.62
CA PRO A 88 -4.85 -6.44 -6.68
C PRO A 88 -5.78 -7.55 -7.15
N LYS A 89 -6.89 -7.17 -7.78
CA LYS A 89 -7.87 -8.14 -8.29
C LYS A 89 -7.30 -8.91 -9.49
N GLU A 90 -6.33 -8.32 -10.18
CA GLU A 90 -5.72 -8.98 -11.34
C GLU A 90 -4.54 -9.86 -10.90
N LEU A 91 -3.77 -9.37 -9.92
CA LEU A 91 -2.62 -10.12 -9.40
C LEU A 91 -3.03 -11.31 -8.52
N GLY A 92 -4.30 -11.35 -8.11
CA GLY A 92 -4.77 -12.45 -7.28
C GLY A 92 -4.68 -12.17 -5.79
N MET A 93 -4.98 -10.94 -5.39
CA MET A 93 -4.95 -10.57 -3.97
C MET A 93 -6.28 -10.90 -3.31
N GLU A 94 -6.24 -11.22 -2.02
CA GLU A 94 -7.46 -11.58 -1.29
C GLU A 94 -7.76 -10.55 -0.19
N GLU A 95 -8.83 -10.82 0.56
CA GLU A 95 -9.29 -9.97 1.67
C GLU A 95 -8.19 -9.20 2.42
N GLU A 96 -7.11 -9.90 2.85
CA GLU A 96 -6.03 -9.24 3.59
C GLU A 96 -5.32 -8.17 2.74
N ASP A 97 -5.09 -8.45 1.46
CA ASP A 97 -4.43 -7.51 0.53
C ASP A 97 -3.07 -6.99 1.05
N VAL A 98 -2.48 -7.70 2.01
CA VAL A 98 -1.21 -7.28 2.61
C VAL A 98 0.00 -7.65 1.73
N ILE A 99 0.80 -6.62 1.42
CA ILE A 99 1.99 -6.78 0.60
C ILE A 99 3.26 -6.72 1.47
N GLU A 100 4.33 -7.38 1.03
CA GLU A 100 5.59 -7.40 1.79
C GLU A 100 6.71 -6.65 1.06
N VAL A 101 7.38 -5.76 1.78
CA VAL A 101 8.50 -5.00 1.21
C VAL A 101 9.81 -5.37 1.88
N TYR A 102 10.84 -5.61 1.07
CA TYR A 102 12.16 -5.97 1.60
C TYR A 102 13.24 -4.99 1.15
N GLN A 103 14.17 -4.70 2.05
CA GLN A 103 15.26 -3.77 1.76
C GLN A 103 16.53 -4.54 1.34
N GLU A 104 17.18 -4.06 0.28
CA GLU A 104 18.40 -4.70 -0.21
C GLU A 104 19.66 -3.96 0.25
N GLN A 105 19.94 -2.82 -0.40
CA GLN A 105 21.12 -2.01 -0.05
C GLN A 105 20.82 -1.07 1.13
N THR A 106 21.87 -0.43 1.64
CA THR A 106 21.73 0.49 2.77
C THR A 106 21.36 1.90 2.31
N GLY A 107 20.17 2.05 1.75
CA GLY A 107 19.72 3.35 1.28
C GLY A 107 18.56 3.90 2.11
N GLY A 108 18.65 5.18 2.46
CA GLY A 108 17.60 5.81 3.25
C GLY A 108 18.14 6.78 4.29
N MET A 12 17.78 10.51 -1.84
CA MET A 12 16.53 11.32 -1.77
C MET A 12 15.71 11.01 -0.50
N SER A 13 16.23 11.44 0.66
CA SER A 13 15.60 11.22 1.97
C SER A 13 15.67 9.76 2.40
N ASP A 14 16.39 9.51 3.49
CA ASP A 14 16.53 8.16 4.02
C ASP A 14 16.01 8.09 5.46
N GLN A 15 14.71 8.29 5.63
CA GLN A 15 14.09 8.26 6.95
C GLN A 15 13.51 6.88 7.26
N GLU A 16 13.74 6.40 8.47
CA GLU A 16 13.24 5.09 8.89
C GLU A 16 12.33 5.22 10.12
N ALA A 17 12.95 5.32 11.31
CA ALA A 17 12.21 5.44 12.57
C ALA A 17 11.27 4.25 12.79
N LYS A 18 10.07 4.54 13.30
CA LYS A 18 9.08 3.49 13.56
C LYS A 18 7.69 3.90 13.03
N PRO A 19 7.45 3.73 11.72
CA PRO A 19 6.17 4.08 11.09
C PRO A 19 5.05 3.09 11.45
N SER A 20 3.96 3.62 12.00
CA SER A 20 2.81 2.80 12.39
C SER A 20 1.57 3.66 12.61
N THR A 21 0.53 3.44 11.81
CA THR A 21 -0.69 4.21 11.94
C THR A 21 -1.91 3.44 11.38
N GLU A 22 -3.09 3.74 11.93
CA GLU A 22 -4.35 3.11 11.52
C GLU A 22 -4.29 1.58 11.66
N ASP A 23 -3.99 1.10 12.87
CA ASP A 23 -3.90 -0.33 13.12
C ASP A 23 -5.26 -0.91 13.56
N LEU A 24 -6.22 -0.02 13.80
CA LEU A 24 -7.55 -0.43 14.20
C LEU A 24 -8.55 -0.25 13.07
N GLY A 25 -9.23 -1.33 12.69
CA GLY A 25 -10.20 -1.26 11.61
C GLY A 25 -11.61 -1.60 12.07
N ASP A 26 -12.48 -1.93 11.11
CA ASP A 26 -13.88 -2.29 11.38
C ASP A 26 -14.65 -1.11 12.01
N LYS A 27 -14.29 0.11 11.64
CA LYS A 27 -14.96 1.30 12.16
C LYS A 27 -16.09 1.75 11.23
N LYS A 28 -15.92 1.53 9.94
CA LYS A 28 -16.93 1.92 8.95
C LYS A 28 -17.15 0.79 7.94
N GLU A 29 -18.30 0.83 7.26
CA GLU A 29 -18.63 -0.19 6.26
C GLU A 29 -18.87 0.44 4.89
N GLY A 30 -18.26 -0.16 3.86
CA GLY A 30 -18.40 0.35 2.51
C GLY A 30 -17.85 -0.60 1.47
N GLU A 31 -17.94 -0.22 0.20
CA GLU A 31 -17.44 -1.06 -0.89
C GLU A 31 -15.95 -0.81 -1.13
N TYR A 32 -15.13 -1.17 -0.15
CA TYR A 32 -13.68 -0.99 -0.23
C TYR A 32 -12.95 -1.94 0.71
N ILE A 33 -11.73 -2.30 0.35
CA ILE A 33 -10.92 -3.19 1.16
C ILE A 33 -9.73 -2.44 1.77
N LYS A 34 -9.44 -2.71 3.04
CA LYS A 34 -8.34 -2.05 3.74
C LYS A 34 -6.99 -2.57 3.24
N LEU A 35 -6.25 -1.71 2.54
CA LEU A 35 -4.94 -2.07 2.01
C LEU A 35 -3.87 -2.06 3.11
N LYS A 36 -3.28 -3.22 3.38
CA LYS A 36 -2.26 -3.33 4.40
C LYS A 36 -0.90 -3.67 3.79
N VAL A 37 0.08 -2.81 4.02
CA VAL A 37 1.43 -3.03 3.49
C VAL A 37 2.44 -3.11 4.64
N ILE A 38 3.24 -4.17 4.64
CA ILE A 38 4.25 -4.36 5.68
C ILE A 38 5.58 -3.76 5.23
N GLY A 39 6.03 -2.74 5.97
CA GLY A 39 7.29 -2.07 5.64
C GLY A 39 8.51 -2.93 5.88
N GLN A 40 9.63 -2.54 5.28
CA GLN A 40 10.90 -3.28 5.42
C GLN A 40 11.42 -3.26 6.86
N ASP A 41 10.95 -2.30 7.65
CA ASP A 41 11.37 -2.17 9.04
C ASP A 41 10.25 -2.64 9.99
N SER A 42 9.41 -3.55 9.49
CA SER A 42 8.28 -4.11 10.27
C SER A 42 7.23 -3.03 10.57
N SER A 43 7.10 -2.08 9.64
CA SER A 43 6.14 -0.99 9.77
C SER A 43 4.76 -1.38 9.29
N GLU A 44 3.73 -0.89 9.97
CA GLU A 44 2.35 -1.21 9.60
C GLU A 44 1.62 0.04 9.09
N ILE A 45 1.34 0.07 7.79
CA ILE A 45 0.64 1.20 7.17
C ILE A 45 -0.62 0.73 6.46
N HIS A 46 -1.74 1.39 6.76
CA HIS A 46 -3.03 1.03 6.15
C HIS A 46 -3.50 2.12 5.19
N PHE A 47 -3.97 1.71 4.01
CA PHE A 47 -4.44 2.65 3.01
C PHE A 47 -5.92 2.43 2.67
N LYS A 48 -6.64 3.53 2.46
CA LYS A 48 -8.06 3.46 2.12
C LYS A 48 -8.28 3.68 0.62
N VAL A 49 -8.22 2.61 -0.15
CA VAL A 49 -8.39 2.68 -1.60
C VAL A 49 -8.98 1.38 -2.15
N LYS A 50 -9.58 1.46 -3.34
CA LYS A 50 -10.17 0.29 -3.98
C LYS A 50 -9.10 -0.60 -4.61
N MET A 51 -9.45 -1.86 -4.85
CA MET A 51 -8.51 -2.83 -5.44
C MET A 51 -8.34 -2.61 -6.96
N THR A 52 -9.26 -1.88 -7.58
CA THR A 52 -9.18 -1.61 -9.03
C THR A 52 -8.38 -0.32 -9.31
N THR A 53 -7.14 -0.27 -8.82
CA THR A 53 -6.28 0.89 -9.02
C THR A 53 -4.85 0.47 -9.37
N HIS A 54 -4.10 1.42 -9.96
CA HIS A 54 -2.71 1.16 -10.35
C HIS A 54 -1.84 0.92 -9.11
N LEU A 55 -1.03 -0.14 -9.14
CA LEU A 55 -0.18 -0.46 -7.98
C LEU A 55 0.98 0.54 -7.76
N LYS A 56 1.36 1.30 -8.79
CA LYS A 56 2.45 2.26 -8.64
C LYS A 56 2.06 3.39 -7.68
N LYS A 57 0.76 3.66 -7.58
CA LYS A 57 0.26 4.69 -6.69
C LYS A 57 0.39 4.25 -5.23
N LEU A 58 0.10 2.97 -4.98
CA LEU A 58 0.21 2.40 -3.63
C LEU A 58 1.67 2.37 -3.18
N LYS A 59 2.55 1.96 -4.11
CA LYS A 59 3.99 1.89 -3.82
C LYS A 59 4.55 3.28 -3.51
N GLU A 60 4.22 4.25 -4.37
CA GLU A 60 4.68 5.63 -4.19
C GLU A 60 4.17 6.25 -2.88
N SER A 61 2.94 5.92 -2.52
CA SER A 61 2.34 6.46 -1.29
C SER A 61 2.97 5.84 -0.05
N TYR A 62 3.18 4.52 -0.07
CA TYR A 62 3.79 3.81 1.05
C TYR A 62 5.20 4.35 1.35
N CYS A 63 5.99 4.63 0.31
CA CYS A 63 7.34 5.14 0.49
C CYS A 63 7.34 6.58 1.02
N GLN A 64 6.31 7.34 0.62
CA GLN A 64 6.18 8.74 1.05
C GLN A 64 5.80 8.82 2.54
N ARG A 65 5.16 7.78 3.06
CA ARG A 65 4.76 7.73 4.46
C ARG A 65 5.96 7.60 5.38
N GLN A 66 6.89 6.71 5.02
CA GLN A 66 8.11 6.51 5.81
C GLN A 66 9.15 7.60 5.52
N GLY A 67 9.35 7.89 4.23
CA GLY A 67 10.32 8.91 3.85
C GLY A 67 11.58 8.33 3.21
N VAL A 68 11.39 7.34 2.34
CA VAL A 68 12.50 6.68 1.65
C VAL A 68 12.24 6.59 0.14
N PRO A 69 13.31 6.50 -0.68
CA PRO A 69 13.19 6.41 -2.14
C PRO A 69 12.76 5.03 -2.62
N MET A 70 12.00 4.99 -3.71
CA MET A 70 11.51 3.72 -4.27
C MET A 70 12.61 3.00 -5.06
N ASN A 71 13.75 3.65 -5.26
CA ASN A 71 14.88 3.07 -5.98
C ASN A 71 15.80 2.27 -5.05
N SER A 72 15.32 1.99 -3.84
CA SER A 72 16.10 1.23 -2.86
C SER A 72 15.33 0.02 -2.35
N LEU A 73 14.01 0.15 -2.23
CA LEU A 73 13.16 -0.94 -1.73
C LEU A 73 12.13 -1.34 -2.79
N ARG A 74 11.91 -2.64 -2.92
CA ARG A 74 10.97 -3.17 -3.90
C ARG A 74 9.78 -3.86 -3.23
N LEU A 75 8.63 -3.79 -3.89
CA LEU A 75 7.40 -4.42 -3.39
C LEU A 75 7.10 -5.67 -4.21
N LEU A 76 6.84 -6.78 -3.53
CA LEU A 76 6.55 -8.03 -4.22
C LEU A 76 5.43 -8.82 -3.54
N PHE A 77 4.78 -9.69 -4.31
CA PHE A 77 3.68 -10.50 -3.80
C PHE A 77 3.89 -11.97 -4.16
N GLU A 78 3.87 -12.83 -3.13
CA GLU A 78 4.06 -14.29 -3.29
C GLU A 78 5.37 -14.65 -4.02
N GLY A 79 6.30 -13.70 -4.06
CA GLY A 79 7.57 -13.95 -4.73
C GLY A 79 7.65 -13.41 -6.15
N GLN A 80 6.60 -12.72 -6.60
CA GLN A 80 6.60 -12.17 -7.96
C GLN A 80 6.71 -10.64 -7.95
N ARG A 81 7.28 -10.09 -9.03
CA ARG A 81 7.45 -8.64 -9.16
C ARG A 81 6.12 -7.91 -9.37
N ILE A 82 6.06 -6.66 -8.94
CA ILE A 82 4.86 -5.85 -9.06
C ILE A 82 5.10 -4.62 -9.94
N ALA A 83 4.38 -4.54 -11.05
CA ALA A 83 4.48 -3.42 -11.97
C ALA A 83 3.47 -2.30 -11.62
N ASP A 84 3.16 -1.46 -12.61
CA ASP A 84 2.23 -0.35 -12.41
C ASP A 84 0.78 -0.73 -12.78
N ASN A 85 0.62 -1.49 -13.87
CA ASN A 85 -0.70 -1.90 -14.33
C ASN A 85 -1.20 -3.17 -13.62
N HIS A 86 -0.73 -3.40 -12.41
CA HIS A 86 -1.13 -4.56 -11.63
C HIS A 86 -2.16 -4.18 -10.58
N THR A 87 -3.16 -5.03 -10.40
CA THR A 87 -4.21 -4.79 -9.42
C THR A 87 -4.34 -5.98 -8.46
N PRO A 88 -4.63 -5.71 -7.17
CA PRO A 88 -4.81 -6.77 -6.15
C PRO A 88 -5.80 -7.85 -6.58
N LYS A 89 -6.86 -7.45 -7.29
CA LYS A 89 -7.87 -8.38 -7.78
C LYS A 89 -7.32 -9.31 -8.87
N GLU A 90 -6.29 -8.85 -9.58
CA GLU A 90 -5.67 -9.63 -10.65
C GLU A 90 -4.57 -10.53 -10.08
N LEU A 91 -3.81 -9.99 -9.12
CA LEU A 91 -2.73 -10.74 -8.47
C LEU A 91 -3.25 -11.82 -7.52
N GLY A 92 -4.51 -11.70 -7.10
CA GLY A 92 -5.09 -12.68 -6.20
C GLY A 92 -4.97 -12.31 -4.73
N MET A 93 -5.14 -11.03 -4.41
CA MET A 93 -5.06 -10.57 -3.03
C MET A 93 -6.47 -10.45 -2.44
N GLU A 94 -6.78 -11.30 -1.47
CA GLU A 94 -8.10 -11.30 -0.84
C GLU A 94 -8.01 -11.44 0.68
N GLU A 95 -9.02 -10.90 1.37
CA GLU A 95 -9.14 -10.96 2.85
C GLU A 95 -8.00 -10.24 3.58
N GLU A 96 -6.77 -10.63 3.30
CA GLU A 96 -5.62 -10.00 3.95
C GLU A 96 -5.13 -8.82 3.12
N ASP A 97 -5.16 -8.98 1.79
CA ASP A 97 -4.74 -7.93 0.84
C ASP A 97 -3.35 -7.34 1.18
N VAL A 98 -2.56 -8.05 1.99
CA VAL A 98 -1.25 -7.58 2.44
C VAL A 98 -0.14 -7.81 1.41
N ILE A 99 0.75 -6.82 1.27
CA ILE A 99 1.89 -6.90 0.35
C ILE A 99 3.20 -6.86 1.14
N GLU A 100 4.26 -7.46 0.60
CA GLU A 100 5.57 -7.50 1.28
C GLU A 100 6.60 -6.63 0.57
N VAL A 101 7.38 -5.89 1.36
CA VAL A 101 8.42 -5.01 0.82
C VAL A 101 9.82 -5.46 1.26
N TYR A 102 10.80 -5.30 0.37
CA TYR A 102 12.18 -5.69 0.67
C TYR A 102 13.16 -4.58 0.26
N GLN A 103 14.07 -4.24 1.16
CA GLN A 103 15.05 -3.19 0.89
C GLN A 103 16.41 -3.79 0.50
N GLU A 104 17.00 -3.26 -0.57
CA GLU A 104 18.30 -3.74 -1.04
C GLU A 104 19.43 -2.85 -0.52
N GLN A 105 19.55 -1.66 -1.11
CA GLN A 105 20.60 -0.71 -0.71
C GLN A 105 20.09 0.24 0.38
N THR A 106 21.01 0.73 1.19
CA THR A 106 20.66 1.66 2.27
C THR A 106 21.63 2.84 2.32
N GLY A 107 21.10 4.03 2.58
CA GLY A 107 21.94 5.23 2.63
C GLY A 107 22.11 5.88 1.28
N GLY A 108 22.75 5.18 0.36
CA GLY A 108 22.97 5.71 -0.98
C GLY A 108 23.94 4.87 -1.81
N MET A 12 -0.66 10.96 -10.29
CA MET A 12 -0.22 10.54 -8.93
C MET A 12 -0.20 11.73 -7.95
N SER A 13 -0.22 11.43 -6.66
CA SER A 13 -0.20 12.47 -5.63
C SER A 13 1.23 12.92 -5.32
N ASP A 14 1.75 13.83 -6.13
CA ASP A 14 3.10 14.35 -5.95
C ASP A 14 3.07 15.77 -5.37
N GLN A 15 4.09 16.08 -4.56
CA GLN A 15 4.22 17.39 -3.92
C GLN A 15 2.98 17.74 -3.09
N GLU A 16 2.64 16.87 -2.14
CA GLU A 16 1.47 17.09 -1.28
C GLU A 16 1.79 18.06 -0.15
N ALA A 17 0.79 18.84 0.24
CA ALA A 17 0.96 19.82 1.32
C ALA A 17 0.00 19.52 2.48
N LYS A 18 -0.19 20.50 3.36
CA LYS A 18 -1.07 20.34 4.51
C LYS A 18 -2.48 20.85 4.19
N PRO A 19 -3.49 19.96 4.25
CA PRO A 19 -4.88 20.33 3.96
C PRO A 19 -5.53 21.12 5.10
N SER A 20 -5.45 22.44 5.02
CA SER A 20 -6.03 23.32 6.04
C SER A 20 -7.55 23.40 5.91
N THR A 21 -8.03 23.64 4.69
CA THR A 21 -9.47 23.74 4.43
C THR A 21 -10.09 22.37 4.18
N GLU A 22 -10.11 21.53 5.22
CA GLU A 22 -10.68 20.19 5.12
C GLU A 22 -11.42 19.80 6.40
N ASP A 23 -12.68 19.41 6.25
CA ASP A 23 -13.50 19.02 7.39
C ASP A 23 -13.62 17.50 7.49
N LEU A 24 -13.73 16.83 6.35
CA LEU A 24 -13.86 15.38 6.32
C LEU A 24 -12.99 14.78 5.21
N GLY A 25 -12.15 13.80 5.58
CA GLY A 25 -11.29 13.16 4.60
C GLY A 25 -11.55 11.67 4.46
N ASP A 26 -12.72 11.34 3.89
CA ASP A 26 -13.12 9.94 3.68
C ASP A 26 -13.17 9.15 5.00
N LYS A 27 -13.67 9.80 6.05
CA LYS A 27 -13.77 9.17 7.36
C LYS A 27 -15.06 8.35 7.51
N LYS A 28 -16.11 8.81 6.85
CA LYS A 28 -17.40 8.12 6.91
C LYS A 28 -18.07 8.07 5.54
N GLU A 29 -18.88 7.04 5.31
CA GLU A 29 -19.60 6.86 4.05
C GLU A 29 -18.66 6.74 2.84
N GLY A 30 -17.74 5.79 2.92
CA GLY A 30 -16.78 5.59 1.83
C GLY A 30 -16.57 4.12 1.50
N GLU A 31 -16.36 3.83 0.22
CA GLU A 31 -16.14 2.45 -0.22
C GLU A 31 -14.67 2.20 -0.56
N TYR A 32 -13.93 1.65 0.39
CA TYR A 32 -12.51 1.36 0.21
C TYR A 32 -12.08 0.11 0.98
N ILE A 33 -11.07 -0.58 0.48
CA ILE A 33 -10.58 -1.79 1.12
C ILE A 33 -9.35 -1.49 1.99
N LYS A 34 -9.23 -2.21 3.10
CA LYS A 34 -8.11 -2.01 4.01
C LYS A 34 -6.84 -2.70 3.51
N LEU A 35 -6.23 -2.11 2.49
CA LEU A 35 -5.00 -2.64 1.90
C LEU A 35 -3.79 -2.32 2.79
N LYS A 36 -3.38 -3.30 3.59
CA LYS A 36 -2.24 -3.12 4.49
C LYS A 36 -0.94 -3.57 3.85
N VAL A 37 0.06 -2.69 3.85
CA VAL A 37 1.37 -2.99 3.27
C VAL A 37 2.41 -3.13 4.37
N ILE A 38 3.17 -4.23 4.33
CA ILE A 38 4.22 -4.49 5.33
C ILE A 38 5.55 -3.93 4.84
N GLY A 39 6.04 -2.90 5.53
CA GLY A 39 7.31 -2.29 5.16
C GLY A 39 8.53 -3.12 5.51
N GLN A 40 9.68 -2.74 4.95
CA GLN A 40 10.94 -3.45 5.19
C GLN A 40 11.38 -3.36 6.65
N ASP A 41 10.98 -2.28 7.33
CA ASP A 41 11.34 -2.09 8.73
C ASP A 41 10.22 -2.60 9.67
N SER A 42 9.43 -3.56 9.20
CA SER A 42 8.33 -4.16 9.97
C SER A 42 7.29 -3.10 10.36
N SER A 43 6.90 -2.29 9.39
CA SER A 43 5.91 -1.23 9.62
C SER A 43 4.60 -1.52 8.89
N GLU A 44 3.49 -1.23 9.55
CA GLU A 44 2.16 -1.46 8.97
C GLU A 44 1.55 -0.15 8.46
N ILE A 45 1.48 0.00 7.14
CA ILE A 45 0.92 1.21 6.53
C ILE A 45 -0.24 0.89 5.59
N HIS A 46 -1.32 1.64 5.73
CA HIS A 46 -2.51 1.46 4.89
C HIS A 46 -3.19 2.80 4.62
N PHE A 47 -3.54 3.04 3.36
CA PHE A 47 -4.19 4.30 2.98
C PHE A 47 -5.67 4.10 2.65
N LYS A 48 -6.13 2.85 2.67
CA LYS A 48 -7.53 2.51 2.38
C LYS A 48 -7.96 2.92 0.97
N VAL A 49 -7.63 2.09 -0.01
CA VAL A 49 -7.97 2.36 -1.40
C VAL A 49 -8.78 1.20 -2.01
N LYS A 50 -9.16 1.33 -3.27
CA LYS A 50 -9.93 0.28 -3.94
C LYS A 50 -9.01 -0.82 -4.46
N MET A 51 -9.54 -2.02 -4.62
CA MET A 51 -8.75 -3.16 -5.10
C MET A 51 -8.47 -3.07 -6.61
N THR A 52 -9.25 -2.24 -7.32
CA THR A 52 -9.07 -2.08 -8.77
C THR A 52 -8.09 -0.94 -9.09
N THR A 53 -7.51 -0.34 -8.05
CA THR A 53 -6.55 0.75 -8.23
C THR A 53 -5.16 0.22 -8.61
N HIS A 54 -4.44 1.00 -9.41
CA HIS A 54 -3.10 0.62 -9.84
C HIS A 54 -2.09 0.80 -8.71
N LEU A 55 -1.01 0.01 -8.72
CA LEU A 55 0.02 0.09 -7.69
C LEU A 55 0.76 1.44 -7.70
N LYS A 56 0.63 2.22 -8.78
CA LYS A 56 1.28 3.52 -8.90
C LYS A 56 1.05 4.40 -7.66
N LYS A 57 -0.16 4.34 -7.11
CA LYS A 57 -0.49 5.13 -5.93
C LYS A 57 -0.04 4.44 -4.64
N LEU A 58 -0.36 3.14 -4.51
CA LEU A 58 0.00 2.37 -3.31
C LEU A 58 1.51 2.33 -3.07
N LYS A 59 2.27 2.07 -4.12
CA LYS A 59 3.73 1.99 -4.04
C LYS A 59 4.36 3.35 -3.71
N GLU A 60 3.74 4.43 -4.18
CA GLU A 60 4.24 5.78 -3.93
C GLU A 60 3.77 6.33 -2.58
N SER A 61 2.53 6.03 -2.21
CA SER A 61 1.94 6.51 -0.95
C SER A 61 2.71 5.97 0.26
N TYR A 62 2.86 4.65 0.32
CA TYR A 62 3.58 4.00 1.43
C TYR A 62 5.05 4.46 1.51
N CYS A 63 5.68 4.68 0.35
CA CYS A 63 7.10 5.09 0.28
C CYS A 63 7.33 6.47 0.89
N GLN A 64 6.53 7.45 0.49
CA GLN A 64 6.67 8.82 1.01
C GLN A 64 6.26 8.93 2.47
N ARG A 65 5.50 7.95 2.97
CA ARG A 65 5.06 7.95 4.37
C ARG A 65 6.25 7.76 5.30
N GLN A 66 7.11 6.80 4.98
CA GLN A 66 8.30 6.52 5.79
C GLN A 66 9.41 7.56 5.53
N GLY A 67 9.60 7.93 4.26
CA GLY A 67 10.63 8.90 3.91
C GLY A 67 11.86 8.24 3.31
N VAL A 68 11.65 7.33 2.37
CA VAL A 68 12.75 6.61 1.72
C VAL A 68 12.65 6.71 0.20
N PRO A 69 13.74 6.40 -0.53
CA PRO A 69 13.76 6.45 -1.99
C PRO A 69 12.93 5.31 -2.61
N MET A 70 12.17 5.63 -3.65
CA MET A 70 11.31 4.64 -4.32
C MET A 70 12.13 3.57 -5.04
N ASN A 71 13.40 3.87 -5.32
CA ASN A 71 14.27 2.93 -6.02
C ASN A 71 15.17 2.15 -5.03
N SER A 72 14.87 2.26 -3.73
CA SER A 72 15.66 1.56 -2.72
C SER A 72 14.99 0.28 -2.24
N LEU A 73 13.67 0.23 -2.33
CA LEU A 73 12.91 -0.95 -1.90
C LEU A 73 12.04 -1.51 -3.02
N ARG A 74 11.85 -2.82 -3.01
CA ARG A 74 11.04 -3.49 -4.02
C ARG A 74 9.81 -4.15 -3.41
N LEU A 75 8.68 -4.05 -4.10
CA LEU A 75 7.42 -4.64 -3.63
C LEU A 75 7.19 -5.99 -4.31
N LEU A 76 6.96 -7.03 -3.51
CA LEU A 76 6.74 -8.38 -4.05
C LEU A 76 5.66 -9.15 -3.30
N PHE A 77 5.07 -10.14 -3.96
CA PHE A 77 4.03 -10.97 -3.37
C PHE A 77 4.20 -12.44 -3.75
N GLU A 78 4.34 -13.30 -2.74
CA GLU A 78 4.50 -14.76 -2.91
C GLU A 78 5.59 -15.13 -3.94
N GLY A 79 6.61 -14.28 -4.09
CA GLY A 79 7.69 -14.56 -5.03
C GLY A 79 7.58 -13.79 -6.33
N GLN A 80 6.39 -13.27 -6.62
CA GLN A 80 6.16 -12.51 -7.85
C GLN A 80 6.38 -11.01 -7.61
N ARG A 81 7.06 -10.36 -8.56
CA ARG A 81 7.34 -8.93 -8.46
C ARG A 81 6.06 -8.11 -8.69
N ILE A 82 5.95 -6.99 -8.01
CA ILE A 82 4.76 -6.15 -8.14
C ILE A 82 5.03 -4.89 -9.00
N ALA A 83 4.40 -4.85 -10.16
CA ALA A 83 4.52 -3.72 -11.07
C ALA A 83 3.48 -2.65 -10.73
N ASP A 84 3.74 -1.41 -11.15
CA ASP A 84 2.86 -0.28 -10.88
C ASP A 84 1.55 -0.37 -11.67
N ASN A 85 1.57 -1.09 -12.80
CA ASN A 85 0.38 -1.24 -13.63
C ASN A 85 -0.46 -2.45 -13.20
N HIS A 86 -0.16 -2.98 -12.02
CA HIS A 86 -0.88 -4.13 -11.48
C HIS A 86 -1.86 -3.72 -10.40
N THR A 87 -2.79 -4.61 -10.08
CA THR A 87 -3.79 -4.36 -9.05
C THR A 87 -4.03 -5.64 -8.25
N PRO A 88 -4.35 -5.53 -6.94
CA PRO A 88 -4.60 -6.70 -6.08
C PRO A 88 -5.67 -7.64 -6.64
N LYS A 89 -6.68 -7.07 -7.29
CA LYS A 89 -7.75 -7.87 -7.89
C LYS A 89 -7.24 -8.74 -9.04
N GLU A 90 -6.28 -8.21 -9.80
CA GLU A 90 -5.69 -8.94 -10.92
C GLU A 90 -4.59 -9.89 -10.45
N LEU A 91 -3.84 -9.48 -9.43
CA LEU A 91 -2.75 -10.30 -8.89
C LEU A 91 -3.28 -11.49 -8.06
N GLY A 92 -4.52 -11.39 -7.58
CA GLY A 92 -5.09 -12.49 -6.81
C GLY A 92 -4.91 -12.32 -5.30
N MET A 93 -5.05 -11.09 -4.81
CA MET A 93 -4.92 -10.83 -3.38
C MET A 93 -6.29 -10.81 -2.71
N GLU A 94 -6.53 -11.78 -1.83
CA GLU A 94 -7.81 -11.90 -1.14
C GLU A 94 -7.64 -12.20 0.34
N GLU A 95 -8.68 -11.87 1.12
CA GLU A 95 -8.74 -12.08 2.58
C GLU A 95 -7.69 -11.30 3.36
N GLU A 96 -6.42 -11.50 3.03
CA GLU A 96 -5.34 -10.79 3.70
C GLU A 96 -5.02 -9.49 2.95
N ASP A 97 -5.05 -9.58 1.62
CA ASP A 97 -4.75 -8.43 0.73
C ASP A 97 -3.45 -7.68 1.11
N VAL A 98 -2.60 -8.32 1.91
CA VAL A 98 -1.35 -7.71 2.38
C VAL A 98 -0.22 -7.81 1.35
N ILE A 99 0.54 -6.72 1.23
CA ILE A 99 1.68 -6.64 0.31
C ILE A 99 2.99 -6.58 1.10
N GLU A 100 4.05 -7.18 0.57
CA GLU A 100 5.34 -7.20 1.25
C GLU A 100 6.40 -6.38 0.51
N VAL A 101 7.23 -5.67 1.27
CA VAL A 101 8.30 -4.85 0.70
C VAL A 101 9.66 -5.28 1.24
N TYR A 102 10.65 -5.37 0.35
CA TYR A 102 12.00 -5.78 0.75
C TYR A 102 13.05 -4.77 0.26
N GLN A 103 13.97 -4.40 1.16
CA GLN A 103 15.03 -3.45 0.82
C GLN A 103 16.37 -4.17 0.64
N GLU A 104 16.98 -3.97 -0.52
CA GLU A 104 18.27 -4.58 -0.83
C GLU A 104 19.35 -3.52 -1.00
N GLN A 105 19.09 -2.58 -1.90
CA GLN A 105 20.04 -1.49 -2.17
C GLN A 105 19.71 -0.26 -1.31
N THR A 106 20.72 0.59 -1.09
CA THR A 106 20.54 1.79 -0.27
C THR A 106 20.86 3.06 -1.06
N GLY A 107 19.82 3.74 -1.52
CA GLY A 107 20.01 4.97 -2.28
C GLY A 107 20.32 4.72 -3.75
N GLY A 108 21.54 4.25 -4.02
CA GLY A 108 21.95 3.97 -5.39
C GLY A 108 22.42 5.23 -6.14
N MET A 12 -54.32 -14.98 5.83
CA MET A 12 -53.06 -14.42 5.25
C MET A 12 -52.44 -13.35 6.17
N SER A 13 -51.15 -13.08 5.97
CA SER A 13 -50.44 -12.09 6.77
C SER A 13 -49.32 -11.44 5.97
N ASP A 14 -48.87 -10.27 6.42
CA ASP A 14 -47.81 -9.53 5.73
C ASP A 14 -46.88 -8.85 6.73
N GLN A 15 -45.58 -8.97 6.50
CA GLN A 15 -44.58 -8.36 7.38
C GLN A 15 -43.78 -7.27 6.65
N GLU A 16 -44.12 -7.03 5.39
CA GLU A 16 -43.43 -6.01 4.59
C GLU A 16 -44.03 -4.62 4.83
N ALA A 17 -43.63 -3.99 5.92
CA ALA A 17 -44.13 -2.65 6.26
C ALA A 17 -43.39 -1.57 5.48
N LYS A 18 -44.10 -0.95 4.54
CA LYS A 18 -43.55 0.12 3.70
C LYS A 18 -42.34 -0.36 2.88
N PRO A 19 -42.59 -1.17 1.82
CA PRO A 19 -41.54 -1.70 0.96
C PRO A 19 -40.83 -0.63 0.14
N SER A 20 -39.55 -0.84 -0.15
CA SER A 20 -38.73 0.11 -0.92
C SER A 20 -38.65 1.48 -0.23
N THR A 21 -38.44 1.46 1.08
CA THR A 21 -38.35 2.70 1.86
C THR A 21 -36.97 3.35 1.70
N GLU A 22 -36.73 3.93 0.53
CA GLU A 22 -35.46 4.60 0.25
C GLU A 22 -35.43 6.03 0.80
N ASP A 23 -35.44 6.15 2.12
CA ASP A 23 -35.40 7.45 2.78
C ASP A 23 -34.00 7.79 3.26
N LEU A 24 -33.22 8.43 2.37
CA LEU A 24 -31.83 8.84 2.66
C LEU A 24 -30.86 7.65 2.74
N GLY A 25 -31.23 6.63 3.51
CA GLY A 25 -30.39 5.45 3.64
C GLY A 25 -29.39 5.57 4.79
N ASP A 26 -28.16 5.97 4.46
CA ASP A 26 -27.08 6.14 5.45
C ASP A 26 -26.78 4.82 6.19
N LYS A 27 -26.88 3.70 5.47
CA LYS A 27 -26.64 2.39 6.06
C LYS A 27 -25.18 1.96 5.89
N LYS A 28 -24.57 2.37 4.77
CA LYS A 28 -23.17 2.02 4.49
C LYS A 28 -22.36 3.27 4.15
N GLU A 29 -21.04 3.18 4.33
CA GLU A 29 -20.14 4.30 4.04
C GLU A 29 -19.33 4.04 2.76
N GLY A 30 -19.74 3.05 1.98
CA GLY A 30 -19.03 2.74 0.75
C GLY A 30 -18.18 1.48 0.86
N GLU A 31 -18.06 0.76 -0.25
CA GLU A 31 -17.26 -0.47 -0.27
C GLU A 31 -16.01 -0.30 -1.13
N TYR A 32 -14.87 -0.08 -0.48
CA TYR A 32 -13.60 0.11 -1.19
C TYR A 32 -12.54 -0.89 -0.73
N ILE A 33 -12.54 -1.19 0.57
CA ILE A 33 -11.58 -2.12 1.17
C ILE A 33 -10.18 -1.50 1.30
N LYS A 34 -9.71 -1.35 2.54
CA LYS A 34 -8.40 -0.77 2.80
C LYS A 34 -7.29 -1.79 2.58
N LEU A 35 -6.18 -1.34 2.01
CA LEU A 35 -5.05 -2.23 1.73
C LEU A 35 -3.97 -2.09 2.81
N LYS A 36 -3.29 -3.20 3.10
CA LYS A 36 -2.24 -3.21 4.12
C LYS A 36 -0.90 -3.68 3.56
N VAL A 37 0.14 -2.88 3.77
CA VAL A 37 1.49 -3.21 3.30
C VAL A 37 2.46 -3.30 4.47
N ILE A 38 3.37 -4.27 4.43
CA ILE A 38 4.37 -4.44 5.49
C ILE A 38 5.73 -3.91 5.04
N GLY A 39 6.23 -2.90 5.75
CA GLY A 39 7.52 -2.31 5.41
C GLY A 39 8.71 -3.17 5.81
N GLN A 40 9.91 -2.75 5.40
CA GLN A 40 11.14 -3.49 5.69
C GLN A 40 11.41 -3.60 7.20
N ASP A 41 11.00 -2.56 7.95
CA ASP A 41 11.19 -2.54 9.39
C ASP A 41 9.95 -3.07 10.14
N SER A 42 9.17 -3.92 9.46
CA SER A 42 7.95 -4.50 10.03
C SER A 42 6.89 -3.42 10.32
N SER A 43 6.90 -2.37 9.50
CA SER A 43 5.96 -1.26 9.66
C SER A 43 4.60 -1.58 9.03
N GLU A 44 3.54 -1.46 9.80
CA GLU A 44 2.18 -1.73 9.33
C GLU A 44 1.51 -0.45 8.85
N ILE A 45 1.34 -0.32 7.53
CA ILE A 45 0.70 0.87 6.96
C ILE A 45 -0.62 0.51 6.27
N HIS A 46 -1.68 1.25 6.59
CA HIS A 46 -2.99 1.02 6.00
C HIS A 46 -3.40 2.19 5.12
N PHE A 47 -3.78 1.89 3.88
CA PHE A 47 -4.19 2.92 2.94
C PHE A 47 -5.68 2.80 2.58
N LYS A 48 -6.40 3.91 2.76
CA LYS A 48 -7.84 3.94 2.47
C LYS A 48 -8.11 4.23 1.00
N VAL A 49 -8.06 3.18 0.18
CA VAL A 49 -8.30 3.30 -1.25
C VAL A 49 -9.25 2.21 -1.75
N LYS A 50 -9.37 2.06 -3.06
CA LYS A 50 -10.22 1.04 -3.64
C LYS A 50 -9.37 -0.09 -4.23
N MET A 51 -9.92 -1.31 -4.23
CA MET A 51 -9.22 -2.47 -4.76
C MET A 51 -9.00 -2.37 -6.28
N THR A 52 -9.85 -1.62 -6.98
CA THR A 52 -9.73 -1.46 -8.42
C THR A 52 -8.83 -0.27 -8.80
N THR A 53 -7.59 -0.29 -8.33
CA THR A 53 -6.64 0.78 -8.63
C THR A 53 -5.26 0.25 -8.97
N HIS A 54 -4.45 1.07 -9.63
CA HIS A 54 -3.09 0.69 -10.03
C HIS A 54 -2.15 0.72 -8.83
N LEU A 55 -1.13 -0.14 -8.84
CA LEU A 55 -0.15 -0.22 -7.75
C LEU A 55 0.69 1.07 -7.63
N LYS A 56 0.68 1.92 -8.66
CA LYS A 56 1.43 3.18 -8.65
C LYS A 56 1.18 4.00 -7.37
N LYS A 57 -0.08 4.24 -7.05
CA LYS A 57 -0.45 5.01 -5.86
C LYS A 57 -0.12 4.26 -4.57
N LEU A 58 -0.22 2.94 -4.61
CA LEU A 58 0.07 2.10 -3.43
C LEU A 58 1.57 2.13 -3.10
N LYS A 59 2.41 1.91 -4.09
CA LYS A 59 3.86 1.91 -3.91
C LYS A 59 4.38 3.30 -3.53
N GLU A 60 3.85 4.33 -4.21
CA GLU A 60 4.27 5.72 -3.95
C GLU A 60 3.82 6.21 -2.57
N SER A 61 2.78 5.61 -2.02
CA SER A 61 2.26 6.01 -0.70
C SER A 61 3.13 5.47 0.42
N TYR A 62 3.49 4.19 0.33
CA TYR A 62 4.33 3.54 1.34
C TYR A 62 5.68 4.25 1.52
N CYS A 63 6.31 4.67 0.41
CA CYS A 63 7.61 5.34 0.47
C CYS A 63 7.46 6.76 0.99
N GLN A 64 6.28 7.33 0.75
CA GLN A 64 5.97 8.68 1.19
C GLN A 64 5.74 8.76 2.70
N ARG A 65 5.04 7.77 3.23
CA ARG A 65 4.74 7.71 4.67
C ARG A 65 6.00 7.46 5.50
N GLN A 66 6.87 6.58 5.01
CA GLN A 66 8.12 6.26 5.72
C GLN A 66 9.20 7.31 5.48
N GLY A 67 9.41 7.69 4.22
CA GLY A 67 10.42 8.68 3.89
C GLY A 67 11.70 8.04 3.35
N VAL A 68 11.54 7.07 2.47
CA VAL A 68 12.68 6.37 1.87
C VAL A 68 12.61 6.41 0.34
N PRO A 69 13.78 6.39 -0.34
CA PRO A 69 13.85 6.41 -1.81
C PRO A 69 13.18 5.19 -2.45
N MET A 70 12.46 5.41 -3.55
CA MET A 70 11.77 4.34 -4.26
C MET A 70 12.75 3.35 -4.89
N ASN A 71 13.91 3.84 -5.31
CA ASN A 71 14.92 2.99 -5.94
C ASN A 71 15.83 2.34 -4.89
N SER A 72 15.30 2.10 -3.69
CA SER A 72 16.07 1.47 -2.61
C SER A 72 15.37 0.23 -2.05
N LEU A 73 14.05 0.15 -2.25
CA LEU A 73 13.28 -1.00 -1.75
C LEU A 73 12.39 -1.59 -2.85
N ARG A 74 12.12 -2.89 -2.75
CA ARG A 74 11.29 -3.57 -3.74
C ARG A 74 10.01 -4.14 -3.09
N LEU A 75 8.90 -4.04 -3.81
CA LEU A 75 7.61 -4.54 -3.33
C LEU A 75 7.24 -5.85 -4.04
N LEU A 76 7.15 -6.93 -3.28
CA LEU A 76 6.82 -8.24 -3.85
C LEU A 76 5.89 -9.07 -2.95
N PHE A 77 5.20 -10.03 -3.55
CA PHE A 77 4.28 -10.90 -2.80
C PHE A 77 4.52 -12.38 -3.13
N GLU A 78 4.81 -13.17 -2.08
CA GLU A 78 5.06 -14.63 -2.20
C GLU A 78 6.07 -15.02 -3.30
N GLY A 79 6.97 -14.10 -3.65
CA GLY A 79 7.95 -14.39 -4.69
C GLY A 79 7.60 -13.82 -6.05
N GLN A 80 6.36 -13.35 -6.20
CA GLN A 80 5.91 -12.78 -7.47
C GLN A 80 6.14 -11.27 -7.51
N ARG A 81 6.66 -10.79 -8.64
CA ARG A 81 6.92 -9.36 -8.82
C ARG A 81 5.67 -8.63 -9.30
N ILE A 82 5.19 -7.69 -8.51
CA ILE A 82 4.00 -6.93 -8.86
C ILE A 82 4.36 -5.57 -9.47
N ALA A 83 3.93 -5.35 -10.70
CA ALA A 83 4.20 -4.09 -11.40
C ALA A 83 3.20 -3.00 -10.99
N ASP A 84 3.56 -1.75 -11.28
CA ASP A 84 2.74 -0.60 -10.94
C ASP A 84 1.44 -0.54 -11.76
N ASN A 85 1.41 -1.26 -12.88
CA ASN A 85 0.24 -1.29 -13.74
C ASN A 85 -0.72 -2.42 -13.34
N HIS A 86 -0.34 -3.19 -12.32
CA HIS A 86 -1.16 -4.30 -11.84
C HIS A 86 -2.18 -3.81 -10.80
N THR A 87 -3.26 -4.57 -10.64
CA THR A 87 -4.31 -4.23 -9.67
C THR A 87 -4.70 -5.47 -8.87
N PRO A 88 -5.06 -5.30 -7.58
CA PRO A 88 -5.48 -6.41 -6.72
C PRO A 88 -6.69 -7.16 -7.27
N LYS A 89 -7.58 -6.44 -7.93
CA LYS A 89 -8.79 -7.03 -8.51
C LYS A 89 -8.45 -7.85 -9.77
N GLU A 90 -7.34 -7.51 -10.42
CA GLU A 90 -6.90 -8.24 -11.61
C GLU A 90 -6.06 -9.46 -11.22
N LEU A 91 -5.24 -9.30 -10.20
CA LEU A 91 -4.39 -10.39 -9.70
C LEU A 91 -5.21 -11.45 -8.95
N GLY A 92 -6.42 -11.08 -8.50
CA GLY A 92 -7.27 -12.01 -7.78
C GLY A 92 -6.82 -12.19 -6.33
N MET A 93 -6.42 -11.10 -5.69
CA MET A 93 -5.95 -11.17 -4.31
C MET A 93 -6.97 -10.59 -3.32
N GLU A 94 -7.47 -11.44 -2.44
CA GLU A 94 -8.44 -11.03 -1.42
C GLU A 94 -7.98 -11.52 -0.05
N GLU A 95 -8.07 -10.67 0.98
CA GLU A 95 -7.66 -11.00 2.35
C GLU A 95 -6.12 -11.12 2.47
N GLU A 96 -5.53 -11.92 1.59
CA GLU A 96 -4.08 -12.11 1.55
C GLU A 96 -3.40 -11.01 0.73
N ASP A 97 -4.19 -10.00 0.34
CA ASP A 97 -3.71 -8.86 -0.46
C ASP A 97 -2.64 -8.01 0.25
N VAL A 98 -2.03 -8.52 1.31
CA VAL A 98 -0.98 -7.80 2.03
C VAL A 98 0.36 -7.97 1.32
N ILE A 99 0.99 -6.85 0.96
CA ILE A 99 2.27 -6.90 0.24
C ILE A 99 3.45 -6.68 1.20
N GLU A 100 4.60 -7.25 0.84
CA GLU A 100 5.81 -7.14 1.65
C GLU A 100 6.91 -6.36 0.93
N VAL A 101 7.58 -5.49 1.66
CA VAL A 101 8.66 -4.69 1.08
C VAL A 101 10.02 -5.09 1.67
N TYR A 102 11.03 -5.14 0.80
CA TYR A 102 12.39 -5.51 1.23
C TYR A 102 13.40 -4.46 0.76
N GLN A 103 14.37 -4.16 1.62
CA GLN A 103 15.41 -3.18 1.30
C GLN A 103 16.53 -3.81 0.46
N GLU A 104 16.79 -3.22 -0.70
CA GLU A 104 17.84 -3.72 -1.59
C GLU A 104 18.67 -2.57 -2.16
N GLN A 105 19.51 -1.98 -1.32
CA GLN A 105 20.36 -0.86 -1.73
C GLN A 105 21.64 -1.36 -2.43
N THR A 106 21.48 -1.83 -3.66
CA THR A 106 22.62 -2.33 -4.43
C THR A 106 23.03 -1.33 -5.52
N GLY A 107 23.97 -0.45 -5.19
CA GLY A 107 24.44 0.53 -6.15
C GLY A 107 24.78 1.87 -5.51
N GLY A 108 24.55 2.95 -6.24
CA GLY A 108 24.84 4.29 -5.71
C GLY A 108 24.82 5.36 -6.79
N MET A 12 15.58 -1.37 19.73
CA MET A 12 16.37 -1.71 18.53
C MET A 12 15.70 -1.21 17.23
N SER A 13 14.41 -1.50 17.10
CA SER A 13 13.64 -1.09 15.93
C SER A 13 12.89 0.21 16.18
N ASP A 14 12.21 0.71 15.15
CA ASP A 14 11.43 1.96 15.23
C ASP A 14 12.32 3.17 15.58
N GLN A 15 13.51 3.22 15.00
CA GLN A 15 14.44 4.32 15.26
C GLN A 15 14.26 5.45 14.25
N GLU A 16 14.03 5.09 12.99
CA GLU A 16 13.84 6.07 11.92
C GLU A 16 12.70 5.66 10.99
N ALA A 17 12.36 6.55 10.05
CA ALA A 17 11.29 6.31 9.07
C ALA A 17 9.92 6.13 9.75
N LYS A 18 9.34 7.24 10.20
CA LYS A 18 8.04 7.21 10.86
C LYS A 18 6.91 7.53 9.86
N PRO A 19 6.02 6.55 9.62
CA PRO A 19 4.89 6.72 8.67
C PRO A 19 4.03 7.95 8.97
N SER A 20 3.84 8.25 10.25
CA SER A 20 3.05 9.41 10.69
C SER A 20 1.65 9.41 10.08
N THR A 21 0.88 8.35 10.37
CA THR A 21 -0.48 8.22 9.86
C THR A 21 -1.47 9.10 10.62
N GLU A 22 -1.57 10.37 10.22
CA GLU A 22 -2.47 11.30 10.87
C GLU A 22 -3.69 11.59 9.99
N ASP A 23 -4.88 11.31 10.52
CA ASP A 23 -6.12 11.54 9.78
C ASP A 23 -6.96 12.62 10.44
N LEU A 24 -7.47 13.55 9.62
CA LEU A 24 -8.30 14.65 10.13
C LEU A 24 -9.79 14.31 10.04
N GLY A 25 -10.13 13.33 9.22
CA GLY A 25 -11.52 12.93 9.06
C GLY A 25 -12.06 13.20 7.68
N ASP A 26 -13.00 12.37 7.22
CA ASP A 26 -13.62 12.50 5.90
C ASP A 26 -12.57 12.47 4.77
N LYS A 27 -11.63 11.54 4.88
CA LYS A 27 -10.57 11.40 3.88
C LYS A 27 -11.00 10.51 2.72
N LYS A 28 -11.76 9.46 3.03
CA LYS A 28 -12.24 8.53 2.02
C LYS A 28 -13.72 8.18 2.23
N GLU A 29 -14.42 7.85 1.15
CA GLU A 29 -15.83 7.51 1.21
C GLU A 29 -16.23 6.55 0.09
N GLY A 30 -17.34 5.84 0.29
CA GLY A 30 -17.82 4.90 -0.71
C GLY A 30 -17.36 3.47 -0.45
N GLU A 31 -16.97 2.77 -1.51
CA GLU A 31 -16.51 1.38 -1.38
C GLU A 31 -14.99 1.31 -1.43
N TYR A 32 -14.37 1.00 -0.30
CA TYR A 32 -12.91 0.91 -0.22
C TYR A 32 -12.47 -0.24 0.69
N ILE A 33 -11.33 -0.83 0.37
CA ILE A 33 -10.79 -1.94 1.14
C ILE A 33 -9.58 -1.50 1.96
N LYS A 34 -9.43 -2.06 3.15
CA LYS A 34 -8.32 -1.71 4.04
C LYS A 34 -7.09 -2.56 3.73
N LEU A 35 -6.17 -2.00 2.94
CA LEU A 35 -4.95 -2.69 2.57
C LEU A 35 -3.83 -2.40 3.58
N LYS A 36 -3.17 -3.46 4.05
CA LYS A 36 -2.08 -3.31 5.03
C LYS A 36 -0.75 -3.73 4.43
N VAL A 37 0.20 -2.81 4.43
CA VAL A 37 1.53 -3.09 3.90
C VAL A 37 2.57 -3.16 5.02
N ILE A 38 3.35 -4.24 5.03
CA ILE A 38 4.38 -4.43 6.06
C ILE A 38 5.74 -3.96 5.57
N GLY A 39 6.29 -2.96 6.25
CA GLY A 39 7.59 -2.43 5.88
C GLY A 39 8.74 -3.23 6.49
N GLN A 40 9.92 -3.11 5.88
CA GLN A 40 11.11 -3.83 6.35
C GLN A 40 11.63 -3.27 7.69
N ASP A 41 11.15 -2.09 8.07
CA ASP A 41 11.56 -1.46 9.32
C ASP A 41 10.50 -1.67 10.42
N SER A 42 9.73 -2.76 10.29
CA SER A 42 8.66 -3.09 11.24
C SER A 42 7.57 -2.02 11.26
N SER A 43 7.23 -1.52 10.09
CA SER A 43 6.21 -0.48 9.95
C SER A 43 4.93 -1.02 9.31
N GLU A 44 3.79 -0.50 9.75
CA GLU A 44 2.50 -0.93 9.21
C GLU A 44 1.71 0.27 8.67
N ILE A 45 1.55 0.34 7.35
CA ILE A 45 0.83 1.45 6.72
C ILE A 45 -0.58 1.02 6.33
N HIS A 46 -1.55 1.91 6.55
CA HIS A 46 -2.95 1.63 6.22
C HIS A 46 -3.38 2.37 4.95
N PHE A 47 -3.76 1.61 3.92
CA PHE A 47 -4.19 2.20 2.66
C PHE A 47 -5.65 1.83 2.36
N LYS A 48 -6.53 2.83 2.37
CA LYS A 48 -7.95 2.61 2.10
C LYS A 48 -8.31 3.01 0.67
N VAL A 49 -8.22 2.06 -0.26
CA VAL A 49 -8.54 2.32 -1.67
C VAL A 49 -9.36 1.18 -2.27
N LYS A 50 -9.67 1.28 -3.56
CA LYS A 50 -10.45 0.25 -4.24
C LYS A 50 -9.55 -0.92 -4.65
N MET A 51 -10.17 -2.08 -4.87
CA MET A 51 -9.43 -3.29 -5.25
C MET A 51 -9.07 -3.30 -6.75
N THR A 52 -9.71 -2.41 -7.54
CA THR A 52 -9.43 -2.35 -8.97
C THR A 52 -8.63 -1.10 -9.37
N THR A 53 -7.61 -0.79 -8.58
CA THR A 53 -6.77 0.39 -8.83
C THR A 53 -5.32 -0.01 -9.13
N HIS A 54 -4.58 0.90 -9.77
CA HIS A 54 -3.19 0.66 -10.11
C HIS A 54 -2.29 0.69 -8.87
N LEU A 55 -1.21 -0.08 -8.89
CA LEU A 55 -0.29 -0.14 -7.74
C LEU A 55 0.46 1.18 -7.50
N LYS A 56 0.46 2.08 -8.50
CA LYS A 56 1.14 3.38 -8.38
C LYS A 56 0.78 4.10 -7.08
N LYS A 57 -0.52 4.14 -6.77
CA LYS A 57 -1.00 4.81 -5.55
C LYS A 57 -0.43 4.18 -4.28
N LEU A 58 -0.52 2.85 -4.18
CA LEU A 58 -0.03 2.13 -3.01
C LEU A 58 1.49 2.23 -2.86
N LYS A 59 2.21 2.02 -3.97
CA LYS A 59 3.68 2.08 -3.97
C LYS A 59 4.19 3.49 -3.64
N GLU A 60 3.61 4.52 -4.27
CA GLU A 60 4.03 5.89 -4.03
C GLU A 60 3.66 6.38 -2.63
N SER A 61 2.49 5.94 -2.14
CA SER A 61 2.02 6.33 -0.81
C SER A 61 2.99 5.89 0.29
N TYR A 62 3.29 4.59 0.32
CA TYR A 62 4.24 4.04 1.30
C TYR A 62 5.62 4.70 1.18
N CYS A 63 6.06 4.96 -0.06
CA CYS A 63 7.37 5.57 -0.32
C CYS A 63 7.51 6.94 0.35
N GLN A 64 6.57 7.85 0.07
CA GLN A 64 6.60 9.19 0.64
C GLN A 64 6.25 9.20 2.13
N ARG A 65 5.63 8.12 2.62
CA ARG A 65 5.26 8.01 4.03
C ARG A 65 6.51 7.79 4.89
N GLN A 66 7.35 6.86 4.45
CA GLN A 66 8.59 6.55 5.18
C GLN A 66 9.72 7.55 4.86
N GLY A 67 9.88 7.87 3.57
CA GLY A 67 10.92 8.80 3.18
C GLY A 67 12.19 8.09 2.71
N VAL A 68 12.02 7.08 1.87
CA VAL A 68 13.15 6.31 1.36
C VAL A 68 13.09 6.19 -0.17
N PRO A 69 14.26 6.11 -0.83
CA PRO A 69 14.33 6.00 -2.30
C PRO A 69 13.79 4.67 -2.82
N MET A 70 12.99 4.75 -3.90
CA MET A 70 12.38 3.57 -4.51
C MET A 70 13.42 2.66 -5.16
N ASN A 71 14.63 3.17 -5.36
CA ASN A 71 15.71 2.40 -5.96
C ASN A 71 16.40 1.52 -4.91
N SER A 72 15.92 1.58 -3.68
CA SER A 72 16.50 0.79 -2.59
C SER A 72 15.53 -0.30 -2.09
N LEU A 73 14.24 -0.04 -2.16
CA LEU A 73 13.23 -1.01 -1.71
C LEU A 73 12.18 -1.28 -2.78
N ARG A 74 11.78 -2.54 -2.90
CA ARG A 74 10.77 -2.95 -3.87
C ARG A 74 9.61 -3.67 -3.21
N LEU A 75 8.43 -3.56 -3.80
CA LEU A 75 7.23 -4.20 -3.26
C LEU A 75 7.01 -5.57 -3.93
N LEU A 76 6.68 -6.58 -3.13
CA LEU A 76 6.47 -7.93 -3.67
C LEU A 76 5.28 -8.64 -3.00
N PHE A 77 4.67 -9.57 -3.72
CA PHE A 77 3.53 -10.31 -3.22
C PHE A 77 3.61 -11.79 -3.60
N GLU A 78 3.60 -12.66 -2.58
CA GLU A 78 3.67 -14.13 -2.73
C GLU A 78 4.81 -14.59 -3.66
N GLY A 79 5.90 -13.83 -3.70
CA GLY A 79 7.03 -14.21 -4.54
C GLY A 79 7.12 -13.43 -5.84
N GLN A 80 6.02 -12.80 -6.26
CA GLN A 80 6.01 -12.02 -7.50
C GLN A 80 6.29 -10.54 -7.22
N ARG A 81 6.94 -9.88 -8.17
CA ARG A 81 7.26 -8.46 -8.04
C ARG A 81 6.05 -7.58 -8.36
N ILE A 82 5.98 -6.42 -7.73
CA ILE A 82 4.87 -5.50 -7.95
C ILE A 82 5.27 -4.33 -8.85
N ALA A 83 4.52 -4.18 -9.94
CA ALA A 83 4.75 -3.10 -10.89
C ALA A 83 3.84 -1.89 -10.61
N ASP A 84 3.73 -0.99 -11.57
CA ASP A 84 2.91 0.21 -11.43
C ASP A 84 1.54 0.05 -12.10
N ASN A 85 1.53 -0.46 -13.34
CA ASN A 85 0.29 -0.64 -14.11
C ASN A 85 -0.41 -1.96 -13.75
N HIS A 86 -0.20 -2.44 -12.53
CA HIS A 86 -0.82 -3.68 -12.08
C HIS A 86 -1.96 -3.40 -11.10
N THR A 87 -2.83 -4.39 -10.91
CA THR A 87 -3.96 -4.25 -9.99
C THR A 87 -4.02 -5.46 -9.05
N PRO A 88 -4.55 -5.29 -7.82
CA PRO A 88 -4.65 -6.38 -6.85
C PRO A 88 -5.46 -7.57 -7.39
N LYS A 89 -6.49 -7.29 -8.17
CA LYS A 89 -7.33 -8.35 -8.74
C LYS A 89 -6.55 -9.18 -9.78
N GLU A 90 -5.55 -8.57 -10.40
CA GLU A 90 -4.73 -9.26 -11.40
C GLU A 90 -3.57 -9.99 -10.73
N LEU A 91 -2.99 -9.38 -9.69
CA LEU A 91 -1.88 -9.96 -8.96
C LEU A 91 -2.30 -11.15 -8.06
N GLY A 92 -3.61 -11.27 -7.81
CA GLY A 92 -4.11 -12.36 -7.00
C GLY A 92 -4.27 -12.01 -5.52
N MET A 93 -4.75 -10.81 -5.22
CA MET A 93 -4.95 -10.41 -3.83
C MET A 93 -6.33 -10.83 -3.34
N GLU A 94 -6.46 -11.05 -2.04
CA GLU A 94 -7.72 -11.50 -1.45
C GLU A 94 -8.08 -10.64 -0.24
N GLU A 95 -9.19 -11.00 0.42
CA GLU A 95 -9.69 -10.31 1.63
C GLU A 95 -8.59 -9.72 2.53
N GLU A 96 -7.55 -10.51 2.86
CA GLU A 96 -6.47 -10.01 3.72
C GLU A 96 -5.75 -8.80 3.11
N ASP A 97 -5.52 -8.85 1.78
CA ASP A 97 -4.87 -7.74 1.06
C ASP A 97 -3.52 -7.28 1.65
N VAL A 98 -2.90 -8.15 2.46
CA VAL A 98 -1.63 -7.82 3.11
C VAL A 98 -0.44 -7.96 2.15
N ILE A 99 0.28 -6.86 1.97
CA ILE A 99 1.45 -6.83 1.08
C ILE A 99 2.73 -6.56 1.87
N GLU A 100 3.87 -7.04 1.37
CA GLU A 100 5.14 -6.85 2.06
C GLU A 100 6.17 -6.13 1.17
N VAL A 101 7.14 -5.48 1.80
CA VAL A 101 8.19 -4.76 1.09
C VAL A 101 9.55 -5.44 1.29
N TYR A 102 10.41 -5.39 0.28
CA TYR A 102 11.73 -6.02 0.37
C TYR A 102 12.85 -5.01 0.13
N GLN A 103 13.98 -5.22 0.79
CA GLN A 103 15.14 -4.34 0.67
C GLN A 103 16.17 -4.93 -0.30
N GLU A 104 16.57 -4.13 -1.29
CA GLU A 104 17.56 -4.57 -2.27
C GLU A 104 18.77 -3.64 -2.30
N GLN A 105 18.51 -2.34 -2.16
CA GLN A 105 19.56 -1.30 -2.18
C GLN A 105 20.37 -1.30 -3.48
N THR A 106 19.86 -0.60 -4.50
CA THR A 106 20.53 -0.53 -5.79
C THR A 106 20.86 0.91 -6.16
N GLY A 107 21.66 1.57 -5.32
CA GLY A 107 22.03 2.96 -5.57
C GLY A 107 23.22 3.08 -6.51
N GLY A 108 22.96 2.90 -7.80
CA GLY A 108 24.03 3.01 -8.79
C GLY A 108 24.25 4.44 -9.29
N MET A 12 -51.65 -13.01 -10.60
CA MET A 12 -52.34 -11.92 -9.85
C MET A 12 -51.37 -10.77 -9.51
N SER A 13 -51.88 -9.54 -9.55
CA SER A 13 -51.06 -8.36 -9.24
C SER A 13 -51.25 -7.93 -7.79
N ASP A 14 -50.21 -8.13 -6.98
CA ASP A 14 -50.27 -7.75 -5.57
C ASP A 14 -48.96 -7.08 -5.13
N GLN A 15 -48.69 -5.89 -5.67
CA GLN A 15 -47.47 -5.15 -5.34
C GLN A 15 -47.62 -4.38 -4.02
N GLU A 16 -47.72 -5.12 -2.92
CA GLU A 16 -47.87 -4.53 -1.59
C GLU A 16 -46.50 -4.19 -0.99
N ALA A 17 -46.05 -2.96 -1.19
CA ALA A 17 -44.76 -2.50 -0.66
C ALA A 17 -44.85 -2.13 0.82
N LYS A 18 -45.02 -3.14 1.67
CA LYS A 18 -45.11 -2.91 3.11
C LYS A 18 -44.09 -3.75 3.89
N PRO A 19 -44.10 -5.11 3.76
CA PRO A 19 -43.15 -5.97 4.48
C PRO A 19 -41.78 -6.04 3.80
N SER A 20 -41.10 -4.89 3.71
CA SER A 20 -39.78 -4.83 3.08
C SER A 20 -38.67 -5.08 4.10
N THR A 21 -38.49 -6.34 4.48
CA THR A 21 -37.45 -6.72 5.44
C THR A 21 -36.09 -6.91 4.76
N GLU A 22 -35.50 -5.80 4.32
CA GLU A 22 -34.20 -5.84 3.65
C GLU A 22 -33.05 -5.77 4.67
N ASP A 23 -32.86 -6.84 5.42
CA ASP A 23 -31.80 -6.90 6.43
C ASP A 23 -30.51 -7.48 5.85
N LEU A 24 -29.90 -6.73 4.92
CA LEU A 24 -28.66 -7.17 4.29
C LEU A 24 -27.78 -5.98 3.94
N GLY A 25 -26.46 -6.19 3.95
CA GLY A 25 -25.53 -5.13 3.62
C GLY A 25 -25.18 -4.26 4.81
N ASP A 26 -25.74 -3.04 4.84
CA ASP A 26 -25.50 -2.08 5.93
C ASP A 26 -24.01 -1.76 6.09
N LYS A 27 -23.32 -1.58 4.96
CA LYS A 27 -21.88 -1.26 4.98
C LYS A 27 -21.64 0.23 5.17
N LYS A 28 -22.56 1.05 4.63
CA LYS A 28 -22.46 2.52 4.72
C LYS A 28 -21.20 3.06 4.04
N GLU A 29 -20.19 3.40 4.83
CA GLU A 29 -18.93 3.93 4.28
C GLU A 29 -17.79 2.92 4.44
N GLY A 30 -17.87 1.82 3.70
CA GLY A 30 -16.82 0.81 3.77
C GLY A 30 -16.69 -0.01 2.48
N GLU A 31 -16.89 0.65 1.34
CA GLU A 31 -16.80 -0.03 0.05
C GLU A 31 -15.56 0.43 -0.74
N TYR A 32 -14.51 0.78 -0.01
CA TYR A 32 -13.26 1.23 -0.64
C TYR A 32 -12.13 0.22 -0.43
N ILE A 33 -12.26 -0.61 0.60
CA ILE A 33 -11.26 -1.63 0.94
C ILE A 33 -10.04 -1.01 1.63
N LYS A 34 -9.59 -1.65 2.71
CA LYS A 34 -8.43 -1.17 3.46
C LYS A 34 -7.26 -2.15 3.31
N LEU A 35 -6.21 -1.71 2.62
CA LEU A 35 -5.04 -2.56 2.40
C LEU A 35 -3.96 -2.31 3.45
N LYS A 36 -3.04 -3.27 3.59
CA LYS A 36 -1.96 -3.17 4.55
C LYS A 36 -0.62 -3.50 3.92
N VAL A 37 0.34 -2.60 4.08
CA VAL A 37 1.69 -2.80 3.53
C VAL A 37 2.71 -2.99 4.66
N ILE A 38 3.47 -4.08 4.60
CA ILE A 38 4.47 -4.36 5.62
C ILE A 38 5.89 -4.19 5.07
N GLY A 39 6.64 -3.26 5.67
CA GLY A 39 8.00 -3.02 5.24
C GLY A 39 9.01 -3.91 5.94
N GLN A 40 10.22 -3.98 5.39
CA GLN A 40 11.29 -4.81 5.96
C GLN A 40 11.76 -4.30 7.33
N ASP A 41 11.36 -3.08 7.69
CA ASP A 41 11.75 -2.50 8.97
C ASP A 41 10.67 -2.73 10.04
N SER A 42 9.88 -3.80 9.87
CA SER A 42 8.82 -4.16 10.81
C SER A 42 7.78 -3.05 10.96
N SER A 43 7.53 -2.32 9.87
CA SER A 43 6.56 -1.22 9.87
C SER A 43 5.39 -1.52 8.94
N GLU A 44 4.18 -1.40 9.45
CA GLU A 44 2.99 -1.65 8.65
C GLU A 44 2.10 -0.40 8.56
N ILE A 45 1.66 -0.08 7.35
CA ILE A 45 0.81 1.09 7.12
C ILE A 45 -0.52 0.68 6.48
N HIS A 46 -1.62 1.27 6.96
CA HIS A 46 -2.94 0.98 6.43
C HIS A 46 -3.42 2.08 5.49
N PHE A 47 -3.85 1.69 4.29
CA PHE A 47 -4.32 2.66 3.30
C PHE A 47 -5.71 2.29 2.78
N LYS A 48 -6.59 3.28 2.70
CA LYS A 48 -7.96 3.05 2.23
C LYS A 48 -8.07 3.38 0.73
N VAL A 49 -7.46 2.53 -0.09
CA VAL A 49 -7.48 2.72 -1.54
C VAL A 49 -8.19 1.55 -2.23
N LYS A 50 -9.02 1.87 -3.23
CA LYS A 50 -9.76 0.86 -3.97
C LYS A 50 -8.81 -0.11 -4.70
N MET A 51 -9.20 -1.38 -4.76
CA MET A 51 -8.39 -2.41 -5.43
C MET A 51 -8.37 -2.22 -6.96
N THR A 52 -9.32 -1.47 -7.51
CA THR A 52 -9.38 -1.22 -8.95
C THR A 52 -8.52 -0.01 -9.34
N THR A 53 -7.29 0.01 -8.87
CA THR A 53 -6.37 1.11 -9.16
C THR A 53 -4.96 0.61 -9.50
N HIS A 54 -4.18 1.46 -10.16
CA HIS A 54 -2.80 1.11 -10.54
C HIS A 54 -1.91 1.00 -9.31
N LEU A 55 -0.93 0.09 -9.37
CA LEU A 55 -0.02 -0.13 -8.23
C LEU A 55 0.93 1.07 -7.97
N LYS A 56 1.08 1.98 -8.94
CA LYS A 56 1.95 3.13 -8.76
C LYS A 56 1.45 4.05 -7.65
N LYS A 57 0.12 4.06 -7.44
CA LYS A 57 -0.49 4.89 -6.40
C LYS A 57 -0.26 4.28 -5.01
N LEU A 58 0.05 2.99 -4.99
CA LEU A 58 0.30 2.28 -3.74
C LEU A 58 1.75 2.48 -3.26
N LYS A 59 2.69 2.43 -4.20
CA LYS A 59 4.10 2.61 -3.87
C LYS A 59 4.41 4.08 -3.55
N GLU A 60 3.89 4.99 -4.38
CA GLU A 60 4.10 6.43 -4.20
C GLU A 60 3.57 6.93 -2.84
N SER A 61 2.50 6.31 -2.35
CA SER A 61 1.91 6.71 -1.07
C SER A 61 2.68 6.10 0.10
N TYR A 62 2.99 4.80 -0.01
CA TYR A 62 3.73 4.08 1.02
C TYR A 62 5.11 4.72 1.27
N CYS A 63 5.86 4.98 0.20
CA CYS A 63 7.20 5.57 0.31
C CYS A 63 7.16 6.94 0.99
N GLN A 64 6.17 7.74 0.66
CA GLN A 64 6.03 9.09 1.24
C GLN A 64 5.63 9.01 2.71
N ARG A 65 4.88 7.97 3.09
CA ARG A 65 4.46 7.78 4.48
C ARG A 65 5.59 7.25 5.34
N GLN A 66 6.36 6.31 4.78
CA GLN A 66 7.50 5.72 5.50
C GLN A 66 8.70 6.68 5.55
N GLY A 67 9.02 7.30 4.43
CA GLY A 67 10.13 8.24 4.37
C GLY A 67 11.35 7.64 3.69
N VAL A 68 11.12 6.91 2.59
CA VAL A 68 12.21 6.28 1.85
C VAL A 68 12.05 6.50 0.34
N PRO A 69 13.16 6.42 -0.43
CA PRO A 69 13.14 6.62 -1.88
C PRO A 69 12.36 5.52 -2.61
N MET A 70 11.66 5.92 -3.67
CA MET A 70 10.85 4.98 -4.46
C MET A 70 11.72 3.98 -5.24
N ASN A 71 12.95 4.37 -5.55
CA ASN A 71 13.87 3.50 -6.30
C ASN A 71 14.88 2.83 -5.37
N SER A 72 14.44 2.48 -4.16
CA SER A 72 15.32 1.82 -3.19
C SER A 72 14.72 0.51 -2.68
N LEU A 73 13.38 0.42 -2.63
CA LEU A 73 12.73 -0.78 -2.14
C LEU A 73 11.78 -1.38 -3.18
N ARG A 74 11.64 -2.70 -3.13
CA ARG A 74 10.78 -3.43 -4.05
C ARG A 74 9.69 -4.20 -3.31
N LEU A 75 8.48 -4.18 -3.84
CA LEU A 75 7.35 -4.89 -3.24
C LEU A 75 7.16 -6.26 -3.90
N LEU A 76 6.90 -7.28 -3.08
CA LEU A 76 6.71 -8.63 -3.60
C LEU A 76 5.58 -9.38 -2.87
N PHE A 77 4.99 -10.36 -3.56
CA PHE A 77 3.91 -11.15 -2.99
C PHE A 77 4.06 -12.63 -3.35
N GLU A 78 4.21 -13.48 -2.33
CA GLU A 78 4.37 -14.94 -2.50
C GLU A 78 5.57 -15.33 -3.39
N GLY A 79 6.50 -14.39 -3.56
CA GLY A 79 7.68 -14.65 -4.39
C GLY A 79 7.61 -14.02 -5.76
N GLN A 80 6.47 -13.41 -6.11
CA GLN A 80 6.31 -12.77 -7.40
C GLN A 80 6.52 -11.26 -7.30
N ARG A 81 7.02 -10.67 -8.39
CA ARG A 81 7.25 -9.22 -8.43
C ARG A 81 5.99 -8.49 -8.89
N ILE A 82 5.82 -7.25 -8.46
CA ILE A 82 4.63 -6.48 -8.83
C ILE A 82 5.00 -5.20 -9.58
N ALA A 83 4.42 -5.05 -10.78
CA ALA A 83 4.65 -3.87 -11.61
C ALA A 83 3.56 -2.81 -11.36
N ASP A 84 3.77 -1.62 -11.92
CA ASP A 84 2.82 -0.51 -11.76
C ASP A 84 1.52 -0.76 -12.52
N ASN A 85 1.58 -1.58 -13.57
CA ASN A 85 0.41 -1.90 -14.39
C ASN A 85 -0.34 -3.13 -13.87
N HIS A 86 -0.21 -3.39 -12.57
CA HIS A 86 -0.88 -4.53 -11.95
C HIS A 86 -2.01 -4.09 -11.02
N THR A 87 -2.88 -5.03 -10.69
CA THR A 87 -4.00 -4.76 -9.80
C THR A 87 -4.17 -5.89 -8.78
N PRO A 88 -4.52 -5.55 -7.52
CA PRO A 88 -4.71 -6.56 -6.45
C PRO A 88 -5.68 -7.68 -6.84
N LYS A 89 -6.75 -7.32 -7.57
CA LYS A 89 -7.74 -8.30 -8.00
C LYS A 89 -7.18 -9.27 -9.05
N GLU A 90 -6.13 -8.85 -9.77
CA GLU A 90 -5.51 -9.69 -10.79
C GLU A 90 -4.44 -10.59 -10.17
N LEU A 91 -3.68 -10.05 -9.23
CA LEU A 91 -2.62 -10.81 -8.56
C LEU A 91 -3.18 -11.83 -7.56
N GLY A 92 -4.46 -11.70 -7.19
CA GLY A 92 -5.06 -12.64 -6.27
C GLY A 92 -4.99 -12.19 -4.81
N MET A 93 -5.01 -10.89 -4.57
CA MET A 93 -4.96 -10.37 -3.20
C MET A 93 -6.37 -10.02 -2.72
N GLU A 94 -6.86 -10.76 -1.74
CA GLU A 94 -8.20 -10.54 -1.21
C GLU A 94 -8.25 -10.61 0.32
N GLU A 95 -9.24 -9.94 0.90
CA GLU A 95 -9.48 -9.89 2.35
C GLU A 95 -8.34 -9.25 3.14
N GLU A 96 -7.12 -9.77 2.99
CA GLU A 96 -5.98 -9.23 3.69
C GLU A 96 -5.30 -8.16 2.83
N ASP A 97 -5.23 -8.41 1.51
CA ASP A 97 -4.62 -7.47 0.55
C ASP A 97 -3.22 -6.99 0.99
N VAL A 98 -2.57 -7.73 1.90
CA VAL A 98 -1.27 -7.35 2.43
C VAL A 98 -0.10 -7.71 1.49
N ILE A 99 0.84 -6.76 1.36
CA ILE A 99 2.03 -6.95 0.52
C ILE A 99 3.30 -6.66 1.33
N GLU A 100 4.41 -7.28 0.96
CA GLU A 100 5.68 -7.08 1.67
C GLU A 100 6.67 -6.28 0.82
N VAL A 101 7.46 -5.44 1.48
CA VAL A 101 8.46 -4.61 0.79
C VAL A 101 9.87 -4.85 1.34
N TYR A 102 10.85 -4.94 0.44
CA TYR A 102 12.25 -5.17 0.85
C TYR A 102 13.19 -4.16 0.21
N GLN A 103 14.18 -3.70 0.97
CA GLN A 103 15.15 -2.72 0.49
C GLN A 103 16.49 -3.39 0.19
N GLU A 104 16.76 -3.64 -1.09
CA GLU A 104 18.02 -4.26 -1.49
C GLU A 104 19.03 -3.21 -1.96
N GLN A 105 18.58 -2.31 -2.81
CA GLN A 105 19.44 -1.25 -3.34
C GLN A 105 19.25 0.07 -2.57
N THR A 106 20.25 0.94 -2.68
CA THR A 106 20.19 2.24 -2.00
C THR A 106 19.66 3.33 -2.92
N GLY A 107 19.83 3.14 -4.23
CA GLY A 107 19.35 4.12 -5.20
C GLY A 107 19.45 3.63 -6.63
N GLY A 108 18.36 3.03 -7.13
CA GLY A 108 18.36 2.53 -8.50
C GLY A 108 17.20 1.59 -8.77
N MET A 12 26.49 0.91 7.91
CA MET A 12 26.07 1.40 6.57
C MET A 12 25.95 2.93 6.54
N SER A 13 26.14 3.52 5.36
CA SER A 13 26.05 4.98 5.20
C SER A 13 24.60 5.42 5.02
N ASP A 14 23.81 5.27 6.08
CA ASP A 14 22.40 5.66 6.06
C ASP A 14 21.93 6.10 7.44
N GLN A 15 21.16 7.20 7.49
CA GLN A 15 20.65 7.72 8.76
C GLN A 15 19.25 8.31 8.58
N GLU A 16 18.59 8.59 9.69
CA GLU A 16 17.24 9.17 9.67
C GLU A 16 17.23 10.58 10.25
N ALA A 17 18.22 10.87 11.12
CA ALA A 17 18.34 12.19 11.76
C ALA A 17 17.14 12.52 12.65
N LYS A 18 16.17 13.24 12.09
CA LYS A 18 14.97 13.62 12.84
C LYS A 18 13.70 13.29 12.06
N PRO A 19 13.06 12.15 12.40
CA PRO A 19 11.83 11.72 11.72
C PRO A 19 10.58 12.46 12.22
N SER A 20 10.49 13.73 11.87
CA SER A 20 9.35 14.56 12.27
C SER A 20 8.14 14.36 11.37
N THR A 21 7.35 13.33 11.67
CA THR A 21 6.16 13.02 10.88
C THR A 21 4.89 13.11 11.74
N GLU A 22 3.75 13.36 11.09
CA GLU A 22 2.48 13.47 11.80
C GLU A 22 1.43 12.53 11.22
N ASP A 23 0.64 11.90 12.09
CA ASP A 23 -0.40 10.98 11.66
C ASP A 23 -1.78 11.62 11.75
N LEU A 24 -2.37 11.90 10.60
CA LEU A 24 -3.69 12.52 10.54
C LEU A 24 -4.53 11.93 9.40
N GLY A 25 -5.85 11.98 9.55
CA GLY A 25 -6.74 11.44 8.53
C GLY A 25 -8.08 11.01 9.09
N ASP A 26 -8.74 10.08 8.40
CA ASP A 26 -10.05 9.54 8.80
C ASP A 26 -11.11 10.66 8.89
N LYS A 27 -11.13 11.53 7.89
CA LYS A 27 -12.09 12.64 7.86
C LYS A 27 -13.35 12.26 7.09
N LYS A 28 -13.22 11.35 6.13
CA LYS A 28 -14.35 10.91 5.33
C LYS A 28 -14.45 9.39 5.29
N GLU A 29 -15.61 8.86 5.68
CA GLU A 29 -15.84 7.42 5.71
C GLU A 29 -16.46 6.95 4.39
N GLY A 30 -16.05 5.76 3.95
CA GLY A 30 -16.58 5.21 2.71
C GLY A 30 -16.14 3.78 2.46
N GLU A 31 -16.54 3.21 1.34
CA GLU A 31 -16.18 1.84 1.00
C GLU A 31 -14.85 1.78 0.24
N TYR A 32 -13.75 1.95 0.96
CA TYR A 32 -12.42 1.90 0.36
C TYR A 32 -11.53 0.88 1.05
N ILE A 33 -10.63 0.29 0.29
CA ILE A 33 -9.71 -0.72 0.80
C ILE A 33 -8.55 -0.06 1.56
N LYS A 34 -8.34 -0.52 2.79
CA LYS A 34 -7.27 0.03 3.63
C LYS A 34 -5.89 -0.46 3.18
N LEU A 35 -5.82 -1.75 2.82
CA LEU A 35 -4.57 -2.39 2.36
C LEU A 35 -3.55 -2.53 3.51
N LYS A 36 -2.81 -3.63 3.50
CA LYS A 36 -1.81 -3.88 4.53
C LYS A 36 -0.48 -4.32 3.92
N VAL A 37 0.57 -3.55 4.18
CA VAL A 37 1.90 -3.85 3.68
C VAL A 37 2.87 -4.06 4.83
N ILE A 38 3.70 -5.10 4.74
CA ILE A 38 4.69 -5.39 5.79
C ILE A 38 6.07 -4.87 5.40
N GLY A 39 6.52 -3.83 6.09
CA GLY A 39 7.83 -3.26 5.82
C GLY A 39 8.97 -4.04 6.46
N GLN A 40 10.20 -3.64 6.15
CA GLN A 40 11.40 -4.30 6.69
C GLN A 40 11.44 -4.27 8.21
N ASP A 41 10.96 -3.17 8.81
CA ASP A 41 10.96 -3.02 10.25
C ASP A 41 9.60 -3.40 10.86
N SER A 42 8.87 -4.27 10.16
CA SER A 42 7.54 -4.74 10.61
C SER A 42 6.55 -3.58 10.76
N SER A 43 6.69 -2.58 9.89
CA SER A 43 5.81 -1.42 9.93
C SER A 43 4.57 -1.63 9.04
N GLU A 44 3.41 -1.73 9.67
CA GLU A 44 2.15 -1.93 8.94
C GLU A 44 1.56 -0.59 8.48
N ILE A 45 1.60 -0.35 7.18
CA ILE A 45 1.07 0.89 6.61
C ILE A 45 -0.31 0.69 5.98
N HIS A 46 -1.25 1.55 6.37
CA HIS A 46 -2.62 1.48 5.85
C HIS A 46 -2.98 2.80 5.14
N PHE A 47 -3.79 2.71 4.10
CA PHE A 47 -4.20 3.90 3.34
C PHE A 47 -5.67 3.84 2.93
N LYS A 48 -6.07 4.76 2.05
CA LYS A 48 -7.44 4.82 1.56
C LYS A 48 -7.45 4.82 0.03
N VAL A 49 -7.70 3.65 -0.57
CA VAL A 49 -7.71 3.53 -2.02
C VAL A 49 -8.73 2.47 -2.49
N LYS A 50 -8.98 2.42 -3.79
CA LYS A 50 -9.93 1.45 -4.36
C LYS A 50 -9.20 0.17 -4.77
N MET A 51 -9.98 -0.87 -5.07
CA MET A 51 -9.41 -2.16 -5.47
C MET A 51 -9.02 -2.19 -6.96
N THR A 52 -9.68 -1.37 -7.77
CA THR A 52 -9.40 -1.32 -9.21
C THR A 52 -8.34 -0.29 -9.56
N THR A 53 -7.70 0.30 -8.54
CA THR A 53 -6.66 1.30 -8.75
C THR A 53 -5.31 0.64 -9.04
N HIS A 54 -4.53 1.25 -9.93
CA HIS A 54 -3.22 0.74 -10.30
C HIS A 54 -2.21 0.95 -9.17
N LEU A 55 -1.15 0.12 -9.16
CA LEU A 55 -0.12 0.22 -8.13
C LEU A 55 0.67 1.54 -8.20
N LYS A 56 0.54 2.27 -9.32
CA LYS A 56 1.21 3.55 -9.51
C LYS A 56 0.91 4.54 -8.37
N LYS A 57 -0.28 4.43 -7.79
CA LYS A 57 -0.68 5.31 -6.68
C LYS A 57 -0.68 4.56 -5.35
N LEU A 58 -0.91 3.25 -5.41
CA LEU A 58 -0.95 2.40 -4.21
C LEU A 58 0.44 2.24 -3.58
N LYS A 59 1.39 1.75 -4.37
CA LYS A 59 2.76 1.52 -3.89
C LYS A 59 3.53 2.85 -3.74
N GLU A 60 3.09 3.87 -4.47
CA GLU A 60 3.73 5.19 -4.41
C GLU A 60 3.37 5.91 -3.10
N SER A 61 2.21 5.60 -2.55
CA SER A 61 1.75 6.22 -1.30
C SER A 61 2.48 5.65 -0.11
N TYR A 62 2.72 4.33 -0.14
CA TYR A 62 3.43 3.64 0.94
C TYR A 62 4.86 4.19 1.12
N CYS A 63 5.57 4.43 0.02
CA CYS A 63 6.95 4.92 0.10
C CYS A 63 6.97 6.39 0.52
N GLN A 64 5.89 7.08 0.18
CA GLN A 64 5.74 8.49 0.51
C GLN A 64 5.54 8.70 2.01
N ARG A 65 4.79 7.80 2.62
CA ARG A 65 4.53 7.86 4.06
C ARG A 65 5.80 7.64 4.88
N GLN A 66 6.58 6.61 4.52
CA GLN A 66 7.83 6.32 5.21
C GLN A 66 8.92 7.34 4.89
N GLY A 67 9.04 7.72 3.63
CA GLY A 67 10.05 8.68 3.22
C GLY A 67 11.26 8.04 2.58
N VAL A 68 11.02 7.04 1.73
CA VAL A 68 12.11 6.33 1.05
C VAL A 68 11.83 6.18 -0.44
N PRO A 69 12.87 6.22 -1.29
CA PRO A 69 12.73 6.09 -2.74
C PRO A 69 12.24 4.69 -3.16
N MET A 70 11.45 4.64 -4.24
CA MET A 70 10.91 3.38 -4.75
C MET A 70 12.01 2.48 -5.34
N ASN A 71 13.18 3.04 -5.55
CA ASN A 71 14.31 2.28 -6.11
C ASN A 71 15.19 1.71 -4.99
N SER A 72 14.81 1.99 -3.74
CA SER A 72 15.57 1.49 -2.59
C SER A 72 14.99 0.20 -2.02
N LEU A 73 13.66 0.06 -2.08
CA LEU A 73 12.99 -1.13 -1.58
C LEU A 73 12.03 -1.72 -2.62
N ARG A 74 11.92 -3.03 -2.66
CA ARG A 74 11.04 -3.72 -3.60
C ARG A 74 9.97 -4.52 -2.87
N LEU A 75 8.77 -4.58 -3.46
CA LEU A 75 7.66 -5.32 -2.86
C LEU A 75 7.34 -6.58 -3.66
N LEU A 76 7.16 -7.69 -2.96
CA LEU A 76 6.85 -8.97 -3.60
C LEU A 76 5.82 -9.77 -2.81
N PHE A 77 5.13 -10.69 -3.50
CA PHE A 77 4.10 -11.52 -2.88
C PHE A 77 4.25 -12.99 -3.30
N GLU A 78 4.52 -13.86 -2.31
CA GLU A 78 4.68 -15.32 -2.52
C GLU A 78 5.64 -15.67 -3.67
N GLY A 79 6.61 -14.78 -3.95
CA GLY A 79 7.57 -15.03 -5.01
C GLY A 79 7.27 -14.26 -6.29
N GLN A 80 6.07 -13.69 -6.38
CA GLN A 80 5.66 -12.94 -7.57
C GLN A 80 5.89 -11.44 -7.36
N ARG A 81 6.42 -10.78 -8.39
CA ARG A 81 6.66 -9.34 -8.32
C ARG A 81 5.42 -8.56 -8.75
N ILE A 82 5.26 -7.36 -8.19
CA ILE A 82 4.09 -6.53 -8.51
C ILE A 82 4.49 -5.22 -9.19
N ALA A 83 4.08 -5.04 -10.43
CA ALA A 83 4.38 -3.83 -11.20
C ALA A 83 3.35 -2.74 -10.91
N ASP A 84 3.62 -1.53 -11.41
CA ASP A 84 2.74 -0.38 -11.21
C ASP A 84 1.48 -0.49 -12.07
N ASN A 85 1.56 -1.24 -13.16
CA ASN A 85 0.43 -1.44 -14.07
C ASN A 85 -0.49 -2.57 -13.57
N HIS A 86 -0.28 -2.98 -12.31
CA HIS A 86 -1.08 -4.04 -11.70
C HIS A 86 -2.09 -3.48 -10.70
N THR A 87 -3.06 -4.31 -10.33
CA THR A 87 -4.08 -3.95 -9.36
C THR A 87 -4.53 -5.18 -8.58
N PRO A 88 -4.87 -5.03 -7.28
CA PRO A 88 -5.32 -6.14 -6.43
C PRO A 88 -6.50 -6.91 -7.03
N LYS A 89 -7.43 -6.19 -7.65
CA LYS A 89 -8.60 -6.80 -8.27
C LYS A 89 -8.20 -7.60 -9.51
N GLU A 90 -7.27 -7.06 -10.31
CA GLU A 90 -6.80 -7.72 -11.52
C GLU A 90 -5.98 -8.97 -11.18
N LEU A 91 -5.16 -8.88 -10.13
CA LEU A 91 -4.34 -10.02 -9.70
C LEU A 91 -5.18 -11.09 -8.99
N GLY A 92 -6.40 -10.72 -8.55
CA GLY A 92 -7.27 -11.67 -7.87
C GLY A 92 -6.83 -11.94 -6.45
N MET A 93 -6.35 -10.92 -5.75
CA MET A 93 -5.88 -11.09 -4.38
C MET A 93 -6.86 -10.47 -3.38
N GLU A 94 -7.43 -11.33 -2.53
CA GLU A 94 -8.37 -10.90 -1.50
C GLU A 94 -7.95 -11.47 -0.15
N GLU A 95 -7.95 -10.63 0.90
CA GLU A 95 -7.55 -11.04 2.26
C GLU A 95 -6.02 -11.26 2.33
N GLU A 96 -5.50 -12.07 1.42
CA GLU A 96 -4.07 -12.37 1.34
C GLU A 96 -3.31 -11.25 0.60
N ASP A 97 -4.02 -10.16 0.30
CA ASP A 97 -3.48 -8.99 -0.40
C ASP A 97 -2.34 -8.27 0.36
N VAL A 98 -1.77 -8.91 1.37
CA VAL A 98 -0.69 -8.31 2.15
C VAL A 98 0.66 -8.49 1.41
N ILE A 99 1.31 -7.37 1.11
CA ILE A 99 2.59 -7.41 0.40
C ILE A 99 3.78 -7.26 1.35
N GLU A 100 4.92 -7.82 0.95
CA GLU A 100 6.13 -7.75 1.76
C GLU A 100 7.19 -6.89 1.06
N VAL A 101 7.79 -5.97 1.80
CA VAL A 101 8.80 -5.08 1.24
C VAL A 101 10.20 -5.40 1.74
N TYR A 102 11.16 -5.44 0.81
CA TYR A 102 12.56 -5.72 1.15
C TYR A 102 13.47 -4.63 0.59
N GLN A 103 14.41 -4.16 1.40
CA GLN A 103 15.33 -3.10 0.97
C GLN A 103 16.57 -3.68 0.28
N GLU A 104 16.97 -3.04 -0.81
CA GLU A 104 18.14 -3.46 -1.57
C GLU A 104 19.27 -2.43 -1.46
N GLN A 105 18.89 -1.15 -1.55
CA GLN A 105 19.83 -0.03 -1.45
C GLN A 105 20.82 0.00 -2.62
N THR A 106 20.55 0.85 -3.60
CA THR A 106 21.41 0.98 -4.77
C THR A 106 22.59 1.92 -4.51
N GLY A 107 23.69 1.36 -4.02
CA GLY A 107 24.87 2.15 -3.73
C GLY A 107 24.91 2.65 -2.29
N GLY A 108 24.18 3.73 -2.02
CA GLY A 108 24.16 4.29 -0.66
C GLY A 108 25.37 5.13 -0.34
#